data_6N96
#
_entry.id   6N96
#
_cell.length_a   87.148
_cell.length_b   114.660
_cell.length_c   192.705
_cell.angle_alpha   90.000
_cell.angle_beta   90.000
_cell.angle_gamma   90.000
#
_symmetry.space_group_name_H-M   'P 21 21 21'
#
loop_
_entity.id
_entity.type
_entity.pdbx_description
1 polymer 'Methylmalonyl-CoA decarboxylase'
2 non-polymer '(2~{S})-1-[2-[3-[[(2~{R})-4-[[[(2~{R},3~{S},4~{R},5~{R})-5-(6-aminopurin-9-yl)-4-oxidanyl-3-phosphonooxy-oxolan-2-yl]methoxy-oxidanyl-phosphoryl]oxy-oxidanyl-phosphoryl]oxy-3,3-dimethyl-2-oxidanyl-butanoyl]amino]propanoylamino]ethoxy]-1-oxidanylidene-propane-2-sulfonic acid'
3 non-polymer '(2~{R})-1-[2-[3-[[(2~{R})-4-[[[(2~{R},3~{S},4~{R},5~{R})-5-(6-aminopurin-9-yl)-4-oxidanyl-3-phosphonooxy-oxolan-2-yl]methoxy-oxidanyl-phosphoryl]oxy-oxidanyl-phosphoryl]oxy-3,3-dimethyl-2-oxidanyl-butanoyl]amino]propanoylamino]ethoxy]-1-oxidanylidene-propane-2-sulfonic acid'
4 non-polymer IMIDAZOLE
5 water water
#
_entity_poly.entity_id   1
_entity_poly.type   'polypeptide(L)'
_entity_poly.pdbx_seq_one_letter_code
;MAYQYVNVVTINKVAVIEFNYGRKLNALSKVFIDDLMQALSDLNRPEIRCIILRAPSGSKVFSAGHDIHELPSGGRDPLS
YDDPLRQITRMIQKFPKPIISMVEGSVWGGAFEMIMSSDLIIAASTSTFSMTPVNLGVPYNLVGIHNLTRDAGFHIVKEL
IFTASPITAQRALAVGILNHVVEVEELEDFTLQMAHHISEKAPLAIAVIKEELRVLGEAHTMNSDEFERIQGMRRAVYDS
EDYQEGMNAFLEKRKPNFVGH
;
_entity_poly.pdbx_strand_id   A,B,C,D,E,F
#
loop_
_chem_comp.id
_chem_comp.type
_chem_comp.name
_chem_comp.formula
IMD non-polymer IMIDAZOLE 'C3 H5 N2 1'
LCV non-polymer '(2~{S})-1-[2-[3-[[(2~{R})-4-[[[(2~{R},3~{S},4~{R},5~{R})-5-(6-aminopurin-9-yl)-4-oxidanyl-3-phosphonooxy-oxolan-2-yl]methoxy-oxidanyl-phosphoryl]oxy-oxidanyl-phosphoryl]oxy-3,3-dimethyl-2-oxidanyl-butanoyl]amino]propanoylamino]ethoxy]-1-oxidanylidene-propane-2-sulfonic acid' 'C24 H40 N7 O21 P3 S'
SO5 non-polymer '(2~{R})-1-[2-[3-[[(2~{R})-4-[[[(2~{R},3~{S},4~{R},5~{R})-5-(6-aminopurin-9-yl)-4-oxidanyl-3-phosphonooxy-oxolan-2-yl]methoxy-oxidanyl-phosphoryl]oxy-oxidanyl-phosphoryl]oxy-3,3-dimethyl-2-oxidanyl-butanoyl]amino]propanoylamino]ethoxy]-1-oxidanylidene-propane-2-sulfonic acid' 'C24 H40 N7 O21 P3 S'
#
# COMPACT_ATOMS: atom_id res chain seq x y z
N ALA A 2 -29.97 -7.33 33.02
CA ALA A 2 -28.55 -7.07 33.25
C ALA A 2 -28.08 -5.82 32.50
N TYR A 3 -28.83 -5.24 31.56
CA TYR A 3 -28.42 -4.00 30.86
C TYR A 3 -29.60 -3.04 30.92
N GLN A 4 -29.36 -1.73 31.05
CA GLN A 4 -30.43 -0.72 31.02
CA GLN A 4 -30.46 -0.72 31.03
C GLN A 4 -31.02 -0.62 29.60
N TYR A 5 -30.20 -0.72 28.56
CA TYR A 5 -30.63 -0.26 27.21
C TYR A 5 -30.68 -1.40 26.17
N VAL A 6 -30.36 -2.64 26.56
CA VAL A 6 -30.55 -3.82 25.69
C VAL A 6 -31.11 -4.95 26.52
N ASN A 7 -31.74 -5.88 25.84
CA ASN A 7 -32.28 -7.15 26.39
C ASN A 7 -31.65 -8.29 25.62
N VAL A 8 -31.04 -9.25 26.30
CA VAL A 8 -30.38 -10.41 25.65
C VAL A 8 -31.18 -11.68 25.94
N VAL A 9 -31.41 -12.48 24.90
CA VAL A 9 -31.97 -13.85 25.09
C VAL A 9 -31.01 -14.80 24.40
N THR A 10 -30.90 -15.98 24.99
CA THR A 10 -30.05 -17.04 24.43
C THR A 10 -31.00 -18.15 23.98
N ILE A 11 -30.85 -18.61 22.75
CA ILE A 11 -31.63 -19.76 22.20
C ILE A 11 -30.60 -20.77 21.74
N ASN A 12 -30.33 -21.81 22.53
CA ASN A 12 -29.29 -22.84 22.25
C ASN A 12 -27.95 -22.09 22.19
N LYS A 13 -27.31 -21.99 21.02
CA LYS A 13 -25.96 -21.35 20.90
C LYS A 13 -26.12 -20.00 20.22
N VAL A 14 -27.35 -19.50 20.04
CA VAL A 14 -27.57 -18.17 19.41
C VAL A 14 -27.91 -17.16 20.49
N ALA A 15 -27.33 -15.96 20.45
CA ALA A 15 -27.72 -14.88 21.36
C ALA A 15 -28.39 -13.80 20.54
N VAL A 16 -29.51 -13.29 21.02
CA VAL A 16 -30.26 -12.21 20.33
C VAL A 16 -30.17 -10.98 21.24
N ILE A 17 -29.55 -9.90 20.75
CA ILE A 17 -29.42 -8.65 21.50
C ILE A 17 -30.50 -7.75 20.94
N GLU A 18 -31.46 -7.39 21.77
CA GLU A 18 -32.61 -6.59 21.34
C GLU A 18 -32.49 -5.21 21.92
N PHE A 19 -32.62 -4.18 21.08
CA PHE A 19 -32.46 -2.78 21.52
C PHE A 19 -33.57 -2.47 22.52
N ASN A 20 -33.28 -1.71 23.56
CA ASN A 20 -34.32 -1.27 24.53
C ASN A 20 -34.15 0.22 24.80
N TYR A 21 -34.26 1.03 23.74
CA TYR A 21 -34.03 2.49 23.84
C TYR A 21 -35.07 3.13 22.93
N GLY A 22 -36.29 2.57 22.94
CA GLY A 22 -37.46 2.97 22.12
C GLY A 22 -37.82 4.44 22.34
N ARG A 23 -37.57 4.92 23.55
CA ARG A 23 -37.86 6.33 23.96
C ARG A 23 -37.08 7.31 23.08
N LYS A 24 -35.90 6.90 22.58
CA LYS A 24 -35.12 7.73 21.63
C LYS A 24 -34.94 7.00 20.28
N LEU A 25 -35.87 6.12 19.93
CA LEU A 25 -35.89 5.39 18.64
C LEU A 25 -34.56 4.71 18.43
N ASN A 26 -33.95 4.18 19.50
CA ASN A 26 -32.71 3.38 19.41
C ASN A 26 -31.62 4.18 18.69
N ALA A 27 -31.60 5.52 18.85
CA ALA A 27 -30.47 6.35 18.46
C ALA A 27 -29.24 5.82 19.19
N LEU A 28 -28.10 5.87 18.52
CA LEU A 28 -26.83 5.28 19.01
C LEU A 28 -26.13 6.22 20.00
N SER A 29 -26.80 6.58 21.08
N SER A 29 -26.83 6.64 21.05
CA SER A 29 -26.22 7.40 22.18
CA SER A 29 -26.28 7.47 22.14
C SER A 29 -25.01 6.67 22.77
C SER A 29 -25.16 6.68 22.82
N LYS A 30 -24.11 7.42 23.41
N LYS A 30 -24.19 7.39 23.39
CA LYS A 30 -22.95 6.83 24.08
CA LYS A 30 -23.00 6.79 24.04
C LYS A 30 -23.45 5.74 25.05
C LYS A 30 -23.48 5.72 25.03
N VAL A 31 -24.50 5.99 25.84
CA VAL A 31 -24.89 5.00 26.90
C VAL A 31 -25.53 3.74 26.31
N PHE A 32 -26.25 3.86 25.21
CA PHE A 32 -26.83 2.71 24.49
C PHE A 32 -25.69 1.85 23.93
N ILE A 33 -24.76 2.50 23.24
CA ILE A 33 -23.61 1.79 22.60
C ILE A 33 -22.78 1.15 23.71
N ASP A 34 -22.58 1.80 24.85
CA ASP A 34 -21.81 1.16 25.95
C ASP A 34 -22.50 -0.15 26.36
N ASP A 35 -23.83 -0.19 26.48
CA ASP A 35 -24.53 -1.45 26.85
C ASP A 35 -24.44 -2.48 25.73
N LEU A 36 -24.61 -2.06 24.49
CA LEU A 36 -24.51 -2.99 23.35
CA LEU A 36 -24.47 -2.95 23.31
C LEU A 36 -23.09 -3.61 23.33
N MET A 37 -22.05 -2.83 23.57
CA MET A 37 -20.67 -3.33 23.53
C MET A 37 -20.45 -4.24 24.75
N GLN A 38 -20.93 -3.87 25.93
CA GLN A 38 -20.82 -4.75 27.12
C GLN A 38 -21.53 -6.08 26.86
N ALA A 39 -22.73 -6.06 26.29
CA ALA A 39 -23.53 -7.26 25.96
C ALA A 39 -22.74 -8.19 25.00
N LEU A 40 -22.16 -7.61 23.94
CA LEU A 40 -21.25 -8.34 22.99
C LEU A 40 -20.09 -8.94 23.76
N SER A 41 -19.40 -8.17 24.58
CA SER A 41 -18.23 -8.67 25.35
C SER A 41 -18.64 -9.87 26.22
N ASP A 42 -19.79 -9.74 26.90
CA ASP A 42 -20.35 -10.79 27.80
C ASP A 42 -20.63 -12.10 27.01
N LEU A 43 -20.93 -12.00 25.72
CA LEU A 43 -21.33 -13.13 24.85
C LEU A 43 -20.10 -13.73 24.13
N ASN A 44 -18.92 -13.19 24.38
CA ASN A 44 -17.68 -13.68 23.75
C ASN A 44 -17.20 -14.89 24.53
N ARG A 45 -17.90 -16.00 24.38
CA ARG A 45 -17.77 -17.24 25.18
C ARG A 45 -17.96 -18.42 24.23
N PRO A 46 -17.28 -19.56 24.44
CA PRO A 46 -17.36 -20.73 23.54
C PRO A 46 -18.77 -21.30 23.29
N GLU A 47 -19.68 -21.16 24.24
CA GLU A 47 -21.07 -21.70 24.17
C GLU A 47 -21.96 -20.83 23.27
N ILE A 48 -21.53 -19.62 22.89
CA ILE A 48 -22.27 -18.74 21.95
C ILE A 48 -21.61 -18.86 20.58
N ARG A 49 -22.36 -19.08 19.53
CA ARG A 49 -21.75 -19.33 18.19
CA ARG A 49 -21.75 -19.32 18.19
C ARG A 49 -22.24 -18.31 17.17
N CYS A 50 -23.31 -17.58 17.46
CA CYS A 50 -23.86 -16.58 16.50
C CYS A 50 -24.70 -15.56 17.28
N ILE A 51 -24.62 -14.30 16.86
CA ILE A 51 -25.34 -13.14 17.46
C ILE A 51 -26.31 -12.62 16.43
N ILE A 52 -27.50 -12.28 16.87
CA ILE A 52 -28.47 -11.48 16.11
C ILE A 52 -28.65 -10.15 16.83
N LEU A 53 -28.58 -9.05 16.07
CA LEU A 53 -28.98 -7.70 16.52
C LEU A 53 -30.36 -7.45 15.97
N ARG A 54 -31.26 -6.92 16.80
CA ARG A 54 -32.63 -6.61 16.39
C ARG A 54 -33.20 -5.46 17.22
N ALA A 55 -34.19 -4.79 16.66
CA ALA A 55 -35.09 -3.89 17.39
C ALA A 55 -36.25 -4.73 17.90
N PRO A 56 -37.00 -4.22 18.89
CA PRO A 56 -38.19 -4.96 19.32
C PRO A 56 -39.19 -5.23 18.18
N SER A 57 -39.87 -6.37 18.31
CA SER A 57 -41.00 -6.76 17.44
C SER A 57 -41.98 -5.58 17.27
N GLY A 58 -42.34 -5.28 16.02
CA GLY A 58 -43.31 -4.23 15.66
C GLY A 58 -42.71 -2.85 15.54
N SER A 59 -41.39 -2.69 15.65
CA SER A 59 -40.78 -1.35 15.68
C SER A 59 -41.02 -0.64 14.35
N LYS A 60 -41.42 0.61 14.38
CA LYS A 60 -41.51 1.48 13.18
C LYS A 60 -40.10 1.92 12.78
N VAL A 61 -39.28 2.20 13.77
CA VAL A 61 -37.87 2.65 13.59
C VAL A 61 -36.94 1.59 14.18
N PHE A 62 -36.08 0.99 13.34
CA PHE A 62 -35.02 0.07 13.80
C PHE A 62 -34.02 0.86 14.63
N SER A 63 -33.44 1.92 14.07
CA SER A 63 -32.57 2.87 14.76
C SER A 63 -32.58 4.20 14.00
N ALA A 64 -32.75 5.30 14.74
CA ALA A 64 -32.70 6.65 14.17
C ALA A 64 -31.26 7.08 13.88
N GLY A 65 -30.29 6.21 14.08
CA GLY A 65 -28.87 6.45 13.76
C GLY A 65 -28.13 7.14 14.86
N HIS A 66 -27.02 7.82 14.55
CA HIS A 66 -26.24 8.50 15.62
CA HIS A 66 -26.20 8.63 15.51
C HIS A 66 -27.14 9.54 16.29
N ASP A 67 -26.93 9.69 17.59
CA ASP A 67 -27.66 10.67 18.42
C ASP A 67 -27.18 12.05 17.98
N ILE A 68 -28.00 12.76 17.22
CA ILE A 68 -27.65 14.10 16.69
C ILE A 68 -27.30 15.05 17.83
N HIS A 69 -27.93 14.91 18.99
CA HIS A 69 -27.66 15.82 20.14
C HIS A 69 -26.23 15.62 20.67
N GLU A 70 -25.61 14.45 20.47
CA GLU A 70 -24.22 14.17 20.91
C GLU A 70 -23.17 14.59 19.87
N LEU A 71 -23.54 14.98 18.65
CA LEU A 71 -22.59 15.58 17.67
C LEU A 71 -22.13 16.91 18.22
N PRO A 72 -20.85 17.27 17.97
CA PRO A 72 -20.32 18.55 18.44
C PRO A 72 -20.96 19.74 17.72
N SER A 73 -20.94 20.92 18.31
CA SER A 73 -21.65 22.14 17.78
C SER A 73 -20.89 22.73 16.59
N GLY A 74 -19.63 22.38 16.41
CA GLY A 74 -18.84 23.00 15.32
C GLY A 74 -17.37 23.10 15.68
N GLY A 75 -16.49 23.07 14.70
CA GLY A 75 -15.06 23.20 14.97
C GLY A 75 -14.46 21.94 15.57
N ARG A 76 -15.22 20.85 15.74
CA ARG A 76 -14.64 19.56 16.24
C ARG A 76 -15.03 18.42 15.30
N ASP A 77 -14.16 17.43 15.14
CA ASP A 77 -14.46 16.26 14.30
C ASP A 77 -15.65 15.53 14.92
N PRO A 78 -16.80 15.37 14.23
CA PRO A 78 -17.94 14.63 14.76
C PRO A 78 -17.82 13.10 14.75
N LEU A 79 -16.83 12.56 14.07
CA LEU A 79 -16.70 11.09 13.90
C LEU A 79 -15.25 10.72 14.14
N SER A 80 -14.73 11.12 15.29
N SER A 80 -14.76 11.10 15.31
CA SER A 80 -13.36 10.79 15.71
CA SER A 80 -13.39 10.80 15.76
C SER A 80 -13.31 9.30 16.09
C SER A 80 -13.30 9.32 16.16
N TYR A 81 -12.10 8.78 16.23
CA TYR A 81 -11.89 7.33 16.43
C TYR A 81 -12.64 6.78 17.65
N ASP A 82 -12.77 7.56 18.73
CA ASP A 82 -13.41 7.09 20.00
C ASP A 82 -14.91 7.39 20.02
N ASP A 83 -15.46 7.95 18.96
CA ASP A 83 -16.92 8.15 18.89
C ASP A 83 -17.61 6.78 19.05
N PRO A 84 -18.74 6.71 19.76
CA PRO A 84 -19.48 5.44 19.88
C PRO A 84 -19.81 4.72 18.57
N LEU A 85 -20.27 5.41 17.52
CA LEU A 85 -20.51 4.72 16.24
C LEU A 85 -19.19 4.09 15.73
N ARG A 86 -18.06 4.78 15.84
CA ARG A 86 -16.77 4.21 15.33
C ARG A 86 -16.39 2.99 16.21
N GLN A 87 -16.59 3.07 17.53
N GLN A 87 -16.61 3.06 17.52
CA GLN A 87 -16.27 1.93 18.42
CA GLN A 87 -16.26 1.94 18.43
C GLN A 87 -17.10 0.72 18.03
C GLN A 87 -17.11 0.70 18.11
N ILE A 88 -18.42 0.87 17.89
CA ILE A 88 -19.30 -0.32 17.71
C ILE A 88 -19.02 -0.99 16.36
N THR A 89 -18.79 -0.26 15.27
CA THR A 89 -18.46 -0.89 13.95
C THR A 89 -17.14 -1.65 14.08
N ARG A 90 -16.12 -1.08 14.72
CA ARG A 90 -14.87 -1.84 14.93
C ARG A 90 -15.14 -3.10 15.75
N MET A 91 -15.92 -2.99 16.82
CA MET A 91 -16.15 -4.18 17.68
C MET A 91 -16.94 -5.26 16.91
N ILE A 92 -17.95 -4.89 16.13
CA ILE A 92 -18.73 -5.86 15.33
C ILE A 92 -17.81 -6.57 14.35
N GLN A 93 -16.95 -5.83 13.67
CA GLN A 93 -16.05 -6.37 12.59
C GLN A 93 -14.98 -7.29 13.18
N LYS A 94 -14.53 -7.06 14.42
CA LYS A 94 -13.42 -7.83 15.06
C LYS A 94 -14.01 -9.00 15.84
N PHE A 95 -15.32 -9.01 16.05
CA PHE A 95 -15.95 -10.02 16.93
C PHE A 95 -15.86 -11.39 16.29
N PRO A 96 -15.36 -12.43 17.00
CA PRO A 96 -14.99 -13.70 16.37
C PRO A 96 -16.17 -14.63 16.06
N LYS A 97 -17.39 -14.14 16.24
CA LYS A 97 -18.61 -14.88 15.91
C LYS A 97 -19.33 -14.08 14.86
N PRO A 98 -20.09 -14.71 13.96
CA PRO A 98 -20.91 -13.97 13.02
C PRO A 98 -21.98 -13.16 13.75
N ILE A 99 -22.23 -11.97 13.26
CA ILE A 99 -23.24 -11.01 13.75
C ILE A 99 -24.21 -10.75 12.59
N ILE A 100 -25.44 -11.18 12.78
CA ILE A 100 -26.55 -10.96 11.81
C ILE A 100 -27.42 -9.79 12.27
N SER A 101 -27.61 -8.80 11.41
CA SER A 101 -28.60 -7.73 11.67
C SER A 101 -29.95 -8.21 11.16
N MET A 102 -30.95 -8.27 12.05
CA MET A 102 -32.34 -8.66 11.69
C MET A 102 -33.19 -7.40 11.77
N VAL A 103 -33.57 -6.85 10.63
CA VAL A 103 -34.10 -5.47 10.50
C VAL A 103 -35.60 -5.46 10.29
N GLU A 104 -36.31 -4.87 11.23
CA GLU A 104 -37.71 -4.45 11.09
C GLU A 104 -37.71 -2.94 11.31
N GLY A 105 -38.34 -2.19 10.42
CA GLY A 105 -38.44 -0.74 10.61
C GLY A 105 -37.43 0.01 9.76
N SER A 106 -37.40 1.31 9.95
CA SER A 106 -36.54 2.22 9.17
C SER A 106 -35.15 2.33 9.83
N VAL A 107 -34.12 2.42 8.99
CA VAL A 107 -32.68 2.44 9.40
C VAL A 107 -32.11 3.75 8.85
N TRP A 108 -31.42 4.52 9.66
CA TRP A 108 -30.98 5.89 9.32
C TRP A 108 -29.48 6.07 9.62
N GLY A 109 -28.71 6.62 8.68
CA GLY A 109 -27.40 7.23 8.96
C GLY A 109 -26.41 6.23 9.54
N GLY A 110 -25.83 6.58 10.68
CA GLY A 110 -24.88 5.68 11.33
C GLY A 110 -25.45 4.30 11.62
N ALA A 111 -26.77 4.14 11.84
CA ALA A 111 -27.34 2.81 12.04
C ALA A 111 -27.29 2.01 10.73
N PHE A 112 -27.35 2.68 9.59
CA PHE A 112 -27.21 1.99 8.30
C PHE A 112 -25.76 1.51 8.20
N GLU A 113 -24.80 2.38 8.54
CA GLU A 113 -23.39 1.93 8.58
C GLU A 113 -23.21 0.78 9.55
N MET A 114 -23.82 0.84 10.73
CA MET A 114 -23.67 -0.25 11.72
C MET A 114 -24.15 -1.60 11.13
N ILE A 115 -25.34 -1.66 10.51
CA ILE A 115 -25.80 -2.96 9.96
C ILE A 115 -24.91 -3.34 8.78
N MET A 116 -24.41 -2.37 8.00
CA MET A 116 -23.50 -2.71 6.88
C MET A 116 -22.20 -3.34 7.44
N SER A 117 -21.75 -2.94 8.63
CA SER A 117 -20.53 -3.48 9.28
C SER A 117 -20.75 -4.90 9.79
N SER A 118 -21.99 -5.32 9.96
CA SER A 118 -22.36 -6.68 10.40
C SER A 118 -22.20 -7.69 9.26
N ASP A 119 -22.26 -8.98 9.61
CA ASP A 119 -21.86 -10.05 8.65
C ASP A 119 -22.94 -10.34 7.61
N LEU A 120 -24.19 -10.40 8.04
CA LEU A 120 -25.37 -10.68 7.18
C LEU A 120 -26.47 -9.71 7.60
N ILE A 121 -27.31 -9.32 6.65
CA ILE A 121 -28.53 -8.53 6.95
C ILE A 121 -29.74 -9.28 6.40
N ILE A 122 -30.71 -9.56 7.25
CA ILE A 122 -31.98 -10.20 6.86
C ILE A 122 -33.03 -9.20 7.28
N ALA A 123 -33.90 -8.74 6.37
CA ALA A 123 -34.81 -7.60 6.62
C ALA A 123 -36.28 -7.94 6.29
N ALA A 124 -37.18 -7.29 6.97
CA ALA A 124 -38.64 -7.32 6.73
C ALA A 124 -38.87 -6.65 5.38
N SER A 125 -39.88 -7.12 4.65
CA SER A 125 -40.32 -6.53 3.36
C SER A 125 -40.73 -5.06 3.46
N THR A 126 -41.06 -4.53 4.64
CA THR A 126 -41.52 -3.15 4.88
C THR A 126 -40.38 -2.26 5.41
N SER A 127 -39.20 -2.84 5.66
CA SER A 127 -38.04 -2.07 6.20
C SER A 127 -37.54 -1.09 5.15
N THR A 128 -36.93 0.01 5.57
CA THR A 128 -36.41 1.01 4.62
C THR A 128 -35.06 1.49 5.14
N PHE A 129 -34.23 2.06 4.27
CA PHE A 129 -32.81 2.32 4.54
C PHE A 129 -32.45 3.69 3.97
N SER A 130 -31.84 4.56 4.78
CA SER A 130 -31.41 5.91 4.36
C SER A 130 -30.00 6.20 4.90
N MET A 131 -29.19 6.87 4.12
CA MET A 131 -27.88 7.38 4.57
C MET A 131 -27.97 8.91 4.54
N THR A 132 -27.84 9.59 5.68
CA THR A 132 -28.30 10.94 5.98
C THR A 132 -27.22 12.02 6.16
N PRO A 133 -25.86 11.85 6.02
CA PRO A 133 -24.97 12.96 6.36
C PRO A 133 -25.21 14.22 5.56
N VAL A 134 -25.70 14.13 4.33
CA VAL A 134 -25.87 15.34 3.49
C VAL A 134 -27.13 16.09 3.93
N ASN A 135 -27.96 15.46 4.74
CA ASN A 135 -29.11 16.20 5.35
C ASN A 135 -28.66 17.13 6.47
N LEU A 136 -27.56 16.82 7.15
CA LEU A 136 -27.10 17.49 8.38
C LEU A 136 -25.81 18.29 8.09
N GLY A 137 -25.19 18.11 6.93
CA GLY A 137 -23.95 18.79 6.63
C GLY A 137 -22.73 18.11 7.23
N VAL A 138 -22.84 16.84 7.62
CA VAL A 138 -21.76 16.10 8.34
C VAL A 138 -20.70 15.59 7.36
N PRO A 139 -19.40 15.84 7.61
CA PRO A 139 -18.33 15.19 6.82
C PRO A 139 -18.08 13.78 7.36
N TYR A 140 -18.68 12.79 6.71
CA TYR A 140 -18.53 11.39 7.15
C TYR A 140 -17.07 11.03 7.03
N ASN A 141 -16.56 10.11 7.84
CA ASN A 141 -15.11 9.81 7.85
C ASN A 141 -14.76 8.69 6.86
N LEU A 142 -13.48 8.55 6.53
CA LEU A 142 -13.00 7.55 5.53
C LEU A 142 -13.40 6.13 5.94
N VAL A 143 -13.18 5.75 7.19
CA VAL A 143 -13.46 4.36 7.64
C VAL A 143 -14.96 4.08 7.42
N GLY A 144 -15.81 5.05 7.79
CA GLY A 144 -17.27 4.98 7.77
C GLY A 144 -17.75 4.82 6.34
N ILE A 145 -17.22 5.65 5.43
CA ILE A 145 -17.58 5.57 3.99
C ILE A 145 -17.10 4.22 3.46
N HIS A 146 -15.92 3.79 3.86
CA HIS A 146 -15.35 2.50 3.38
CA HIS A 146 -15.39 2.51 3.31
C HIS A 146 -16.32 1.37 3.72
N ASN A 147 -16.88 1.40 4.93
CA ASN A 147 -17.83 0.37 5.43
C ASN A 147 -19.10 0.29 4.56
N LEU A 148 -19.40 1.32 3.76
CA LEU A 148 -20.59 1.34 2.89
C LEU A 148 -20.29 0.86 1.48
N THR A 149 -19.06 0.47 1.15
CA THR A 149 -18.67 0.25 -0.26
C THR A 149 -18.42 -1.23 -0.58
N ARG A 150 -18.68 -2.15 0.34
CA ARG A 150 -18.27 -3.57 0.13
C ARG A 150 -19.45 -4.43 -0.35
N ASP A 151 -20.61 -3.83 -0.62
CA ASP A 151 -21.81 -4.63 -0.98
C ASP A 151 -22.36 -4.18 -2.35
N ALA A 152 -22.91 -2.97 -2.41
CA ALA A 152 -23.38 -2.33 -3.67
C ALA A 152 -22.24 -1.60 -4.37
N GLY A 153 -22.42 -1.29 -5.63
CA GLY A 153 -21.38 -0.60 -6.42
C GLY A 153 -21.31 0.88 -6.09
N PHE A 154 -20.25 1.55 -6.56
CA PHE A 154 -20.02 2.99 -6.31
C PHE A 154 -21.23 3.84 -6.73
N HIS A 155 -21.80 3.62 -7.91
CA HIS A 155 -22.92 4.47 -8.40
CA HIS A 155 -22.91 4.48 -8.38
C HIS A 155 -24.10 4.35 -7.42
N ILE A 156 -24.41 3.13 -6.97
CA ILE A 156 -25.51 2.96 -6.00
C ILE A 156 -25.19 3.65 -4.69
N VAL A 157 -23.96 3.51 -4.20
CA VAL A 157 -23.59 4.13 -2.91
C VAL A 157 -23.69 5.67 -3.00
N LYS A 158 -23.23 6.24 -4.11
CA LYS A 158 -23.33 7.68 -4.34
C LYS A 158 -24.79 8.13 -4.41
N GLU A 159 -25.65 7.40 -5.10
CA GLU A 159 -27.08 7.74 -5.10
C GLU A 159 -27.58 7.78 -3.67
N LEU A 160 -27.35 6.72 -2.90
CA LEU A 160 -27.86 6.65 -1.50
C LEU A 160 -27.37 7.88 -0.72
N ILE A 161 -26.07 8.15 -0.76
CA ILE A 161 -25.50 9.25 0.06
C ILE A 161 -25.93 10.60 -0.50
N PHE A 162 -25.87 10.83 -1.81
CA PHE A 162 -26.11 12.21 -2.33
C PHE A 162 -27.58 12.59 -2.23
N THR A 163 -28.52 11.67 -2.31
CA THR A 163 -29.97 11.94 -2.27
C THR A 163 -30.46 11.88 -0.84
N ALA A 164 -29.76 11.11 0.02
CA ALA A 164 -30.27 10.74 1.35
C ALA A 164 -31.72 10.22 1.22
N SER A 165 -32.14 9.68 0.08
CA SER A 165 -33.53 9.15 -0.07
C SER A 165 -33.59 7.73 0.44
N PRO A 166 -34.67 7.34 1.12
CA PRO A 166 -34.84 5.98 1.59
C PRO A 166 -34.99 5.04 0.42
N ILE A 167 -34.43 3.86 0.57
CA ILE A 167 -34.67 2.75 -0.37
C ILE A 167 -35.45 1.66 0.32
N THR A 168 -36.22 0.96 -0.47
CA THR A 168 -37.02 -0.19 0.03
C THR A 168 -36.10 -1.37 0.29
N ALA A 169 -36.59 -2.34 1.03
CA ALA A 169 -35.96 -3.65 1.22
C ALA A 169 -35.78 -4.30 -0.13
N GLN A 170 -36.77 -4.20 -1.04
CA GLN A 170 -36.65 -4.94 -2.32
C GLN A 170 -35.50 -4.32 -3.11
N ARG A 171 -35.40 -2.99 -3.12
CA ARG A 171 -34.26 -2.37 -3.84
C ARG A 171 -32.94 -2.72 -3.15
N ALA A 172 -32.88 -2.68 -1.84
CA ALA A 172 -31.64 -3.01 -1.10
C ALA A 172 -31.23 -4.46 -1.40
N LEU A 173 -32.18 -5.40 -1.59
CA LEU A 173 -31.85 -6.79 -1.96
C LEU A 173 -31.27 -6.80 -3.39
N ALA A 174 -31.88 -6.10 -4.32
CA ALA A 174 -31.49 -6.17 -5.74
C ALA A 174 -30.08 -5.61 -5.94
N VAL A 175 -29.69 -4.61 -5.15
CA VAL A 175 -28.36 -3.95 -5.36
C VAL A 175 -27.28 -4.62 -4.50
N GLY A 176 -27.58 -5.59 -3.65
CA GLY A 176 -26.56 -6.38 -2.91
C GLY A 176 -26.33 -5.98 -1.46
N ILE A 177 -27.14 -5.07 -0.91
CA ILE A 177 -27.00 -4.64 0.51
C ILE A 177 -27.49 -5.78 1.43
N LEU A 178 -28.62 -6.37 1.08
CA LEU A 178 -29.33 -7.33 1.96
C LEU A 178 -29.06 -8.76 1.47
N ASN A 179 -29.01 -9.69 2.40
CA ASN A 179 -28.93 -11.14 2.07
C ASN A 179 -30.32 -11.68 1.68
N HIS A 180 -31.33 -11.35 2.47
CA HIS A 180 -32.69 -11.89 2.33
C HIS A 180 -33.71 -10.84 2.77
N VAL A 181 -34.85 -10.87 2.11
CA VAL A 181 -36.04 -10.07 2.49
C VAL A 181 -37.15 -11.08 2.74
N VAL A 182 -37.79 -10.96 3.89
CA VAL A 182 -38.94 -11.85 4.21
C VAL A 182 -40.09 -11.03 4.80
N GLU A 183 -41.28 -11.62 4.73
CA GLU A 183 -42.45 -10.99 5.41
C GLU A 183 -42.18 -10.88 6.91
N VAL A 184 -42.62 -9.78 7.53
CA VAL A 184 -42.30 -9.48 8.95
C VAL A 184 -42.72 -10.66 9.83
N GLU A 185 -43.82 -11.36 9.53
CA GLU A 185 -44.30 -12.49 10.37
C GLU A 185 -43.28 -13.63 10.37
N GLU A 186 -42.48 -13.74 9.32
CA GLU A 186 -41.53 -14.87 9.14
C GLU A 186 -40.11 -14.45 9.53
N LEU A 187 -39.86 -13.18 9.80
CA LEU A 187 -38.47 -12.65 9.90
C LEU A 187 -37.70 -13.33 11.04
N GLU A 188 -38.28 -13.38 12.23
CA GLU A 188 -37.60 -13.91 13.42
C GLU A 188 -37.25 -15.39 13.23
N ASP A 189 -38.18 -16.21 12.74
CA ASP A 189 -37.85 -17.64 12.61
C ASP A 189 -36.92 -17.92 11.43
N PHE A 190 -37.03 -17.20 10.32
CA PHE A 190 -36.09 -17.35 9.19
C PHE A 190 -34.67 -17.05 9.68
N THR A 191 -34.49 -15.96 10.39
CA THR A 191 -33.15 -15.50 10.86
C THR A 191 -32.59 -16.49 11.88
N LEU A 192 -33.43 -16.93 12.81
CA LEU A 192 -32.98 -17.93 13.80
C LEU A 192 -32.63 -19.25 13.13
N GLN A 193 -33.38 -19.74 12.13
CA GLN A 193 -33.03 -21.00 11.44
C GLN A 193 -31.60 -20.85 10.87
N MET A 194 -31.31 -19.69 10.28
CA MET A 194 -29.95 -19.51 9.68
C MET A 194 -28.89 -19.44 10.78
N ALA A 195 -29.15 -18.77 11.90
CA ALA A 195 -28.19 -18.60 12.99
C ALA A 195 -27.93 -19.98 13.64
N HIS A 196 -28.97 -20.81 13.80
CA HIS A 196 -28.83 -22.20 14.33
CA HIS A 196 -28.76 -22.18 14.37
C HIS A 196 -27.93 -23.03 13.40
N HIS A 197 -28.12 -22.91 12.10
CA HIS A 197 -27.33 -23.64 11.09
C HIS A 197 -25.84 -23.24 11.16
N ILE A 198 -25.58 -21.93 11.26
CA ILE A 198 -24.20 -21.41 11.36
C ILE A 198 -23.59 -21.96 12.66
N SER A 199 -24.39 -22.08 13.73
CA SER A 199 -23.92 -22.50 15.06
C SER A 199 -23.48 -23.96 15.06
N GLU A 200 -23.79 -24.75 14.05
CA GLU A 200 -23.32 -26.16 13.98
C GLU A 200 -21.95 -26.24 13.29
N LYS A 201 -21.50 -25.16 12.68
CA LYS A 201 -20.24 -25.18 11.88
C LYS A 201 -18.99 -24.94 12.76
N ALA A 202 -17.81 -25.04 12.18
CA ALA A 202 -16.54 -24.94 12.94
C ALA A 202 -16.26 -23.49 13.31
N PRO A 203 -16.32 -23.14 14.60
CA PRO A 203 -16.27 -21.73 14.99
C PRO A 203 -14.89 -21.10 14.82
N LEU A 204 -13.82 -21.87 14.93
CA LEU A 204 -12.44 -21.35 14.75
C LEU A 204 -12.21 -21.01 13.29
N ALA A 205 -12.76 -21.80 12.39
CA ALA A 205 -12.70 -21.58 10.93
C ALA A 205 -13.51 -20.33 10.61
N ILE A 206 -14.71 -20.23 11.16
CA ILE A 206 -15.52 -19.02 10.95
C ILE A 206 -14.74 -17.80 11.43
N ALA A 207 -14.14 -17.83 12.61
CA ALA A 207 -13.47 -16.64 13.20
C ALA A 207 -12.30 -16.21 12.30
N VAL A 208 -11.47 -17.15 11.86
CA VAL A 208 -10.27 -16.77 11.06
CA VAL A 208 -10.27 -16.76 11.05
C VAL A 208 -10.71 -16.27 9.69
N ILE A 209 -11.73 -16.89 9.08
CA ILE A 209 -12.22 -16.41 7.77
C ILE A 209 -12.83 -15.00 7.92
N LYS A 210 -13.59 -14.76 8.98
CA LYS A 210 -14.15 -13.45 9.21
C LYS A 210 -13.02 -12.41 9.34
N GLU A 211 -11.99 -12.75 10.09
CA GLU A 211 -10.84 -11.84 10.30
C GLU A 211 -10.11 -11.62 8.96
N GLU A 212 -9.91 -12.66 8.15
CA GLU A 212 -9.28 -12.50 6.82
C GLU A 212 -10.10 -11.56 5.95
N LEU A 213 -11.41 -11.72 5.93
CA LEU A 213 -12.28 -10.80 5.14
C LEU A 213 -12.14 -9.37 5.69
N ARG A 214 -12.08 -9.22 7.00
CA ARG A 214 -11.97 -7.87 7.58
C ARG A 214 -10.68 -7.19 7.06
N VAL A 215 -9.54 -7.86 7.17
CA VAL A 215 -8.26 -7.21 6.77
CA VAL A 215 -8.21 -7.34 6.76
C VAL A 215 -8.20 -7.02 5.26
N LEU A 216 -8.73 -7.95 4.46
CA LEU A 216 -8.77 -7.72 3.01
C LEU A 216 -9.67 -6.53 2.71
N GLY A 217 -10.81 -6.40 3.40
CA GLY A 217 -11.71 -5.26 3.19
C GLY A 217 -11.11 -3.93 3.56
N GLU A 218 -10.24 -3.90 4.53
CA GLU A 218 -9.60 -2.66 5.00
C GLU A 218 -8.39 -2.31 4.14
N ALA A 219 -7.85 -3.27 3.38
CA ALA A 219 -6.52 -3.16 2.71
C ALA A 219 -6.59 -2.28 1.46
N HIS A 220 -7.26 -1.12 1.53
CA HIS A 220 -7.11 -0.03 0.55
C HIS A 220 -6.18 1.00 1.17
N THR A 221 -4.94 1.14 0.71
CA THR A 221 -3.91 1.89 1.45
C THR A 221 -3.64 3.19 0.70
N MET A 222 -3.26 4.21 1.46
CA MET A 222 -2.91 5.54 0.92
CA MET A 222 -2.93 5.55 0.95
C MET A 222 -1.74 6.08 1.73
N ASN A 223 -1.07 7.07 1.18
CA ASN A 223 0.06 7.71 1.88
C ASN A 223 -0.46 8.76 2.88
N SER A 224 0.42 9.18 3.79
CA SER A 224 0.05 10.13 4.86
C SER A 224 -0.48 11.45 4.28
N ASP A 225 0.11 11.94 3.20
CA ASP A 225 -0.31 13.23 2.64
C ASP A 225 -1.77 13.16 2.17
N GLU A 226 -2.13 12.06 1.52
N GLU A 226 -2.12 12.07 1.47
CA GLU A 226 -3.53 11.95 1.05
CA GLU A 226 -3.52 11.78 1.03
C GLU A 226 -4.49 11.87 2.25
C GLU A 226 -4.47 11.86 2.23
N PHE A 227 -4.15 11.12 3.29
CA PHE A 227 -5.02 11.11 4.49
CA PHE A 227 -4.97 11.11 4.52
C PHE A 227 -5.11 12.53 5.10
N GLU A 228 -4.01 13.24 5.30
CA GLU A 228 -4.02 14.58 5.90
C GLU A 228 -4.78 15.58 5.01
N ARG A 229 -4.69 15.43 3.69
CA ARG A 229 -5.43 16.28 2.74
C ARG A 229 -6.93 16.07 2.98
N ILE A 230 -7.36 14.83 3.04
CA ILE A 230 -8.78 14.50 3.31
C ILE A 230 -9.18 15.08 4.67
N GLN A 231 -8.37 14.89 5.71
CA GLN A 231 -8.71 15.39 7.05
C GLN A 231 -8.87 16.90 6.99
N GLY A 232 -8.03 17.61 6.24
CA GLY A 232 -8.17 19.06 6.09
C GLY A 232 -9.51 19.44 5.42
N MET A 233 -9.93 18.70 4.42
CA MET A 233 -11.23 18.91 3.73
CA MET A 233 -11.23 18.92 3.74
C MET A 233 -12.36 18.66 4.74
N ARG A 234 -12.24 17.60 5.55
CA ARG A 234 -13.30 17.28 6.53
C ARG A 234 -13.41 18.45 7.51
N ARG A 235 -12.28 18.95 7.98
CA ARG A 235 -12.23 20.05 8.98
C ARG A 235 -12.88 21.31 8.41
N ALA A 236 -12.64 21.63 7.15
CA ALA A 236 -13.32 22.77 6.49
C ALA A 236 -14.83 22.53 6.58
N VAL A 237 -15.30 21.28 6.42
CA VAL A 237 -16.75 21.02 6.51
C VAL A 237 -17.21 21.19 7.96
N TYR A 238 -16.52 20.64 8.95
CA TYR A 238 -17.09 20.72 10.31
C TYR A 238 -16.81 22.12 10.88
N ASP A 239 -16.09 22.98 10.18
CA ASP A 239 -15.92 24.40 10.59
C ASP A 239 -16.94 25.28 9.84
N SER A 240 -17.76 24.71 8.96
CA SER A 240 -18.57 25.49 8.00
C SER A 240 -19.85 26.03 8.68
N GLU A 241 -20.39 27.08 8.07
CA GLU A 241 -21.71 27.63 8.46
C GLU A 241 -22.77 26.57 8.17
N ASP A 242 -22.60 25.81 7.09
CA ASP A 242 -23.56 24.78 6.65
C ASP A 242 -23.66 23.70 7.73
N TYR A 243 -22.54 23.30 8.35
CA TYR A 243 -22.58 22.26 9.42
C TYR A 243 -23.46 22.80 10.58
N GLN A 244 -23.21 24.03 11.02
CA GLN A 244 -24.03 24.69 12.10
C GLN A 244 -25.50 24.77 11.67
N GLU A 245 -25.78 25.09 10.41
CA GLU A 245 -27.18 25.18 9.87
C GLU A 245 -27.80 23.79 9.95
N GLY A 246 -27.08 22.74 9.58
CA GLY A 246 -27.63 21.37 9.55
C GLY A 246 -28.01 20.96 10.97
N MET A 247 -27.16 21.28 11.95
CA MET A 247 -27.44 20.95 13.37
C MET A 247 -28.65 21.79 13.87
N ASN A 248 -28.68 23.08 13.54
N ASN A 248 -28.71 23.08 13.54
CA ASN A 248 -29.72 24.03 14.00
CA ASN A 248 -29.77 23.99 14.06
C ASN A 248 -31.07 23.61 13.40
C ASN A 248 -31.12 23.65 13.39
N ALA A 249 -31.11 23.28 12.10
CA ALA A 249 -32.34 22.92 11.41
C ALA A 249 -32.95 21.70 12.10
N PHE A 250 -32.11 20.73 12.47
CA PHE A 250 -32.66 19.52 13.10
C PHE A 250 -33.27 19.92 14.45
N LEU A 251 -32.54 20.69 15.26
CA LEU A 251 -32.95 21.13 16.62
C LEU A 251 -34.30 21.88 16.47
N GLU A 252 -34.41 22.72 15.46
CA GLU A 252 -35.59 23.61 15.25
C GLU A 252 -36.67 22.94 14.42
N LYS A 253 -36.47 21.72 13.93
CA LYS A 253 -37.52 20.94 13.24
C LYS A 253 -37.94 21.71 11.99
N ARG A 254 -36.96 22.16 11.19
CA ARG A 254 -37.18 22.90 9.94
C ARG A 254 -36.22 22.36 8.86
N LYS A 255 -36.47 22.76 7.63
CA LYS A 255 -35.63 22.36 6.48
C LYS A 255 -34.39 23.25 6.43
N PRO A 256 -33.19 22.67 6.38
CA PRO A 256 -31.98 23.48 6.35
C PRO A 256 -31.87 24.24 5.04
N ASN A 257 -31.30 25.43 5.10
CA ASN A 257 -30.91 26.24 3.93
C ASN A 257 -29.39 26.20 3.79
N PHE A 258 -28.86 25.26 2.99
CA PHE A 258 -27.40 25.20 2.82
C PHE A 258 -26.97 26.13 1.67
N VAL A 259 -25.81 26.76 1.84
CA VAL A 259 -25.28 27.80 0.91
C VAL A 259 -23.87 27.48 0.42
N GLY A 260 -23.16 26.49 0.97
CA GLY A 260 -21.85 26.13 0.44
C GLY A 260 -20.72 26.91 1.09
N HIS A 261 -20.96 27.41 2.31
CA HIS A 261 -19.94 28.08 3.18
C HIS A 261 -20.10 27.55 4.59
N ALA B 2 -1.68 -37.04 -25.06
CA ALA B 2 -2.98 -37.20 -24.39
C ALA B 2 -2.74 -37.10 -22.88
N TYR B 3 -3.82 -37.17 -22.10
CA TYR B 3 -3.76 -37.01 -20.64
C TYR B 3 -4.63 -38.12 -20.04
N GLN B 4 -4.27 -38.58 -18.86
CA GLN B 4 -5.03 -39.63 -18.16
C GLN B 4 -6.31 -39.03 -17.61
N TYR B 5 -6.27 -37.79 -17.08
CA TYR B 5 -7.37 -37.25 -16.25
C TYR B 5 -8.14 -36.10 -16.90
N VAL B 6 -7.79 -35.69 -18.11
CA VAL B 6 -8.58 -34.71 -18.87
C VAL B 6 -8.60 -35.14 -20.34
N ASN B 7 -9.60 -34.66 -21.06
CA ASN B 7 -9.74 -34.81 -22.52
C ASN B 7 -9.75 -33.40 -23.12
N VAL B 8 -8.96 -33.18 -24.16
CA VAL B 8 -8.91 -31.84 -24.80
C VAL B 8 -9.46 -31.97 -26.21
N VAL B 9 -10.38 -31.09 -26.60
CA VAL B 9 -10.83 -30.96 -28.01
C VAL B 9 -10.64 -29.50 -28.44
N THR B 10 -10.17 -29.28 -29.64
CA THR B 10 -9.99 -27.93 -30.23
CA THR B 10 -10.03 -27.92 -30.20
C THR B 10 -11.03 -27.77 -31.34
N ILE B 11 -11.74 -26.64 -31.35
CA ILE B 11 -12.68 -26.23 -32.41
C ILE B 11 -12.14 -24.88 -32.92
N ASN B 12 -11.36 -24.89 -34.00
CA ASN B 12 -10.68 -23.69 -34.55
C ASN B 12 -9.86 -23.09 -33.41
N LYS B 13 -10.21 -21.89 -32.94
CA LYS B 13 -9.39 -21.14 -31.95
C LYS B 13 -9.81 -21.44 -30.51
N VAL B 14 -10.85 -22.25 -30.30
CA VAL B 14 -11.37 -22.59 -28.94
C VAL B 14 -10.89 -23.97 -28.53
N ALA B 15 -10.40 -24.09 -27.30
CA ALA B 15 -10.04 -25.38 -26.70
C ALA B 15 -10.99 -25.66 -25.55
N VAL B 16 -11.51 -26.88 -25.53
CA VAL B 16 -12.37 -27.37 -24.43
C VAL B 16 -11.58 -28.39 -23.65
N ILE B 17 -11.35 -28.13 -22.35
CA ILE B 17 -10.70 -29.09 -21.44
C ILE B 17 -11.82 -29.74 -20.60
N GLU B 18 -12.04 -31.04 -20.82
CA GLU B 18 -13.12 -31.75 -20.10
C GLU B 18 -12.48 -32.65 -19.05
N PHE B 19 -12.95 -32.56 -17.80
CA PHE B 19 -12.48 -33.42 -16.71
C PHE B 19 -12.76 -34.89 -17.12
N ASN B 20 -11.84 -35.75 -16.77
CA ASN B 20 -12.00 -37.23 -16.94
C ASN B 20 -11.60 -37.91 -15.63
N TYR B 21 -12.27 -37.56 -14.53
CA TYR B 21 -11.97 -38.07 -13.16
C TYR B 21 -13.28 -38.30 -12.41
N GLY B 22 -14.34 -38.68 -13.12
CA GLY B 22 -15.70 -38.90 -12.62
C GLY B 22 -15.74 -39.97 -11.54
N ARG B 23 -14.87 -40.98 -11.61
CA ARG B 23 -14.85 -42.06 -10.60
C ARG B 23 -14.53 -41.45 -9.23
N LYS B 24 -13.83 -40.29 -9.15
CA LYS B 24 -13.61 -39.56 -7.87
C LYS B 24 -14.31 -38.18 -7.90
N LEU B 25 -15.40 -38.08 -8.65
CA LEU B 25 -16.27 -36.87 -8.73
C LEU B 25 -15.42 -35.63 -9.04
N ASN B 26 -14.37 -35.81 -9.84
CA ASN B 26 -13.47 -34.72 -10.30
C ASN B 26 -12.90 -33.98 -9.09
N ALA B 27 -12.62 -34.71 -8.01
CA ALA B 27 -11.96 -34.12 -6.84
C ALA B 27 -10.60 -33.58 -7.27
N LEU B 28 -10.15 -32.49 -6.63
CA LEU B 28 -8.89 -31.82 -7.05
C LEU B 28 -7.68 -32.50 -6.39
N SER B 29 -7.44 -33.76 -6.73
CA SER B 29 -6.26 -34.50 -6.25
C SER B 29 -5.03 -33.97 -6.99
N LYS B 30 -3.85 -34.23 -6.47
CA LYS B 30 -2.60 -33.79 -7.12
C LYS B 30 -2.54 -34.33 -8.55
N VAL B 31 -2.84 -35.61 -8.83
CA VAL B 31 -2.68 -36.17 -10.20
C VAL B 31 -3.64 -35.50 -11.19
N PHE B 32 -4.86 -35.14 -10.78
CA PHE B 32 -5.85 -34.50 -11.68
C PHE B 32 -5.37 -33.07 -12.00
N ILE B 33 -4.98 -32.33 -10.97
CA ILE B 33 -4.55 -30.91 -11.13
C ILE B 33 -3.29 -30.90 -12.00
N ASP B 34 -2.34 -31.79 -11.77
CA ASP B 34 -1.10 -31.81 -12.59
C ASP B 34 -1.49 -32.03 -14.07
N ASP B 35 -2.43 -32.91 -14.37
CA ASP B 35 -2.93 -33.09 -15.77
C ASP B 35 -3.62 -31.82 -16.30
N LEU B 36 -4.51 -31.22 -15.51
CA LEU B 36 -5.19 -29.98 -15.92
C LEU B 36 -4.14 -28.91 -16.22
N MET B 37 -3.12 -28.74 -15.38
CA MET B 37 -2.11 -27.67 -15.61
C MET B 37 -1.27 -28.02 -16.82
N GLN B 38 -0.97 -29.29 -17.02
CA GLN B 38 -0.19 -29.65 -18.23
C GLN B 38 -1.01 -29.31 -19.49
N ALA B 39 -2.28 -29.72 -19.53
CA ALA B 39 -3.21 -29.44 -20.66
C ALA B 39 -3.28 -27.92 -20.91
N LEU B 40 -3.35 -27.11 -19.84
CA LEU B 40 -3.42 -25.63 -20.04
C LEU B 40 -2.10 -25.16 -20.63
N SER B 41 -0.98 -25.57 -20.04
CA SER B 41 0.36 -25.18 -20.55
C SER B 41 0.48 -25.52 -22.03
N ASP B 42 0.00 -26.69 -22.42
CA ASP B 42 0.15 -27.17 -23.81
C ASP B 42 -0.73 -26.33 -24.74
N LEU B 43 -1.78 -25.66 -24.23
CA LEU B 43 -2.69 -24.82 -25.06
C LEU B 43 -2.24 -23.35 -25.08
N ASN B 44 -1.11 -23.02 -24.46
CA ASN B 44 -0.58 -21.65 -24.45
C ASN B 44 0.23 -21.46 -25.74
N ARG B 45 -0.47 -21.35 -26.85
CA ARG B 45 0.09 -21.21 -28.21
C ARG B 45 -0.77 -20.23 -28.97
N PRO B 46 -0.20 -19.50 -29.95
CA PRO B 46 -0.91 -18.42 -30.63
C PRO B 46 -2.23 -18.81 -31.33
N GLU B 47 -2.37 -20.07 -31.77
CA GLU B 47 -3.55 -20.52 -32.57
C GLU B 47 -4.73 -20.83 -31.63
N ILE B 48 -4.54 -20.78 -30.29
CA ILE B 48 -5.65 -20.96 -29.35
C ILE B 48 -5.94 -19.59 -28.76
N ARG B 49 -7.22 -19.22 -28.71
N ARG B 49 -7.21 -19.20 -28.68
CA ARG B 49 -7.63 -17.86 -28.29
CA ARG B 49 -7.57 -17.83 -28.21
C ARG B 49 -8.45 -17.91 -27.00
C ARG B 49 -8.62 -17.85 -27.10
N CYS B 50 -9.17 -18.99 -26.74
CA CYS B 50 -10.14 -19.08 -25.62
C CYS B 50 -10.20 -20.53 -25.14
N ILE B 51 -10.27 -20.71 -23.84
CA ILE B 51 -10.33 -22.03 -23.17
C ILE B 51 -11.71 -22.14 -22.51
N ILE B 52 -12.29 -23.32 -22.57
CA ILE B 52 -13.50 -23.68 -21.80
C ILE B 52 -13.08 -24.81 -20.86
N LEU B 53 -13.38 -24.69 -19.57
CA LEU B 53 -13.24 -25.82 -18.60
C LEU B 53 -14.64 -26.40 -18.39
N ARG B 54 -14.79 -27.72 -18.44
CA ARG B 54 -16.12 -28.34 -18.22
C ARG B 54 -15.95 -29.71 -17.58
N ALA B 55 -17.03 -30.18 -16.96
CA ALA B 55 -17.21 -31.61 -16.62
C ALA B 55 -17.93 -32.27 -17.79
N PRO B 56 -17.83 -33.60 -17.94
CA PRO B 56 -18.50 -34.32 -19.02
C PRO B 56 -19.98 -34.01 -19.00
N SER B 57 -20.63 -34.03 -20.16
CA SER B 57 -22.10 -33.86 -20.31
C SER B 57 -22.83 -34.83 -19.39
N GLY B 58 -23.79 -34.32 -18.64
CA GLY B 58 -24.66 -35.09 -17.73
C GLY B 58 -24.13 -35.22 -16.33
N SER B 59 -22.97 -34.63 -16.01
CA SER B 59 -22.34 -34.79 -14.67
C SER B 59 -23.31 -34.26 -13.60
N LYS B 60 -23.57 -35.05 -12.57
CA LYS B 60 -24.32 -34.60 -11.37
C LYS B 60 -23.38 -33.71 -10.55
N VAL B 61 -22.10 -34.07 -10.53
CA VAL B 61 -21.06 -33.38 -9.73
C VAL B 61 -20.05 -32.79 -10.70
N PHE B 62 -19.98 -31.47 -10.77
CA PHE B 62 -18.92 -30.78 -11.55
C PHE B 62 -17.57 -31.10 -10.90
N SER B 63 -17.42 -30.81 -9.60
CA SER B 63 -16.20 -31.19 -8.84
C SER B 63 -16.51 -31.18 -7.34
N ALA B 64 -16.08 -32.24 -6.65
CA ALA B 64 -16.27 -32.39 -5.21
C ALA B 64 -15.23 -31.60 -4.41
N GLY B 65 -14.41 -30.80 -5.07
CA GLY B 65 -13.43 -29.92 -4.40
C GLY B 65 -12.17 -30.64 -4.06
N HIS B 66 -11.41 -30.12 -3.08
CA HIS B 66 -10.15 -30.72 -2.61
C HIS B 66 -10.42 -32.17 -2.26
N ASP B 67 -9.49 -33.04 -2.62
CA ASP B 67 -9.48 -34.44 -2.16
C ASP B 67 -9.20 -34.48 -0.66
N ILE B 68 -10.19 -34.84 0.16
CA ILE B 68 -10.08 -34.72 1.64
C ILE B 68 -9.04 -35.71 2.19
N HIS B 69 -8.84 -36.86 1.55
CA HIS B 69 -7.71 -37.78 1.84
C HIS B 69 -6.36 -37.01 1.76
N GLU B 70 -6.17 -36.15 0.76
CA GLU B 70 -4.85 -35.50 0.53
C GLU B 70 -4.65 -34.26 1.40
N LEU B 71 -5.66 -33.79 2.16
CA LEU B 71 -5.50 -32.60 3.05
C LEU B 71 -4.47 -32.96 4.12
N PRO B 72 -3.34 -32.21 4.26
CA PRO B 72 -2.44 -32.37 5.40
C PRO B 72 -3.19 -32.65 6.72
N SER B 73 -2.88 -33.82 7.29
CA SER B 73 -3.65 -34.54 8.35
C SER B 73 -3.68 -33.70 9.63
N GLY B 74 -2.51 -33.23 10.09
CA GLY B 74 -2.37 -32.52 11.38
C GLY B 74 -1.09 -31.69 11.47
N GLY B 75 -1.24 -30.43 11.89
CA GLY B 75 -0.14 -29.50 12.19
C GLY B 75 0.49 -28.89 10.94
N ARG B 76 0.00 -29.24 9.75
CA ARG B 76 0.58 -28.77 8.47
C ARG B 76 -0.46 -27.89 7.73
N ASP B 77 -0.02 -26.78 7.15
CA ASP B 77 -0.94 -25.86 6.43
C ASP B 77 -1.54 -26.66 5.29
N PRO B 78 -2.88 -26.78 5.22
CA PRO B 78 -3.52 -27.45 4.09
C PRO B 78 -3.61 -26.64 2.79
N LEU B 79 -3.38 -25.33 2.84
CA LEU B 79 -3.50 -24.48 1.62
C LEU B 79 -2.23 -23.63 1.50
N SER B 80 -1.09 -24.28 1.47
CA SER B 80 0.23 -23.62 1.33
C SER B 80 0.41 -23.25 -0.15
N TYR B 81 1.40 -22.39 -0.41
CA TYR B 81 1.60 -21.78 -1.73
C TYR B 81 1.67 -22.85 -2.84
N ASP B 82 2.28 -23.99 -2.60
CA ASP B 82 2.49 -24.99 -3.69
C ASP B 82 1.48 -26.14 -3.61
N ASP B 83 0.43 -26.02 -2.81
CA ASP B 83 -0.73 -26.96 -2.84
C ASP B 83 -1.33 -26.87 -4.24
N PRO B 84 -1.77 -28.00 -4.83
CA PRO B 84 -2.36 -27.98 -6.18
C PRO B 84 -3.46 -26.95 -6.44
N LEU B 85 -4.43 -26.81 -5.55
CA LEU B 85 -5.52 -25.81 -5.75
C LEU B 85 -4.87 -24.43 -5.86
N ARG B 86 -3.82 -24.15 -5.07
CA ARG B 86 -3.20 -22.80 -5.05
C ARG B 86 -2.47 -22.61 -6.39
N GLN B 87 -1.83 -23.66 -6.90
CA GLN B 87 -1.08 -23.59 -8.18
CA GLN B 87 -1.08 -23.60 -8.18
C GLN B 87 -2.05 -23.37 -9.32
N ILE B 88 -3.18 -24.08 -9.34
CA ILE B 88 -4.12 -24.00 -10.51
CA ILE B 88 -4.02 -23.96 -10.56
C ILE B 88 -4.75 -22.61 -10.58
N THR B 89 -5.16 -22.06 -9.45
CA THR B 89 -5.82 -20.73 -9.47
C THR B 89 -4.80 -19.69 -9.97
N ARG B 90 -3.55 -19.75 -9.54
CA ARG B 90 -2.51 -18.80 -10.05
C ARG B 90 -2.38 -18.94 -11.56
N MET B 91 -2.31 -20.19 -12.02
CA MET B 91 -2.10 -20.48 -13.45
C MET B 91 -3.30 -19.92 -14.21
N ILE B 92 -4.51 -20.18 -13.74
CA ILE B 92 -5.71 -19.71 -14.48
C ILE B 92 -5.63 -18.17 -14.60
N GLN B 93 -5.31 -17.54 -13.49
CA GLN B 93 -5.37 -16.07 -13.44
C GLN B 93 -4.24 -15.47 -14.28
N LYS B 94 -3.10 -16.12 -14.41
CA LYS B 94 -1.95 -15.59 -15.17
C LYS B 94 -2.00 -16.00 -16.64
N PHE B 95 -2.92 -16.87 -16.99
CA PHE B 95 -3.03 -17.44 -18.35
C PHE B 95 -3.43 -16.34 -19.32
N PRO B 96 -2.72 -16.16 -20.44
CA PRO B 96 -2.95 -15.00 -21.30
C PRO B 96 -4.10 -15.11 -22.29
N LYS B 97 -5.02 -16.02 -22.04
CA LYS B 97 -6.24 -16.18 -22.84
C LYS B 97 -7.38 -16.23 -21.87
N PRO B 98 -8.60 -15.87 -22.27
CA PRO B 98 -9.76 -16.07 -21.41
C PRO B 98 -9.99 -17.56 -21.15
N ILE B 99 -10.30 -17.86 -19.89
CA ILE B 99 -10.76 -19.21 -19.47
C ILE B 99 -12.20 -19.09 -18.97
N ILE B 100 -13.11 -19.79 -19.62
CA ILE B 100 -14.54 -19.84 -19.29
C ILE B 100 -14.80 -21.15 -18.55
N SER B 101 -15.34 -21.09 -17.34
CA SER B 101 -15.88 -22.27 -16.62
C SER B 101 -17.32 -22.50 -17.12
N MET B 102 -17.56 -23.68 -17.71
CA MET B 102 -18.90 -24.09 -18.17
C MET B 102 -19.43 -25.14 -17.20
N VAL B 103 -20.39 -24.79 -16.34
CA VAL B 103 -20.72 -25.62 -15.16
C VAL B 103 -22.05 -26.37 -15.33
N GLU B 104 -21.96 -27.68 -15.25
CA GLU B 104 -23.11 -28.59 -15.10
C GLU B 104 -22.83 -29.36 -13.81
N GLY B 105 -23.83 -29.47 -12.94
CA GLY B 105 -23.70 -30.24 -11.72
C GLY B 105 -23.33 -29.37 -10.54
N SER B 106 -23.03 -29.99 -9.42
CA SER B 106 -22.77 -29.31 -8.15
C SER B 106 -21.29 -28.99 -8.02
N VAL B 107 -20.98 -27.83 -7.44
CA VAL B 107 -19.59 -27.35 -7.25
C VAL B 107 -19.33 -27.15 -5.76
N TRP B 108 -18.21 -27.66 -5.29
CA TRP B 108 -17.89 -27.72 -3.83
C TRP B 108 -16.54 -27.13 -3.50
N GLY B 109 -16.47 -26.25 -2.51
CA GLY B 109 -15.21 -25.88 -1.84
C GLY B 109 -14.16 -25.33 -2.76
N GLY B 110 -12.98 -25.94 -2.75
CA GLY B 110 -11.87 -25.54 -3.64
C GLY B 110 -12.29 -25.46 -5.10
N ALA B 111 -13.23 -26.29 -5.57
CA ALA B 111 -13.69 -26.22 -6.96
C ALA B 111 -14.48 -24.92 -7.18
N PHE B 112 -15.21 -24.44 -6.18
CA PHE B 112 -15.88 -23.11 -6.28
C PHE B 112 -14.80 -22.03 -6.42
N GLU B 113 -13.74 -22.09 -5.60
CA GLU B 113 -12.70 -21.04 -5.73
C GLU B 113 -12.09 -21.18 -7.12
N MET B 114 -11.91 -22.39 -7.60
CA MET B 114 -11.30 -22.58 -8.94
C MET B 114 -12.15 -21.88 -10.04
N ILE B 115 -13.47 -22.05 -10.07
CA ILE B 115 -14.27 -21.39 -11.15
C ILE B 115 -14.34 -19.89 -10.88
N MET B 116 -14.30 -19.49 -9.62
CA MET B 116 -14.31 -18.04 -9.33
C MET B 116 -13.03 -17.38 -9.84
N SER B 117 -11.93 -18.13 -9.92
CA SER B 117 -10.63 -17.60 -10.40
C SER B 117 -10.62 -17.49 -11.92
N SER B 118 -11.56 -18.14 -12.61
CA SER B 118 -11.64 -18.06 -14.10
C SER B 118 -12.34 -16.76 -14.50
N ASP B 119 -12.38 -16.48 -15.79
CA ASP B 119 -12.72 -15.14 -16.30
C ASP B 119 -14.23 -14.99 -16.45
N LEU B 120 -14.92 -16.03 -16.86
CA LEU B 120 -16.40 -16.02 -16.97
C LEU B 120 -16.90 -17.37 -16.48
N ILE B 121 -18.12 -17.38 -15.95
CA ILE B 121 -18.83 -18.63 -15.56
C ILE B 121 -20.19 -18.63 -16.25
N ILE B 122 -20.45 -19.70 -16.98
CA ILE B 122 -21.75 -19.96 -17.62
C ILE B 122 -22.25 -21.27 -17.04
N ALA B 123 -23.46 -21.31 -16.53
CA ALA B 123 -23.90 -22.51 -15.80
C ALA B 123 -25.29 -22.98 -16.23
N ALA B 124 -25.49 -24.30 -16.10
CA ALA B 124 -26.83 -24.92 -16.23
C ALA B 124 -27.78 -24.38 -15.16
N SER B 125 -29.07 -24.27 -15.50
CA SER B 125 -30.11 -23.82 -14.56
C SER B 125 -30.14 -24.74 -13.35
N THR B 126 -29.68 -25.99 -13.45
CA THR B 126 -29.75 -26.98 -12.35
C THR B 126 -28.44 -27.06 -11.55
N SER B 127 -27.40 -26.31 -11.90
CA SER B 127 -26.10 -26.35 -11.17
C SER B 127 -26.26 -25.69 -9.78
N THR B 128 -25.46 -26.11 -8.81
CA THR B 128 -25.50 -25.57 -7.44
C THR B 128 -24.06 -25.34 -6.98
N PHE B 129 -23.89 -24.49 -5.97
CA PHE B 129 -22.57 -23.94 -5.60
C PHE B 129 -22.50 -23.88 -4.07
N SER B 130 -21.45 -24.43 -3.48
CA SER B 130 -21.28 -24.47 -2.01
C SER B 130 -19.83 -24.15 -1.69
N MET B 131 -19.61 -23.28 -0.72
CA MET B 131 -18.26 -23.04 -0.16
C MET B 131 -18.23 -23.67 1.23
N THR B 132 -17.38 -24.67 1.43
CA THR B 132 -17.46 -25.68 2.50
C THR B 132 -16.41 -25.66 3.62
N PRO B 133 -15.39 -24.76 3.71
CA PRO B 133 -14.40 -24.93 4.77
C PRO B 133 -14.93 -24.98 6.22
N VAL B 134 -16.01 -24.28 6.53
CA VAL B 134 -16.58 -24.28 7.92
C VAL B 134 -17.22 -25.65 8.22
N ASN B 135 -17.45 -26.50 7.24
CA ASN B 135 -17.96 -27.88 7.50
C ASN B 135 -16.84 -28.76 8.03
N LEU B 136 -15.60 -28.49 7.61
CA LEU B 136 -14.41 -29.32 7.88
C LEU B 136 -13.49 -28.66 8.92
N GLY B 137 -13.71 -27.41 9.28
CA GLY B 137 -12.78 -26.75 10.21
C GLY B 137 -11.54 -26.22 9.51
N VAL B 138 -11.57 -26.00 8.22
CA VAL B 138 -10.38 -25.53 7.45
C VAL B 138 -10.21 -24.01 7.57
N PRO B 139 -8.99 -23.54 7.89
CA PRO B 139 -8.68 -22.11 7.82
C PRO B 139 -8.27 -21.72 6.41
N TYR B 140 -9.25 -21.39 5.57
CA TYR B 140 -9.01 -20.98 4.17
C TYR B 140 -8.00 -19.82 4.20
N ASN B 141 -7.06 -19.79 3.25
CA ASN B 141 -5.94 -18.83 3.23
C ASN B 141 -6.37 -17.50 2.60
N LEU B 142 -5.64 -16.42 2.87
CA LEU B 142 -5.95 -15.06 2.39
C LEU B 142 -6.14 -15.03 0.88
N VAL B 143 -5.22 -15.62 0.12
CA VAL B 143 -5.30 -15.51 -1.35
C VAL B 143 -6.61 -16.17 -1.78
N GLY B 144 -6.92 -17.32 -1.19
CA GLY B 144 -8.10 -18.11 -1.58
C GLY B 144 -9.37 -17.33 -1.27
N ILE B 145 -9.44 -16.75 -0.07
CA ILE B 145 -10.61 -15.92 0.32
C ILE B 145 -10.73 -14.72 -0.62
N HIS B 146 -9.64 -14.06 -0.96
CA HIS B 146 -9.65 -12.85 -1.80
C HIS B 146 -10.28 -13.20 -3.15
N ASN B 147 -9.95 -14.38 -3.67
CA ASN B 147 -10.49 -14.89 -4.95
C ASN B 147 -12.02 -15.03 -4.91
N LEU B 148 -12.65 -15.07 -3.74
CA LEU B 148 -14.14 -15.21 -3.63
C LEU B 148 -14.80 -13.84 -3.52
N THR B 149 -14.07 -12.71 -3.55
CA THR B 149 -14.59 -11.41 -3.11
C THR B 149 -14.72 -10.42 -4.26
N ARG B 150 -14.49 -10.82 -5.49
CA ARG B 150 -14.47 -9.84 -6.62
C ARG B 150 -15.76 -9.84 -7.43
N ASP B 151 -16.79 -10.59 -7.01
CA ASP B 151 -18.04 -10.76 -7.83
C ASP B 151 -19.25 -10.35 -7.01
N ALA B 152 -19.55 -11.06 -5.94
CA ALA B 152 -20.68 -10.73 -5.05
C ALA B 152 -20.14 -9.88 -3.91
N GLY B 153 -21.02 -9.22 -3.19
CA GLY B 153 -20.64 -8.40 -2.03
C GLY B 153 -20.20 -9.24 -0.83
N PHE B 154 -19.63 -8.54 0.14
CA PHE B 154 -19.15 -9.13 1.41
C PHE B 154 -20.27 -9.82 2.18
N HIS B 155 -21.45 -9.21 2.32
CA HIS B 155 -22.57 -9.91 3.03
C HIS B 155 -22.89 -11.22 2.33
N ILE B 156 -22.93 -11.21 1.00
CA ILE B 156 -23.22 -12.47 0.26
C ILE B 156 -22.11 -13.50 0.47
N VAL B 157 -20.83 -13.11 0.39
CA VAL B 157 -19.72 -14.07 0.57
C VAL B 157 -19.77 -14.65 1.99
N LYS B 158 -20.01 -13.83 3.01
CA LYS B 158 -20.06 -14.32 4.40
C LYS B 158 -21.22 -15.30 4.57
N GLU B 159 -22.36 -15.02 3.95
CA GLU B 159 -23.52 -15.97 4.00
C GLU B 159 -23.05 -17.29 3.40
N LEU B 160 -22.46 -17.27 2.22
CA LEU B 160 -22.02 -18.51 1.56
C LEU B 160 -21.04 -19.28 2.44
N ILE B 161 -20.06 -18.58 3.01
CA ILE B 161 -18.98 -19.27 3.76
C ILE B 161 -19.49 -19.69 5.13
N PHE B 162 -20.20 -18.82 5.83
CA PHE B 162 -20.60 -19.12 7.22
C PHE B 162 -21.69 -20.17 7.25
N THR B 163 -22.56 -20.28 6.24
CA THR B 163 -23.63 -21.30 6.24
C THR B 163 -23.13 -22.57 5.59
N ALA B 164 -22.16 -22.47 4.68
CA ALA B 164 -21.78 -23.55 3.73
C ALA B 164 -23.01 -24.13 3.01
N SER B 165 -24.12 -23.39 2.92
CA SER B 165 -25.37 -23.83 2.23
C SER B 165 -25.18 -23.70 0.74
N PRO B 166 -25.66 -24.65 -0.08
CA PRO B 166 -25.58 -24.48 -1.52
C PRO B 166 -26.49 -23.34 -1.96
N ILE B 167 -26.10 -22.66 -3.02
CA ILE B 167 -27.02 -21.72 -3.68
C ILE B 167 -27.32 -22.24 -5.08
N THR B 168 -28.48 -21.86 -5.57
CA THR B 168 -28.87 -22.23 -6.96
C THR B 168 -28.11 -21.35 -7.96
N ALA B 169 -28.13 -21.77 -9.20
CA ALA B 169 -27.65 -20.98 -10.35
C ALA B 169 -28.40 -19.66 -10.44
N GLN B 170 -29.70 -19.65 -10.15
CA GLN B 170 -30.53 -18.44 -10.29
C GLN B 170 -30.07 -17.44 -9.23
N ARG B 171 -29.80 -17.92 -8.02
CA ARG B 171 -29.33 -16.99 -6.99
C ARG B 171 -27.90 -16.56 -7.32
N ALA B 172 -27.04 -17.45 -7.80
CA ALA B 172 -25.66 -17.10 -8.18
C ALA B 172 -25.65 -16.03 -9.27
N LEU B 173 -26.54 -16.13 -10.26
CA LEU B 173 -26.67 -15.05 -11.27
C LEU B 173 -27.09 -13.73 -10.62
N ALA B 174 -28.10 -13.75 -9.76
CA ALA B 174 -28.68 -12.52 -9.19
C ALA B 174 -27.59 -11.80 -8.37
N VAL B 175 -26.74 -12.52 -7.68
CA VAL B 175 -25.78 -11.87 -6.73
C VAL B 175 -24.47 -11.52 -7.46
N GLY B 176 -24.29 -11.92 -8.71
CA GLY B 176 -23.16 -11.47 -9.53
C GLY B 176 -22.04 -12.50 -9.65
N ILE B 177 -22.19 -13.71 -9.12
CA ILE B 177 -21.17 -14.81 -9.30
C ILE B 177 -21.11 -15.32 -10.75
N LEU B 178 -22.26 -15.49 -11.42
CA LEU B 178 -22.34 -16.12 -12.75
C LEU B 178 -22.55 -15.05 -13.81
N ASN B 179 -22.04 -15.29 -15.01
CA ASN B 179 -22.35 -14.42 -16.17
C ASN B 179 -23.74 -14.76 -16.73
N HIS B 180 -24.00 -16.06 -16.94
CA HIS B 180 -25.21 -16.53 -17.67
C HIS B 180 -25.67 -17.83 -17.03
N VAL B 181 -26.98 -18.02 -17.05
CA VAL B 181 -27.60 -19.31 -16.70
C VAL B 181 -28.41 -19.76 -17.91
N VAL B 182 -28.19 -20.98 -18.35
CA VAL B 182 -28.87 -21.52 -19.57
C VAL B 182 -29.42 -22.90 -19.23
N GLU B 183 -30.49 -23.29 -19.91
CA GLU B 183 -31.03 -24.67 -19.84
C GLU B 183 -29.91 -25.65 -20.19
N VAL B 184 -29.88 -26.80 -19.55
CA VAL B 184 -28.72 -27.71 -19.72
C VAL B 184 -28.56 -28.09 -21.20
N GLU B 185 -29.65 -28.27 -21.98
CA GLU B 185 -29.46 -28.75 -23.39
C GLU B 185 -28.92 -27.62 -24.28
N GLU B 186 -28.89 -26.38 -23.80
CA GLU B 186 -28.37 -25.22 -24.57
C GLU B 186 -26.97 -24.83 -24.08
N LEU B 187 -26.48 -25.40 -22.99
CA LEU B 187 -25.26 -24.91 -22.29
C LEU B 187 -24.04 -24.92 -23.20
N GLU B 188 -23.79 -26.06 -23.83
N GLU B 188 -23.78 -26.08 -23.79
CA GLU B 188 -22.58 -26.25 -24.68
CA GLU B 188 -22.64 -26.30 -24.71
C GLU B 188 -22.63 -25.27 -25.85
C GLU B 188 -22.66 -25.25 -25.82
N ASP B 189 -23.72 -25.19 -26.61
CA ASP B 189 -23.90 -24.24 -27.75
CA ASP B 189 -23.74 -24.25 -27.77
C ASP B 189 -23.69 -22.79 -27.29
N PHE B 190 -24.31 -22.43 -26.18
CA PHE B 190 -24.28 -21.02 -25.68
C PHE B 190 -22.81 -20.64 -25.38
N THR B 191 -22.12 -21.56 -24.70
CA THR B 191 -20.73 -21.34 -24.22
C THR B 191 -19.77 -21.28 -25.41
N LEU B 192 -19.93 -22.19 -26.35
CA LEU B 192 -19.10 -22.20 -27.54
C LEU B 192 -19.32 -20.96 -28.38
N GLN B 193 -20.53 -20.47 -28.59
CA GLN B 193 -20.70 -19.25 -29.41
C GLN B 193 -20.05 -18.06 -28.71
N MET B 194 -20.07 -18.01 -27.38
CA MET B 194 -19.35 -16.92 -26.68
C MET B 194 -17.83 -17.10 -26.87
N ALA B 195 -17.28 -18.31 -26.76
CA ALA B 195 -15.84 -18.57 -26.89
C ALA B 195 -15.39 -18.25 -28.31
N HIS B 196 -16.17 -18.65 -29.34
CA HIS B 196 -15.78 -18.34 -30.75
CA HIS B 196 -15.82 -18.33 -30.76
C HIS B 196 -15.79 -16.82 -30.96
N HIS B 197 -16.72 -16.13 -30.36
CA HIS B 197 -16.86 -14.67 -30.55
C HIS B 197 -15.62 -14.01 -29.94
N ILE B 198 -15.30 -14.39 -28.72
CA ILE B 198 -14.10 -13.82 -28.06
C ILE B 198 -12.88 -14.11 -28.91
N SER B 199 -12.80 -15.27 -29.57
CA SER B 199 -11.62 -15.68 -30.35
CA SER B 199 -11.60 -15.68 -30.33
C SER B 199 -11.43 -14.81 -31.59
N GLU B 200 -12.41 -13.97 -31.97
CA GLU B 200 -12.22 -13.10 -33.17
CA GLU B 200 -12.31 -13.06 -33.16
C GLU B 200 -11.57 -11.77 -32.74
N LYS B 201 -11.45 -11.54 -31.44
CA LYS B 201 -11.01 -10.23 -30.92
C LYS B 201 -9.48 -10.22 -30.76
N ALA B 202 -8.90 -9.06 -30.49
CA ALA B 202 -7.43 -8.89 -30.50
C ALA B 202 -6.78 -9.61 -29.31
N PRO B 203 -5.99 -10.68 -29.49
CA PRO B 203 -5.47 -11.46 -28.37
C PRO B 203 -4.45 -10.77 -27.47
N LEU B 204 -3.65 -9.87 -28.02
CA LEU B 204 -2.62 -9.14 -27.23
C LEU B 204 -3.32 -8.12 -26.34
N ALA B 205 -4.41 -7.55 -26.81
CA ALA B 205 -5.24 -6.60 -26.01
C ALA B 205 -5.94 -7.37 -24.90
N ILE B 206 -6.56 -8.49 -25.23
CA ILE B 206 -7.20 -9.33 -24.20
C ILE B 206 -6.14 -9.68 -23.14
N ALA B 207 -4.95 -10.13 -23.53
CA ALA B 207 -3.94 -10.61 -22.57
C ALA B 207 -3.53 -9.48 -21.61
N VAL B 208 -3.25 -8.31 -22.13
CA VAL B 208 -2.76 -7.20 -21.26
C VAL B 208 -3.92 -6.71 -20.37
N ILE B 209 -5.16 -6.68 -20.87
CA ILE B 209 -6.30 -6.22 -20.04
C ILE B 209 -6.56 -7.25 -18.96
N LYS B 210 -6.45 -8.53 -19.27
CA LYS B 210 -6.65 -9.60 -18.25
C LYS B 210 -5.58 -9.43 -17.15
N GLU B 211 -4.34 -9.19 -17.54
CA GLU B 211 -3.21 -9.08 -16.58
C GLU B 211 -3.38 -7.80 -15.76
N GLU B 212 -3.85 -6.70 -16.35
CA GLU B 212 -4.11 -5.46 -15.60
C GLU B 212 -5.21 -5.73 -14.56
N LEU B 213 -6.26 -6.44 -14.95
CA LEU B 213 -7.36 -6.75 -13.98
C LEU B 213 -6.79 -7.62 -12.87
N ARG B 214 -5.92 -8.57 -13.22
CA ARG B 214 -5.35 -9.49 -12.22
C ARG B 214 -4.57 -8.67 -11.18
N VAL B 215 -3.71 -7.78 -11.63
CA VAL B 215 -2.86 -7.03 -10.65
CA VAL B 215 -2.85 -6.93 -10.73
C VAL B 215 -3.74 -6.05 -9.87
N LEU B 216 -4.71 -5.37 -10.49
CA LEU B 216 -5.62 -4.48 -9.73
C LEU B 216 -6.40 -5.31 -8.72
N GLY B 217 -6.79 -6.54 -9.09
CA GLY B 217 -7.57 -7.39 -8.17
C GLY B 217 -6.73 -7.83 -6.98
N GLU B 218 -5.43 -7.99 -7.16
CA GLU B 218 -4.55 -8.46 -6.06
C GLU B 218 -4.11 -7.31 -5.18
N ALA B 219 -4.27 -6.06 -5.64
CA ALA B 219 -3.58 -4.88 -5.06
C ALA B 219 -4.33 -4.36 -3.82
N HIS B 220 -4.70 -5.28 -2.91
CA HIS B 220 -5.14 -5.00 -1.55
C HIS B 220 -3.92 -5.30 -0.67
N THR B 221 -3.22 -4.29 -0.18
CA THR B 221 -1.87 -4.50 0.40
C THR B 221 -1.93 -4.29 1.91
N MET B 222 -1.07 -5.01 2.59
CA MET B 222 -1.01 -5.00 4.06
CA MET B 222 -1.02 -4.97 4.06
C MET B 222 0.44 -5.08 4.49
N ASN B 223 0.71 -4.71 5.71
CA ASN B 223 2.09 -4.82 6.20
C ASN B 223 2.40 -6.22 6.72
N SER B 224 3.68 -6.47 7.00
CA SER B 224 4.19 -7.81 7.35
C SER B 224 3.51 -8.29 8.62
N ASP B 225 3.32 -7.39 9.58
CA ASP B 225 2.83 -7.82 10.90
C ASP B 225 1.39 -8.32 10.73
N GLU B 226 0.61 -7.64 9.89
CA GLU B 226 -0.79 -8.09 9.67
C GLU B 226 -0.76 -9.50 9.08
N PHE B 227 0.04 -9.77 8.07
CA PHE B 227 0.14 -11.10 7.46
CA PHE B 227 0.13 -11.11 7.45
C PHE B 227 0.55 -12.16 8.50
N GLU B 228 1.58 -11.86 9.30
CA GLU B 228 2.11 -12.83 10.27
C GLU B 228 1.06 -13.07 11.36
N ARG B 229 0.26 -12.05 11.67
CA ARG B 229 -0.77 -12.22 12.71
C ARG B 229 -1.82 -13.21 12.16
N ILE B 230 -2.24 -13.02 10.91
CA ILE B 230 -3.24 -13.92 10.26
C ILE B 230 -2.67 -15.33 10.15
N GLN B 231 -1.41 -15.45 9.72
CA GLN B 231 -0.77 -16.78 9.66
C GLN B 231 -0.84 -17.44 11.04
N GLY B 232 -0.52 -16.71 12.11
CA GLY B 232 -0.61 -17.30 13.46
C GLY B 232 -2.01 -17.80 13.78
N MET B 233 -3.03 -17.04 13.40
CA MET B 233 -4.44 -17.43 13.67
C MET B 233 -4.75 -18.67 12.83
N ARG B 234 -4.31 -18.72 11.57
CA ARG B 234 -4.57 -19.90 10.72
C ARG B 234 -3.95 -21.13 11.38
N ARG B 235 -2.70 -21.00 11.82
CA ARG B 235 -1.96 -22.15 12.40
C ARG B 235 -2.69 -22.69 13.62
N ALA B 236 -3.27 -21.81 14.45
CA ALA B 236 -4.04 -22.23 15.63
C ALA B 236 -5.25 -23.04 15.15
N VAL B 237 -5.82 -22.72 13.99
CA VAL B 237 -6.95 -23.52 13.45
C VAL B 237 -6.46 -24.87 12.91
N TYR B 238 -5.40 -24.90 12.10
CA TYR B 238 -5.01 -26.19 11.47
C TYR B 238 -4.34 -27.09 12.54
N ASP B 239 -4.00 -26.55 13.70
CA ASP B 239 -3.50 -27.31 14.88
C ASP B 239 -4.64 -27.73 15.82
N SER B 240 -5.88 -27.33 15.56
CA SER B 240 -6.99 -27.45 16.53
C SER B 240 -7.51 -28.90 16.53
N GLU B 241 -8.16 -29.27 17.61
CA GLU B 241 -8.92 -30.55 17.65
C GLU B 241 -10.11 -30.49 16.70
N ASP B 242 -10.71 -29.31 16.54
CA ASP B 242 -11.85 -29.15 15.61
C ASP B 242 -11.43 -29.48 14.17
N TYR B 243 -10.20 -29.10 13.76
CA TYR B 243 -9.72 -29.41 12.41
C TYR B 243 -9.62 -30.94 12.21
N GLN B 244 -9.05 -31.62 13.17
CA GLN B 244 -9.00 -33.12 13.18
C GLN B 244 -10.43 -33.68 13.11
N GLU B 245 -11.31 -33.24 13.99
CA GLU B 245 -12.75 -33.67 14.05
C GLU B 245 -13.42 -33.44 12.70
N GLY B 246 -13.20 -32.31 12.02
CA GLY B 246 -13.85 -32.08 10.71
C GLY B 246 -13.45 -33.12 9.67
N MET B 247 -12.16 -33.38 9.58
CA MET B 247 -11.61 -34.33 8.59
C MET B 247 -12.19 -35.73 8.88
N ASN B 248 -12.03 -36.14 10.13
CA ASN B 248 -12.39 -37.52 10.61
C ASN B 248 -13.88 -37.74 10.40
N ALA B 249 -14.71 -36.77 10.82
CA ALA B 249 -16.17 -36.82 10.62
C ALA B 249 -16.48 -36.99 9.12
N PHE B 250 -15.81 -36.25 8.23
CA PHE B 250 -16.13 -36.34 6.78
C PHE B 250 -15.86 -37.78 6.33
N LEU B 251 -14.71 -38.31 6.69
CA LEU B 251 -14.22 -39.61 6.19
C LEU B 251 -15.03 -40.76 6.81
N GLU B 252 -15.50 -40.63 8.06
CA GLU B 252 -16.31 -41.64 8.79
C GLU B 252 -17.81 -41.47 8.51
N LYS B 253 -18.19 -40.49 7.71
CA LYS B 253 -19.58 -40.19 7.27
C LYS B 253 -20.51 -39.93 8.45
N ARG B 254 -20.11 -39.08 9.40
CA ARG B 254 -20.91 -38.69 10.58
C ARG B 254 -20.88 -37.18 10.72
N LYS B 255 -21.78 -36.65 11.55
CA LYS B 255 -21.91 -35.20 11.84
C LYS B 255 -20.73 -34.82 12.73
N PRO B 256 -19.90 -33.79 12.42
CA PRO B 256 -18.84 -33.41 13.37
C PRO B 256 -19.41 -32.72 14.61
N ASN B 257 -18.71 -32.85 15.71
CA ASN B 257 -19.02 -32.15 16.97
C ASN B 257 -17.91 -31.13 17.22
N PHE B 258 -18.10 -29.88 16.76
CA PHE B 258 -17.08 -28.81 16.95
C PHE B 258 -17.28 -28.14 18.32
N VAL B 259 -16.18 -27.91 19.02
CA VAL B 259 -16.21 -27.43 20.43
C VAL B 259 -15.47 -26.10 20.56
N GLY B 260 -14.72 -25.67 19.55
CA GLY B 260 -14.00 -24.37 19.64
C GLY B 260 -12.61 -24.52 20.22
N HIS B 261 -11.98 -25.66 20.09
CA HIS B 261 -10.50 -25.77 20.28
C HIS B 261 -9.94 -26.91 19.44
N ALA C 2 -20.02 31.63 -25.04
CA ALA C 2 -20.57 30.29 -24.77
C ALA C 2 -19.60 29.27 -25.38
N TYR C 3 -20.10 28.14 -25.88
CA TYR C 3 -19.26 26.99 -26.27
C TYR C 3 -19.72 26.48 -27.62
N GLN C 4 -18.78 26.10 -28.48
CA GLN C 4 -19.09 25.59 -29.82
C GLN C 4 -19.67 24.18 -29.69
N TYR C 5 -19.13 23.34 -28.80
CA TYR C 5 -19.35 21.88 -28.89
C TYR C 5 -20.27 21.38 -27.76
N VAL C 6 -20.66 22.23 -26.83
CA VAL C 6 -21.69 21.92 -25.76
C VAL C 6 -22.68 23.08 -25.62
N ASN C 7 -23.87 22.76 -25.11
CA ASN C 7 -24.95 23.71 -24.79
C ASN C 7 -25.21 23.54 -23.30
N VAL C 8 -25.27 24.62 -22.54
CA VAL C 8 -25.53 24.55 -21.08
C VAL C 8 -26.85 25.23 -20.77
N VAL C 9 -27.72 24.56 -20.04
CA VAL C 9 -29.01 25.12 -19.53
C VAL C 9 -28.97 25.03 -17.99
N THR C 10 -29.21 26.13 -17.28
CA THR C 10 -29.29 26.11 -15.79
C THR C 10 -30.75 26.23 -15.36
N ILE C 11 -31.21 25.26 -14.56
CA ILE C 11 -32.55 25.20 -13.96
C ILE C 11 -32.36 25.21 -12.47
N ASN C 12 -32.61 26.36 -11.83
CA ASN C 12 -32.42 26.59 -10.37
C ASN C 12 -30.93 26.30 -10.06
N LYS C 13 -30.61 25.21 -9.37
CA LYS C 13 -29.19 24.90 -9.00
C LYS C 13 -28.65 23.76 -9.86
N VAL C 14 -29.39 23.33 -10.87
CA VAL C 14 -28.93 22.21 -11.74
C VAL C 14 -28.45 22.72 -13.08
N ALA C 15 -27.28 22.30 -13.55
CA ALA C 15 -26.77 22.63 -14.90
C ALA C 15 -26.82 21.38 -15.76
N VAL C 16 -27.43 21.52 -16.91
CA VAL C 16 -27.57 20.43 -17.89
C VAL C 16 -26.59 20.76 -19.00
N ILE C 17 -25.62 19.89 -19.18
CA ILE C 17 -24.62 20.05 -20.28
C ILE C 17 -25.00 19.08 -21.40
N GLU C 18 -25.42 19.63 -22.55
CA GLU C 18 -25.88 18.86 -23.71
C GLU C 18 -24.73 18.83 -24.75
N PHE C 19 -24.32 17.64 -25.15
CA PHE C 19 -23.28 17.51 -26.21
C PHE C 19 -23.78 18.15 -27.52
N ASN C 20 -22.90 18.85 -28.24
CA ASN C 20 -23.25 19.54 -29.52
C ASN C 20 -22.18 19.19 -30.57
N TYR C 21 -21.90 17.88 -30.71
CA TYR C 21 -20.88 17.36 -31.65
C TYR C 21 -21.45 16.20 -32.44
N GLY C 22 -22.71 16.30 -32.87
CA GLY C 22 -23.47 15.19 -33.49
C GLY C 22 -22.93 14.77 -34.85
N ARG C 23 -22.27 15.65 -35.57
CA ARG C 23 -21.68 15.32 -36.89
C ARG C 23 -20.56 14.27 -36.71
N LYS C 24 -19.99 14.12 -35.51
CA LYS C 24 -19.07 12.98 -35.24
C LYS C 24 -19.67 12.14 -34.13
N LEU C 25 -20.99 12.15 -33.98
CA LEU C 25 -21.70 11.29 -32.99
C LEU C 25 -21.06 11.46 -31.60
N ASN C 26 -20.67 12.69 -31.25
CA ASN C 26 -20.14 13.05 -29.91
C ASN C 26 -18.95 12.15 -29.62
N ALA C 27 -18.15 11.81 -30.63
CA ALA C 27 -16.82 11.18 -30.39
C ALA C 27 -15.96 12.11 -29.55
N LEU C 28 -15.09 11.56 -28.71
CA LEU C 28 -14.30 12.35 -27.75
C LEU C 28 -13.08 12.98 -28.43
N SER C 29 -13.28 13.77 -29.48
CA SER C 29 -12.21 14.62 -30.03
C SER C 29 -11.71 15.60 -28.97
N LYS C 30 -10.44 15.97 -29.09
CA LYS C 30 -9.84 17.02 -28.27
C LYS C 30 -10.71 18.29 -28.27
N VAL C 31 -11.23 18.76 -29.41
CA VAL C 31 -11.95 20.06 -29.44
C VAL C 31 -13.23 19.92 -28.61
N PHE C 32 -13.88 18.78 -28.69
CA PHE C 32 -15.15 18.50 -27.97
C PHE C 32 -14.85 18.40 -26.47
N ILE C 33 -13.83 17.62 -26.10
CA ILE C 33 -13.48 17.42 -24.67
C ILE C 33 -12.97 18.73 -24.07
N ASP C 34 -12.22 19.54 -24.83
CA ASP C 34 -11.71 20.82 -24.27
C ASP C 34 -12.93 21.71 -23.92
N ASP C 35 -13.94 21.74 -24.77
CA ASP C 35 -15.20 22.49 -24.51
C ASP C 35 -15.95 21.89 -23.31
N LEU C 36 -16.12 20.58 -23.25
CA LEU C 36 -16.82 19.97 -22.08
CA LEU C 36 -16.77 19.91 -22.08
C LEU C 36 -16.07 20.33 -20.79
N MET C 37 -14.76 20.25 -20.76
CA MET C 37 -13.97 20.56 -19.55
C MET C 37 -14.09 22.04 -19.18
N GLN C 38 -14.08 22.95 -20.15
CA GLN C 38 -14.22 24.41 -19.87
C GLN C 38 -15.60 24.66 -19.29
N ALA C 39 -16.64 24.07 -19.87
CA ALA C 39 -18.04 24.23 -19.42
C ALA C 39 -18.18 23.71 -17.99
N LEU C 40 -17.57 22.56 -17.70
CA LEU C 40 -17.57 22.00 -16.33
CA LEU C 40 -17.55 22.02 -16.31
C LEU C 40 -16.82 22.97 -15.40
N SER C 41 -15.60 23.42 -15.76
CA SER C 41 -14.84 24.35 -14.90
C SER C 41 -15.68 25.61 -14.59
N ASP C 42 -16.34 26.16 -15.60
CA ASP C 42 -17.15 27.41 -15.48
C ASP C 42 -18.35 27.20 -14.55
N LEU C 43 -18.79 25.95 -14.36
CA LEU C 43 -19.93 25.59 -13.48
C LEU C 43 -19.47 25.29 -12.06
N ASN C 44 -18.17 25.36 -11.77
CA ASN C 44 -17.66 25.15 -10.41
C ASN C 44 -17.85 26.45 -9.62
N ARG C 45 -19.09 26.71 -9.22
CA ARG C 45 -19.53 27.96 -8.54
C ARG C 45 -20.50 27.54 -7.46
N PRO C 46 -20.59 28.26 -6.34
CA PRO C 46 -21.45 27.85 -5.25
C PRO C 46 -22.94 27.68 -5.54
N GLU C 47 -23.44 28.39 -6.56
CA GLU C 47 -24.90 28.46 -6.88
C GLU C 47 -25.26 27.27 -7.78
N ILE C 48 -24.25 26.50 -8.25
CA ILE C 48 -24.50 25.23 -9.00
C ILE C 48 -24.31 24.06 -8.04
N ARG C 49 -25.25 23.13 -7.98
CA ARG C 49 -25.17 22.04 -6.97
CA ARG C 49 -25.16 22.05 -6.96
C ARG C 49 -25.13 20.64 -7.59
N CYS C 50 -25.49 20.53 -8.87
CA CYS C 50 -25.53 19.22 -9.56
C CYS C 50 -25.45 19.45 -11.05
N ILE C 51 -24.76 18.56 -11.74
CA ILE C 51 -24.56 18.61 -13.18
C ILE C 51 -25.22 17.37 -13.78
N ILE C 52 -25.85 17.56 -14.92
CA ILE C 52 -26.33 16.45 -15.78
C ILE C 52 -25.54 16.50 -17.08
N LEU C 53 -24.95 15.38 -17.51
CA LEU C 53 -24.35 15.27 -18.85
C LEU C 53 -25.35 14.50 -19.71
N ARG C 54 -25.64 15.00 -20.91
CA ARG C 54 -26.58 14.33 -21.83
C ARG C 54 -26.20 14.54 -23.27
N ALA C 55 -26.64 13.64 -24.13
CA ALA C 55 -26.74 13.85 -25.59
C ALA C 55 -28.03 14.57 -25.88
N PRO C 56 -28.16 15.18 -27.07
CA PRO C 56 -29.44 15.75 -27.45
C PRO C 56 -30.60 14.74 -27.42
N SER C 57 -31.74 15.26 -27.01
CA SER C 57 -33.02 14.54 -26.99
C SER C 57 -33.21 13.85 -28.34
N GLY C 58 -33.51 12.55 -28.32
CA GLY C 58 -33.74 11.74 -29.52
C GLY C 58 -32.49 11.11 -30.11
N SER C 59 -31.30 11.35 -29.52
CA SER C 59 -30.02 10.84 -30.10
C SER C 59 -30.08 9.32 -30.20
N LYS C 60 -29.73 8.76 -31.35
CA LYS C 60 -29.46 7.32 -31.49
C LYS C 60 -28.13 6.94 -30.82
N VAL C 61 -27.12 7.80 -30.93
CA VAL C 61 -25.78 7.57 -30.35
C VAL C 61 -25.52 8.63 -29.29
N PHE C 62 -25.40 8.17 -28.05
CA PHE C 62 -24.96 9.04 -26.92
C PHE C 62 -23.55 9.55 -27.20
N SER C 63 -22.60 8.65 -27.40
CA SER C 63 -21.23 8.97 -27.81
C SER C 63 -20.60 7.74 -28.46
N ALA C 64 -19.91 7.99 -29.56
CA ALA C 64 -19.21 6.96 -30.34
C ALA C 64 -17.82 6.66 -29.78
N GLY C 65 -17.48 7.24 -28.64
CA GLY C 65 -16.24 6.92 -27.91
C GLY C 65 -15.09 7.75 -28.37
N HIS C 66 -13.87 7.27 -28.14
CA HIS C 66 -12.62 7.96 -28.50
C HIS C 66 -12.62 8.23 -30.02
N ASP C 67 -12.13 9.39 -30.43
CA ASP C 67 -11.99 9.71 -31.86
C ASP C 67 -10.85 8.86 -32.45
N ILE C 68 -11.17 7.90 -33.30
CA ILE C 68 -10.16 6.92 -33.79
C ILE C 68 -9.19 7.64 -34.74
N HIS C 69 -9.61 8.72 -35.40
CA HIS C 69 -8.69 9.55 -36.23
C HIS C 69 -7.60 10.18 -35.36
N GLU C 70 -7.88 10.48 -34.09
CA GLU C 70 -6.92 11.18 -33.20
C GLU C 70 -6.08 10.20 -32.40
N LEU C 71 -6.46 8.91 -32.33
CA LEU C 71 -5.66 7.87 -31.64
C LEU C 71 -4.27 7.87 -32.24
N PRO C 72 -3.19 8.08 -31.44
CA PRO C 72 -1.83 7.86 -31.92
C PRO C 72 -1.81 6.53 -32.70
N SER C 73 -1.71 6.62 -34.03
CA SER C 73 -1.75 5.48 -34.98
C SER C 73 -0.33 5.06 -35.36
N GLY C 74 0.68 5.89 -35.03
CA GLY C 74 2.10 5.53 -35.07
C GLY C 74 2.36 4.38 -34.10
N GLY C 75 3.37 4.52 -33.24
CA GLY C 75 3.68 3.51 -32.22
C GLY C 75 3.82 4.13 -30.84
N ARG C 76 3.04 5.16 -30.52
CA ARG C 76 3.06 5.79 -29.16
C ARG C 76 1.78 5.42 -28.40
N ASP C 77 1.79 5.65 -27.08
CA ASP C 77 0.70 5.24 -26.15
C ASP C 77 -0.57 6.00 -26.53
N PRO C 78 -1.66 5.32 -26.90
CA PRO C 78 -2.92 6.00 -27.20
C PRO C 78 -3.66 6.57 -25.98
N LEU C 79 -3.29 6.16 -24.77
CA LEU C 79 -4.04 6.49 -23.53
C LEU C 79 -3.04 6.95 -22.46
N SER C 80 -2.19 7.90 -22.85
CA SER C 80 -1.22 8.55 -21.95
C SER C 80 -1.96 9.55 -21.06
N TYR C 81 -1.26 10.03 -20.04
CA TYR C 81 -1.89 10.77 -18.92
C TYR C 81 -2.65 11.99 -19.43
N ASP C 82 -2.16 12.67 -20.47
CA ASP C 82 -2.82 13.93 -20.92
C ASP C 82 -3.66 13.70 -22.19
N ASP C 83 -3.98 12.48 -22.52
CA ASP C 83 -5.01 12.20 -23.56
C ASP C 83 -6.33 12.80 -23.09
N PRO C 84 -7.16 13.40 -23.99
CA PRO C 84 -8.48 13.94 -23.60
C PRO C 84 -9.38 13.02 -22.77
N LEU C 85 -9.53 11.73 -23.09
CA LEU C 85 -10.40 10.82 -22.28
C LEU C 85 -9.80 10.72 -20.86
N ARG C 86 -8.47 10.63 -20.74
CA ARG C 86 -7.83 10.52 -19.41
C ARG C 86 -8.07 11.84 -18.66
N GLN C 87 -8.00 12.98 -19.35
CA GLN C 87 -8.22 14.28 -18.67
C GLN C 87 -9.68 14.35 -18.18
N ILE C 88 -10.66 14.02 -19.01
CA ILE C 88 -12.08 14.30 -18.64
C ILE C 88 -12.51 13.35 -17.50
N THR C 89 -12.03 12.11 -17.46
CA THR C 89 -12.42 11.21 -16.34
C THR C 89 -11.79 11.72 -15.03
N ARG C 90 -10.54 12.19 -15.05
CA ARG C 90 -9.97 12.80 -13.82
C ARG C 90 -10.82 14.00 -13.39
N MET C 91 -11.19 14.87 -14.35
CA MET C 91 -11.93 16.09 -13.99
C MET C 91 -13.30 15.72 -13.43
N ILE C 92 -14.01 14.79 -14.05
CA ILE C 92 -15.34 14.36 -13.53
C ILE C 92 -15.20 13.84 -12.09
N GLN C 93 -14.19 13.03 -11.83
CA GLN C 93 -14.02 12.35 -10.53
C GLN C 93 -13.61 13.37 -9.45
N LYS C 94 -12.88 14.42 -9.81
CA LYS C 94 -12.38 15.41 -8.82
C LYS C 94 -13.39 16.55 -8.63
N PHE C 95 -14.42 16.60 -9.47
CA PHE C 95 -15.39 17.72 -9.52
C PHE C 95 -16.18 17.72 -8.24
N PRO C 96 -16.25 18.84 -7.50
CA PRO C 96 -16.86 18.81 -6.19
C PRO C 96 -18.39 18.74 -6.17
N LYS C 97 -19.04 18.57 -7.30
CA LYS C 97 -20.50 18.46 -7.35
C LYS C 97 -20.79 17.09 -7.95
N PRO C 98 -21.95 16.49 -7.68
CA PRO C 98 -22.36 15.29 -8.36
C PRO C 98 -22.55 15.58 -9.84
N ILE C 99 -22.17 14.58 -10.63
CA ILE C 99 -22.31 14.59 -12.10
C ILE C 99 -23.11 13.35 -12.43
N ILE C 100 -24.27 13.58 -12.98
CA ILE C 100 -25.20 12.50 -13.41
C ILE C 100 -25.07 12.37 -14.92
N SER C 101 -24.83 11.16 -15.39
CA SER C 101 -24.91 10.85 -16.82
C SER C 101 -26.35 10.42 -17.08
N MET C 102 -27.02 11.15 -17.96
CA MET C 102 -28.42 10.92 -18.37
C MET C 102 -28.34 10.41 -19.80
N VAL C 103 -28.49 9.11 -19.96
CA VAL C 103 -28.13 8.44 -21.23
C VAL C 103 -29.35 8.08 -22.06
N GLU C 104 -29.35 8.56 -23.29
CA GLU C 104 -30.24 8.13 -24.37
C GLU C 104 -29.31 7.77 -25.52
N GLY C 105 -29.52 6.59 -26.10
CA GLY C 105 -28.73 6.12 -27.24
C GLY C 105 -27.63 5.17 -26.84
N SER C 106 -26.78 4.86 -27.78
CA SER C 106 -25.72 3.86 -27.66
C SER C 106 -24.42 4.52 -27.15
N VAL C 107 -23.74 3.82 -26.25
CA VAL C 107 -22.51 4.30 -25.58
C VAL C 107 -21.37 3.34 -25.91
N TRP C 108 -20.23 3.83 -26.41
CA TRP C 108 -19.12 3.01 -26.96
C TRP C 108 -17.79 3.32 -26.28
N GLY C 109 -17.10 2.30 -25.80
CA GLY C 109 -15.67 2.38 -25.48
C GLY C 109 -15.34 3.48 -24.49
N GLY C 110 -14.51 4.45 -24.89
CA GLY C 110 -14.09 5.54 -24.00
C GLY C 110 -15.28 6.28 -23.42
N ALA C 111 -16.36 6.42 -24.16
CA ALA C 111 -17.59 7.08 -23.65
C ALA C 111 -18.21 6.24 -22.54
N PHE C 112 -18.06 4.91 -22.60
CA PHE C 112 -18.56 4.03 -21.53
C PHE C 112 -17.70 4.29 -20.27
N GLU C 113 -16.38 4.32 -20.42
CA GLU C 113 -15.53 4.68 -19.28
C GLU C 113 -15.91 6.04 -18.71
N MET C 114 -16.17 7.01 -19.56
CA MET C 114 -16.55 8.37 -19.13
C MET C 114 -17.82 8.34 -18.28
N ILE C 115 -18.88 7.64 -18.69
CA ILE C 115 -20.11 7.62 -17.83
C ILE C 115 -19.83 6.80 -16.56
N MET C 116 -18.98 5.78 -16.65
CA MET C 116 -18.67 4.97 -15.44
C MET C 116 -17.92 5.85 -14.42
N SER C 117 -17.16 6.83 -14.88
CA SER C 117 -16.39 7.75 -14.00
C SER C 117 -17.33 8.75 -13.30
N SER C 118 -18.53 9.00 -13.85
CA SER C 118 -19.49 9.92 -13.28
C SER C 118 -20.18 9.29 -12.06
N ASP C 119 -20.95 10.08 -11.32
CA ASP C 119 -21.47 9.69 -9.99
C ASP C 119 -22.68 8.75 -10.07
N LEU C 120 -23.60 9.02 -10.98
CA LEU C 120 -24.86 8.27 -11.14
C LEU C 120 -25.15 8.19 -12.63
N ILE C 121 -25.80 7.12 -13.04
CA ILE C 121 -26.20 6.92 -14.45
C ILE C 121 -27.69 6.58 -14.44
N ILE C 122 -28.46 7.38 -15.15
CA ILE C 122 -29.89 7.13 -15.36
C ILE C 122 -30.01 6.96 -16.88
N ALA C 123 -30.61 5.88 -17.31
CA ALA C 123 -30.64 5.56 -18.75
C ALA C 123 -32.05 5.28 -19.27
N ALA C 124 -32.26 5.61 -20.53
CA ALA C 124 -33.47 5.22 -21.27
C ALA C 124 -33.48 3.69 -21.43
N SER C 125 -34.68 3.12 -21.47
CA SER C 125 -34.85 1.66 -21.61
C SER C 125 -34.25 1.17 -22.94
N THR C 126 -34.04 2.03 -23.93
CA THR C 126 -33.52 1.64 -25.26
C THR C 126 -32.01 1.88 -25.41
N SER C 127 -31.36 2.44 -24.38
CA SER C 127 -29.92 2.73 -24.43
C SER C 127 -29.14 1.41 -24.44
N THR C 128 -27.92 1.43 -24.97
CA THR C 128 -27.06 0.24 -25.05
C THR C 128 -25.62 0.64 -24.74
N PHE C 129 -24.79 -0.31 -24.32
CA PHE C 129 -23.47 -0.02 -23.73
C PHE C 129 -22.48 -1.06 -24.24
N SER C 130 -21.33 -0.62 -24.73
CA SER C 130 -20.28 -1.59 -25.11
C SER C 130 -18.91 -1.05 -24.74
N MET C 131 -18.01 -1.96 -24.40
CA MET C 131 -16.61 -1.57 -24.16
C MET C 131 -15.77 -2.23 -25.24
N THR C 132 -15.08 -1.44 -26.07
CA THR C 132 -14.61 -1.89 -27.40
C THR C 132 -13.09 -2.04 -27.61
N PRO C 133 -12.16 -1.91 -26.64
CA PRO C 133 -10.74 -1.98 -26.99
C PRO C 133 -10.28 -3.26 -27.72
N VAL C 134 -10.91 -4.40 -27.43
CA VAL C 134 -10.49 -5.68 -28.07
C VAL C 134 -10.97 -5.75 -29.53
N ASN C 135 -11.79 -4.83 -29.97
CA ASN C 135 -12.18 -4.71 -31.39
C ASN C 135 -11.08 -4.02 -32.15
N LEU C 136 -10.33 -3.12 -31.49
CA LEU C 136 -9.35 -2.22 -32.16
C LEU C 136 -7.93 -2.67 -31.83
N GLY C 137 -7.73 -3.58 -30.87
CA GLY C 137 -6.40 -4.01 -30.48
C GLY C 137 -5.76 -3.07 -29.47
N VAL C 138 -6.56 -2.27 -28.77
CA VAL C 138 -6.04 -1.19 -27.89
C VAL C 138 -5.66 -1.79 -26.54
N PRO C 139 -4.46 -1.48 -25.99
CA PRO C 139 -4.11 -1.86 -24.63
C PRO C 139 -4.61 -0.81 -23.64
N TYR C 140 -5.83 -0.98 -23.18
CA TYR C 140 -6.45 -0.02 -22.27
C TYR C 140 -5.52 0.13 -21.05
N ASN C 141 -5.45 1.31 -20.46
CA ASN C 141 -4.47 1.59 -19.40
C ASN C 141 -5.05 1.19 -18.04
N LEU C 142 -4.18 1.04 -17.04
CA LEU C 142 -4.58 0.64 -15.67
C LEU C 142 -5.67 1.57 -15.11
N VAL C 143 -5.46 2.89 -15.14
CA VAL C 143 -6.46 3.79 -14.52
C VAL C 143 -7.82 3.58 -15.19
N GLY C 144 -7.81 3.48 -16.50
CA GLY C 144 -9.03 3.30 -17.32
C GLY C 144 -9.75 2.03 -16.95
N ILE C 145 -9.02 0.92 -16.89
CA ILE C 145 -9.59 -0.40 -16.48
C ILE C 145 -10.14 -0.31 -15.06
N HIS C 146 -9.42 0.34 -14.15
CA HIS C 146 -9.84 0.43 -12.73
C HIS C 146 -11.18 1.16 -12.67
N ASN C 147 -11.38 2.16 -13.54
CA ASN C 147 -12.64 2.96 -13.61
C ASN C 147 -13.84 2.08 -13.96
N LEU C 148 -13.60 0.90 -14.58
CA LEU C 148 -14.68 -0.02 -14.98
C LEU C 148 -14.98 -1.08 -13.91
N THR C 149 -14.27 -1.11 -12.80
CA THR C 149 -14.36 -2.23 -11.85
C THR C 149 -15.08 -1.87 -10.57
N ARG C 150 -15.72 -0.69 -10.45
CA ARG C 150 -16.28 -0.32 -9.13
C ARG C 150 -17.80 -0.55 -9.04
N ASP C 151 -18.42 -1.08 -10.09
CA ASP C 151 -19.91 -1.23 -10.11
C ASP C 151 -20.31 -2.71 -10.27
N ALA C 152 -20.04 -3.32 -11.40
CA ALA C 152 -20.26 -4.76 -11.62
C ALA C 152 -19.04 -5.56 -11.13
N GLY C 153 -19.21 -6.86 -10.93
CA GLY C 153 -18.12 -7.76 -10.53
C GLY C 153 -17.16 -8.09 -11.66
N PHE C 154 -16.04 -8.73 -11.32
CA PHE C 154 -14.93 -9.05 -12.25
C PHE C 154 -15.44 -9.91 -13.40
N HIS C 155 -16.22 -10.94 -13.12
CA HIS C 155 -16.69 -11.81 -14.23
C HIS C 155 -17.48 -10.96 -15.24
N ILE C 156 -18.32 -10.06 -14.77
CA ILE C 156 -19.19 -9.26 -15.67
C ILE C 156 -18.31 -8.32 -16.47
N VAL C 157 -17.34 -7.66 -15.83
CA VAL C 157 -16.40 -6.74 -16.52
C VAL C 157 -15.59 -7.48 -17.59
N LYS C 158 -15.13 -8.68 -17.30
CA LYS C 158 -14.36 -9.51 -18.26
C LYS C 158 -15.27 -9.87 -19.43
N GLU C 159 -16.52 -10.23 -19.17
CA GLU C 159 -17.44 -10.55 -20.28
C GLU C 159 -17.57 -9.30 -21.16
N LEU C 160 -17.81 -8.13 -20.55
CA LEU C 160 -18.04 -6.90 -21.37
C LEU C 160 -16.83 -6.60 -22.23
N ILE C 161 -15.64 -6.69 -21.63
CA ILE C 161 -14.38 -6.33 -22.32
C ILE C 161 -13.99 -7.41 -23.32
N PHE C 162 -14.02 -8.69 -22.95
CA PHE C 162 -13.48 -9.72 -23.86
C PHE C 162 -14.43 -9.90 -25.04
N THR C 163 -15.73 -9.67 -24.90
CA THR C 163 -16.71 -9.86 -26.03
C THR C 163 -16.84 -8.59 -26.84
N ALA C 164 -16.69 -7.41 -26.22
CA ALA C 164 -16.98 -6.10 -26.79
C ALA C 164 -18.45 -6.08 -27.32
N SER C 165 -19.31 -6.91 -26.76
CA SER C 165 -20.74 -7.03 -27.17
C SER C 165 -21.52 -5.98 -26.42
N PRO C 166 -22.52 -5.35 -27.08
CA PRO C 166 -23.44 -4.46 -26.41
C PRO C 166 -24.28 -5.18 -25.35
N ILE C 167 -24.53 -4.48 -24.26
CA ILE C 167 -25.57 -4.94 -23.31
C ILE C 167 -26.68 -3.91 -23.28
N THR C 168 -27.85 -4.39 -22.93
CA THR C 168 -29.08 -3.59 -22.84
C THR C 168 -29.04 -2.79 -21.54
N ALA C 169 -29.89 -1.78 -21.46
CA ALA C 169 -30.06 -1.02 -20.22
C ALA C 169 -30.53 -1.95 -19.11
N GLN C 170 -31.43 -2.89 -19.43
CA GLN C 170 -31.99 -3.79 -18.41
C GLN C 170 -30.86 -4.63 -17.81
N ARG C 171 -29.98 -5.16 -18.65
CA ARG C 171 -28.86 -5.99 -18.16
C ARG C 171 -27.93 -5.08 -17.34
N ALA C 172 -27.62 -3.89 -17.83
CA ALA C 172 -26.69 -2.95 -17.17
C ALA C 172 -27.25 -2.63 -15.77
N LEU C 173 -28.56 -2.49 -15.64
CA LEU C 173 -29.21 -2.22 -14.33
C LEU C 173 -29.04 -3.45 -13.42
N ALA C 174 -29.26 -4.64 -13.95
CA ALA C 174 -29.24 -5.88 -13.17
C ALA C 174 -27.84 -6.13 -12.61
N VAL C 175 -26.78 -5.80 -13.34
CA VAL C 175 -25.37 -6.13 -12.93
C VAL C 175 -24.77 -4.98 -12.12
N GLY C 176 -25.49 -3.87 -11.95
CA GLY C 176 -25.10 -2.80 -11.02
C GLY C 176 -24.37 -1.66 -11.71
N ILE C 177 -24.38 -1.61 -13.05
CA ILE C 177 -23.73 -0.49 -13.81
C ILE C 177 -24.60 0.77 -13.73
N LEU C 178 -25.93 0.68 -13.81
CA LEU C 178 -26.83 1.83 -13.89
C LEU C 178 -27.56 1.96 -12.56
N ASN C 179 -27.98 3.18 -12.23
CA ASN C 179 -28.81 3.42 -11.04
C ASN C 179 -30.26 3.10 -11.39
N HIS C 180 -30.75 3.66 -12.50
CA HIS C 180 -32.18 3.59 -12.89
C HIS C 180 -32.27 3.48 -14.40
N VAL C 181 -33.31 2.76 -14.82
CA VAL C 181 -33.74 2.69 -16.24
C VAL C 181 -35.17 3.21 -16.30
N VAL C 182 -35.45 4.13 -17.19
CA VAL C 182 -36.83 4.65 -17.31
C VAL C 182 -37.20 4.73 -18.79
N GLU C 183 -38.49 4.79 -19.07
CA GLU C 183 -38.96 5.06 -20.46
C GLU C 183 -38.35 6.37 -20.98
N VAL C 184 -38.04 6.45 -22.26
CA VAL C 184 -37.36 7.65 -22.82
C VAL C 184 -38.18 8.94 -22.55
N GLU C 185 -39.50 8.86 -22.56
CA GLU C 185 -40.40 10.03 -22.32
C GLU C 185 -40.30 10.54 -20.86
N GLU C 186 -39.84 9.73 -19.91
CA GLU C 186 -39.73 10.05 -18.46
C GLU C 186 -38.27 10.42 -18.10
N LEU C 187 -37.33 10.28 -19.01
CA LEU C 187 -35.89 10.41 -18.69
C LEU C 187 -35.59 11.80 -18.10
N GLU C 188 -36.00 12.88 -18.76
CA GLU C 188 -35.71 14.23 -18.24
C GLU C 188 -36.42 14.43 -16.91
N ASP C 189 -37.70 14.04 -16.79
CA ASP C 189 -38.49 14.27 -15.56
C ASP C 189 -37.82 13.55 -14.40
N PHE C 190 -37.46 12.28 -14.59
CA PHE C 190 -36.86 11.46 -13.49
C PHE C 190 -35.50 12.04 -13.06
N THR C 191 -34.66 12.37 -14.04
CA THR C 191 -33.25 12.78 -13.78
C THR C 191 -33.23 14.14 -13.11
N LEU C 192 -34.09 15.05 -13.59
CA LEU C 192 -34.14 16.40 -12.99
C LEU C 192 -34.76 16.34 -11.61
N GLN C 193 -35.79 15.53 -11.38
CA GLN C 193 -36.35 15.38 -10.01
C GLN C 193 -35.21 14.97 -9.07
N MET C 194 -34.37 14.03 -9.48
CA MET C 194 -33.28 13.58 -8.59
C MET C 194 -32.22 14.70 -8.42
N ALA C 195 -31.84 15.37 -9.49
CA ALA C 195 -30.82 16.45 -9.47
C ALA C 195 -31.30 17.59 -8.58
N HIS C 196 -32.56 17.97 -8.69
CA HIS C 196 -33.11 19.05 -7.84
CA HIS C 196 -33.13 19.04 -7.84
C HIS C 196 -33.13 18.63 -6.37
N HIS C 197 -33.46 17.38 -6.08
CA HIS C 197 -33.47 16.80 -4.70
C HIS C 197 -32.05 16.89 -4.12
N ILE C 198 -31.05 16.45 -4.89
CA ILE C 198 -29.61 16.52 -4.48
C ILE C 198 -29.22 17.96 -4.19
N SER C 199 -29.73 18.89 -4.99
CA SER C 199 -29.38 20.31 -4.92
C SER C 199 -29.91 20.96 -3.62
N GLU C 200 -30.79 20.29 -2.89
CA GLU C 200 -31.25 20.76 -1.55
C GLU C 200 -30.31 20.36 -0.41
N LYS C 201 -29.34 19.50 -0.69
CA LYS C 201 -28.54 18.84 0.38
C LYS C 201 -27.29 19.65 0.61
N ALA C 202 -26.48 19.24 1.58
CA ALA C 202 -25.32 20.03 1.99
C ALA C 202 -24.16 19.85 1.00
N PRO C 203 -23.82 20.86 0.20
CA PRO C 203 -22.81 20.67 -0.83
C PRO C 203 -21.40 20.35 -0.31
N LEU C 204 -21.01 20.90 0.83
CA LEU C 204 -19.63 20.65 1.33
C LEU C 204 -19.53 19.22 1.82
N ALA C 205 -20.61 18.67 2.38
CA ALA C 205 -20.64 17.27 2.81
C ALA C 205 -20.60 16.38 1.55
N ILE C 206 -21.38 16.74 0.52
CA ILE C 206 -21.36 15.95 -0.74
C ILE C 206 -19.93 15.98 -1.31
N ALA C 207 -19.28 17.13 -1.38
CA ALA C 207 -17.97 17.25 -2.03
C ALA C 207 -16.96 16.39 -1.26
N VAL C 208 -16.92 16.45 0.07
CA VAL C 208 -15.85 15.70 0.80
C VAL C 208 -16.12 14.20 0.71
N ILE C 209 -17.39 13.76 0.74
CA ILE C 209 -17.73 12.32 0.69
C ILE C 209 -17.39 11.83 -0.73
N LYS C 210 -17.66 12.62 -1.76
CA LYS C 210 -17.27 12.22 -3.14
C LYS C 210 -15.74 12.02 -3.23
N GLU C 211 -14.96 12.94 -2.67
CA GLU C 211 -13.49 12.86 -2.70
C GLU C 211 -13.01 11.67 -1.88
N GLU C 212 -13.67 11.35 -0.76
CA GLU C 212 -13.32 10.16 0.05
C GLU C 212 -13.56 8.91 -0.77
N LEU C 213 -14.68 8.82 -1.49
CA LEU C 213 -14.94 7.64 -2.36
C LEU C 213 -13.90 7.61 -3.45
N ARG C 214 -13.54 8.74 -4.02
CA ARG C 214 -12.54 8.76 -5.14
C ARG C 214 -11.24 8.16 -4.63
N VAL C 215 -10.75 8.65 -3.50
CA VAL C 215 -9.44 8.19 -2.93
CA VAL C 215 -9.42 8.16 -3.03
C VAL C 215 -9.54 6.71 -2.56
N LEU C 216 -10.63 6.30 -1.91
CA LEU C 216 -10.78 4.87 -1.55
C LEU C 216 -10.81 4.03 -2.83
N GLY C 217 -11.51 4.49 -3.87
CA GLY C 217 -11.62 3.74 -5.12
C GLY C 217 -10.28 3.58 -5.80
N GLU C 218 -9.38 4.54 -5.63
CA GLU C 218 -8.05 4.52 -6.31
C GLU C 218 -7.06 3.72 -5.48
N ALA C 219 -7.36 3.45 -4.21
CA ALA C 219 -6.34 2.97 -3.23
C ALA C 219 -6.05 1.46 -3.39
N HIS C 220 -5.82 0.99 -4.61
CA HIS C 220 -5.28 -0.35 -4.92
C HIS C 220 -3.84 -0.11 -5.36
N THR C 221 -2.88 -0.41 -4.53
CA THR C 221 -1.51 0.11 -4.73
C THR C 221 -0.64 -1.07 -5.12
N MET C 222 0.42 -0.74 -5.82
CA MET C 222 1.40 -1.71 -6.35
CA MET C 222 1.40 -1.73 -6.34
C MET C 222 2.77 -1.06 -6.34
N ASN C 223 3.80 -1.88 -6.41
CA ASN C 223 5.19 -1.41 -6.41
C ASN C 223 5.61 -1.01 -7.83
N SER C 224 6.69 -0.23 -7.91
CA SER C 224 7.18 0.35 -9.16
C SER C 224 7.45 -0.76 -10.19
N ASP C 225 8.01 -1.87 -9.76
CA ASP C 225 8.39 -2.95 -10.71
C ASP C 225 7.11 -3.46 -11.39
N GLU C 226 6.04 -3.66 -10.63
CA GLU C 226 4.76 -4.16 -11.20
C GLU C 226 4.24 -3.16 -12.21
N PHE C 227 4.26 -1.86 -11.91
CA PHE C 227 3.82 -0.85 -12.92
CA PHE C 227 3.82 -0.85 -12.92
C PHE C 227 4.71 -0.89 -14.17
N GLU C 228 6.01 -0.94 -14.01
CA GLU C 228 6.91 -0.89 -15.20
C GLU C 228 6.71 -2.13 -16.06
N ARG C 229 6.46 -3.26 -15.43
CA ARG C 229 6.22 -4.54 -16.16
C ARG C 229 4.97 -4.39 -17.02
N ILE C 230 3.90 -3.89 -16.41
CA ILE C 230 2.62 -3.65 -17.13
C ILE C 230 2.86 -2.65 -18.24
N GLN C 231 3.59 -1.56 -17.99
CA GLN C 231 3.86 -0.60 -19.07
C GLN C 231 4.59 -1.29 -20.25
N GLY C 232 5.58 -2.16 -20.02
CA GLY C 232 6.30 -2.94 -21.04
C GLY C 232 5.32 -3.79 -21.83
N MET C 233 4.38 -4.39 -21.15
CA MET C 233 3.36 -5.25 -21.83
C MET C 233 2.46 -4.36 -22.70
N ARG C 234 1.97 -3.23 -22.18
CA ARG C 234 1.16 -2.30 -22.97
C ARG C 234 1.90 -1.81 -24.21
N ARG C 235 3.17 -1.43 -24.08
CA ARG C 235 4.00 -0.96 -25.23
CA ARG C 235 3.97 -0.95 -25.23
C ARG C 235 4.06 -2.05 -26.31
N ALA C 236 4.27 -3.30 -25.93
CA ALA C 236 4.32 -4.43 -26.91
C ALA C 236 3.00 -4.46 -27.69
N VAL C 237 1.87 -4.21 -27.03
CA VAL C 237 0.58 -4.17 -27.75
C VAL C 237 0.49 -2.92 -28.64
N TYR C 238 0.76 -1.71 -28.17
CA TYR C 238 0.53 -0.50 -29.03
C TYR C 238 1.62 -0.45 -30.11
N ASP C 239 2.70 -1.27 -30.02
CA ASP C 239 3.70 -1.41 -31.10
C ASP C 239 3.33 -2.55 -32.05
N SER C 240 2.22 -3.27 -31.83
CA SER C 240 1.92 -4.56 -32.52
C SER C 240 1.40 -4.30 -33.93
N GLU C 241 1.52 -5.29 -34.80
CA GLU C 241 0.81 -5.29 -36.12
C GLU C 241 -0.71 -5.30 -35.88
N ASP C 242 -1.18 -6.00 -34.86
CA ASP C 242 -2.62 -6.12 -34.54
C ASP C 242 -3.26 -4.76 -34.22
N TYR C 243 -2.53 -3.87 -33.54
CA TYR C 243 -3.03 -2.54 -33.17
C TYR C 243 -3.22 -1.79 -34.49
N GLN C 244 -2.25 -1.89 -35.39
CA GLN C 244 -2.33 -1.17 -36.71
C GLN C 244 -3.50 -1.76 -37.49
N GLU C 245 -3.63 -3.09 -37.48
CA GLU C 245 -4.78 -3.77 -38.16
C GLU C 245 -6.11 -3.28 -37.58
N GLY C 246 -6.22 -3.13 -36.27
CA GLY C 246 -7.49 -2.70 -35.68
C GLY C 246 -7.85 -1.31 -36.16
N MET C 247 -6.88 -0.41 -36.20
CA MET C 247 -7.11 1.00 -36.63
C MET C 247 -7.49 1.00 -38.11
N ASN C 248 -6.72 0.29 -38.93
CA ASN C 248 -6.94 0.29 -40.41
C ASN C 248 -8.32 -0.28 -40.71
N ALA C 249 -8.67 -1.38 -40.08
CA ALA C 249 -9.95 -2.06 -40.27
C ALA C 249 -11.08 -1.08 -39.94
N PHE C 250 -10.96 -0.31 -38.85
CA PHE C 250 -12.02 0.66 -38.48
C PHE C 250 -12.15 1.72 -39.59
N LEU C 251 -11.05 2.30 -40.05
CA LEU C 251 -11.00 3.33 -41.12
C LEU C 251 -11.54 2.76 -42.44
N GLU C 252 -11.35 1.47 -42.71
CA GLU C 252 -11.72 0.84 -44.02
C GLU C 252 -13.11 0.19 -43.90
N LYS C 253 -13.81 0.35 -42.77
CA LYS C 253 -15.19 -0.17 -42.55
C LYS C 253 -15.21 -1.68 -42.86
N ARG C 254 -14.24 -2.43 -42.32
CA ARG C 254 -14.11 -3.89 -42.49
C ARG C 254 -13.74 -4.55 -41.16
N LYS C 255 -13.93 -5.85 -41.11
CA LYS C 255 -13.63 -6.70 -39.94
C LYS C 255 -12.12 -6.86 -39.84
N PRO C 256 -11.50 -6.60 -38.65
CA PRO C 256 -10.08 -6.84 -38.50
C PRO C 256 -9.78 -8.33 -38.43
N ASN C 257 -8.65 -8.71 -38.98
CA ASN C 257 -8.11 -10.08 -38.82
C ASN C 257 -6.86 -10.00 -37.94
N PHE C 258 -6.99 -10.38 -36.68
CA PHE C 258 -5.89 -10.33 -35.67
C PHE C 258 -5.10 -11.62 -35.70
N VAL C 259 -3.76 -11.54 -35.56
CA VAL C 259 -2.83 -12.71 -35.66
C VAL C 259 -1.96 -12.88 -34.41
N GLY C 260 -2.02 -12.01 -33.40
CA GLY C 260 -1.22 -12.19 -32.16
C GLY C 260 0.23 -11.72 -32.31
N HIS C 261 0.52 -10.87 -33.30
CA HIS C 261 1.78 -10.10 -33.47
C HIS C 261 1.46 -8.62 -33.67
N ALA D 2 34.31 -19.88 -22.04
CA ALA D 2 32.95 -20.19 -22.47
C ALA D 2 32.17 -18.90 -22.76
N TYR D 3 32.73 -17.69 -22.50
CA TYR D 3 32.02 -16.40 -22.72
C TYR D 3 32.95 -15.43 -23.43
N GLN D 4 32.43 -14.66 -24.37
CA GLN D 4 33.26 -13.67 -25.08
C GLN D 4 33.58 -12.45 -24.19
N TYR D 5 32.66 -12.03 -23.31
CA TYR D 5 32.75 -10.70 -22.65
C TYR D 5 32.93 -10.79 -21.14
N VAL D 6 32.98 -12.00 -20.60
CA VAL D 6 33.43 -12.24 -19.20
C VAL D 6 34.30 -13.48 -19.08
N ASN D 7 35.03 -13.54 -17.96
CA ASN D 7 35.89 -14.68 -17.58
C ASN D 7 35.40 -15.12 -16.21
N VAL D 8 35.11 -16.41 -16.03
CA VAL D 8 34.62 -16.97 -14.76
C VAL D 8 35.70 -17.92 -14.21
N VAL D 9 36.05 -17.76 -12.94
CA VAL D 9 36.93 -18.70 -12.20
C VAL D 9 36.16 -19.11 -10.97
N THR D 10 36.06 -20.40 -10.69
CA THR D 10 35.40 -20.92 -9.46
C THR D 10 36.48 -21.66 -8.68
N ILE D 11 36.60 -21.38 -7.39
CA ILE D 11 37.45 -22.21 -6.47
C ILE D 11 36.56 -22.54 -5.29
N ASN D 12 36.38 -23.82 -5.04
CA ASN D 12 35.54 -24.29 -3.92
C ASN D 12 34.10 -23.84 -4.24
N LYS D 13 33.50 -23.03 -3.39
CA LYS D 13 32.09 -22.61 -3.55
C LYS D 13 32.01 -21.15 -4.02
N VAL D 14 33.10 -20.50 -4.40
CA VAL D 14 33.03 -19.06 -4.78
C VAL D 14 33.33 -18.96 -6.26
N ALA D 15 32.55 -18.15 -6.98
CA ALA D 15 32.82 -17.83 -8.39
C ALA D 15 33.14 -16.35 -8.52
N VAL D 16 34.18 -16.02 -9.26
CA VAL D 16 34.50 -14.62 -9.62
C VAL D 16 34.18 -14.44 -11.10
N ILE D 17 33.30 -13.50 -11.39
CA ILE D 17 32.97 -13.07 -12.78
C ILE D 17 33.76 -11.80 -13.09
N GLU D 18 34.74 -11.91 -13.96
CA GLU D 18 35.63 -10.80 -14.30
C GLU D 18 35.21 -10.27 -15.68
N PHE D 19 34.95 -8.99 -15.76
CA PHE D 19 34.55 -8.36 -17.03
C PHE D 19 35.70 -8.53 -18.04
N ASN D 20 35.35 -8.72 -19.30
CA ASN D 20 36.36 -8.81 -20.39
C ASN D 20 35.90 -7.93 -21.54
N TYR D 21 35.66 -6.65 -21.27
CA TYR D 21 35.13 -5.72 -22.29
C TYR D 21 35.82 -4.39 -22.11
N GLY D 22 37.09 -4.43 -21.70
CA GLY D 22 37.88 -3.23 -21.43
C GLY D 22 38.07 -2.38 -22.69
N ARG D 23 38.06 -2.96 -23.89
CA ARG D 23 38.23 -2.10 -25.12
C ARG D 23 37.07 -1.14 -25.23
N LYS D 24 35.95 -1.44 -24.57
CA LYS D 24 34.82 -0.47 -24.45
C LYS D 24 34.58 -0.04 -23.00
N LEU D 25 35.61 -0.14 -22.15
CA LEU D 25 35.54 0.33 -20.75
C LEU D 25 34.38 -0.34 -20.04
N ASN D 26 34.08 -1.58 -20.39
CA ASN D 26 33.02 -2.43 -19.77
C ASN D 26 31.69 -1.66 -19.74
N ALA D 27 31.40 -0.95 -20.82
CA ALA D 27 30.11 -0.27 -21.03
C ALA D 27 29.07 -1.37 -21.04
N LEU D 28 27.87 -1.04 -20.60
CA LEU D 28 26.81 -2.06 -20.42
C LEU D 28 26.05 -2.22 -21.75
N SER D 29 26.76 -2.64 -22.80
CA SER D 29 26.12 -2.97 -24.11
CA SER D 29 26.17 -3.00 -24.12
C SER D 29 25.26 -4.21 -23.95
N LYS D 30 24.28 -4.40 -24.85
CA LYS D 30 23.45 -5.61 -24.82
C LYS D 30 24.34 -6.87 -24.83
N VAL D 31 25.37 -6.92 -25.67
CA VAL D 31 26.12 -8.20 -25.81
C VAL D 31 26.89 -8.51 -24.51
N PHE D 32 27.36 -7.49 -23.80
CA PHE D 32 28.12 -7.63 -22.53
C PHE D 32 27.14 -8.08 -21.46
N ILE D 33 26.01 -7.39 -21.33
CA ILE D 33 24.98 -7.78 -20.32
C ILE D 33 24.43 -9.18 -20.60
N ASP D 34 24.17 -9.53 -21.86
CA ASP D 34 23.70 -10.90 -22.17
C ASP D 34 24.73 -11.94 -21.67
N ASP D 35 26.03 -11.71 -21.85
CA ASP D 35 27.05 -12.66 -21.34
C ASP D 35 27.04 -12.71 -19.81
N LEU D 36 27.03 -11.55 -19.14
CA LEU D 36 27.02 -11.48 -17.66
CA LEU D 36 26.99 -11.45 -17.65
C LEU D 36 25.80 -12.29 -17.14
N MET D 37 24.61 -12.08 -17.72
CA MET D 37 23.42 -12.83 -17.28
C MET D 37 23.60 -14.32 -17.56
N GLN D 38 24.14 -14.71 -18.70
CA GLN D 38 24.30 -16.17 -19.00
C GLN D 38 25.26 -16.76 -17.96
N ALA D 39 26.34 -16.03 -17.64
CA ALA D 39 27.37 -16.50 -16.69
C ALA D 39 26.71 -16.69 -15.33
N LEU D 40 25.87 -15.72 -14.91
CA LEU D 40 25.19 -15.84 -13.60
C LEU D 40 24.25 -17.03 -13.62
N SER D 41 23.42 -17.15 -14.65
CA SER D 41 22.49 -18.30 -14.79
C SER D 41 23.27 -19.63 -14.69
N ASP D 42 24.42 -19.72 -15.34
CA ASP D 42 25.22 -20.97 -15.34
C ASP D 42 25.74 -21.26 -13.93
N LEU D 43 25.90 -20.23 -13.08
CA LEU D 43 26.44 -20.42 -11.69
C LEU D 43 25.32 -20.67 -10.68
N ASN D 44 24.07 -20.70 -11.14
CA ASN D 44 22.89 -20.95 -10.26
C ASN D 44 22.80 -22.46 -10.01
N ARG D 45 23.71 -22.95 -9.18
CA ARG D 45 23.94 -24.40 -8.93
C ARG D 45 24.19 -24.56 -7.44
N PRO D 46 23.79 -25.66 -6.80
CA PRO D 46 23.96 -25.81 -5.35
C PRO D 46 25.39 -25.68 -4.80
N GLU D 47 26.40 -26.05 -5.59
CA GLU D 47 27.80 -26.04 -5.14
C GLU D 47 28.39 -24.63 -5.25
N ILE D 48 27.70 -23.66 -5.86
CA ILE D 48 28.19 -22.25 -5.86
C ILE D 48 27.42 -21.51 -4.77
N ARG D 49 28.11 -20.83 -3.88
CA ARG D 49 27.49 -20.18 -2.69
CA ARG D 49 27.45 -20.18 -2.72
C ARG D 49 27.68 -18.67 -2.65
N CYS D 50 28.58 -18.11 -3.43
CA CYS D 50 28.85 -16.65 -3.40
C CYS D 50 29.50 -16.26 -4.72
N ILE D 51 29.09 -15.13 -5.27
CA ILE D 51 29.58 -14.59 -6.56
C ILE D 51 30.30 -13.30 -6.24
N ILE D 52 31.43 -13.07 -6.88
CA ILE D 52 32.08 -11.73 -6.95
C ILE D 52 31.99 -11.21 -8.38
N LEU D 53 31.60 -9.96 -8.54
CA LEU D 53 31.72 -9.25 -9.85
C LEU D 53 32.92 -8.33 -9.78
N ARG D 54 33.81 -8.35 -10.78
CA ARG D 54 34.97 -7.45 -10.78
C ARG D 54 35.36 -7.05 -12.20
N ALA D 55 36.10 -5.95 -12.29
CA ALA D 55 36.85 -5.58 -13.50
C ALA D 55 38.24 -6.20 -13.38
N PRO D 56 38.98 -6.36 -14.48
CA PRO D 56 40.36 -6.81 -14.36
C PRO D 56 41.24 -5.95 -13.45
N SER D 57 42.23 -6.60 -12.86
CA SER D 57 43.27 -5.93 -12.03
CA SER D 57 43.29 -5.94 -12.03
C SER D 57 43.92 -4.80 -12.82
N GLY D 58 43.97 -3.61 -12.21
CA GLY D 58 44.58 -2.38 -12.72
C GLY D 58 43.64 -1.57 -13.58
N SER D 59 42.36 -1.95 -13.72
CA SER D 59 41.38 -1.15 -14.49
C SER D 59 41.30 0.27 -13.95
N LYS D 60 41.32 1.25 -14.84
CA LYS D 60 41.09 2.67 -14.50
C LYS D 60 39.58 2.90 -14.43
N VAL D 61 38.85 2.18 -15.27
CA VAL D 61 37.37 2.32 -15.35
C VAL D 61 36.78 0.95 -15.03
N PHE D 62 36.02 0.88 -13.95
CA PHE D 62 35.29 -0.34 -13.60
C PHE D 62 34.23 -0.60 -14.67
N SER D 63 33.38 0.39 -14.91
CA SER D 63 32.39 0.35 -16.00
C SER D 63 31.97 1.78 -16.36
N ALA D 64 31.94 2.06 -17.66
CA ALA D 64 31.53 3.38 -18.17
C ALA D 64 30.02 3.52 -18.20
N GLY D 65 29.29 2.52 -17.72
CA GLY D 65 27.82 2.54 -17.60
C GLY D 65 27.13 2.22 -18.90
N HIS D 66 25.89 2.65 -19.06
CA HIS D 66 25.08 2.31 -20.25
C HIS D 66 25.87 2.70 -21.51
N ASP D 67 25.88 1.86 -22.52
CA ASP D 67 26.48 2.18 -23.83
C ASP D 67 25.64 3.30 -24.47
N ILE D 68 26.15 4.51 -24.56
CA ILE D 68 25.38 5.70 -25.02
C ILE D 68 24.93 5.51 -26.47
N HIS D 69 25.68 4.79 -27.29
CA HIS D 69 25.28 4.43 -28.69
C HIS D 69 23.99 3.60 -28.71
N GLU D 70 23.68 2.82 -27.67
CA GLU D 70 22.50 1.91 -27.64
C GLU D 70 21.31 2.58 -26.94
N LEU D 71 21.48 3.77 -26.38
CA LEU D 71 20.32 4.56 -25.86
C LEU D 71 19.46 4.92 -27.06
N PRO D 72 18.14 4.61 -27.02
CA PRO D 72 17.24 4.97 -28.11
C PRO D 72 17.14 6.50 -28.21
N SER D 73 17.42 7.09 -29.36
CA SER D 73 17.27 8.55 -29.60
C SER D 73 15.99 8.82 -30.42
N GLY D 74 15.29 7.76 -30.86
CA GLY D 74 13.95 7.86 -31.46
C GLY D 74 12.98 8.49 -30.46
N GLY D 75 11.77 7.95 -30.36
CA GLY D 75 10.79 8.42 -29.36
C GLY D 75 10.56 7.42 -28.25
N ARG D 76 11.50 6.50 -27.97
CA ARG D 76 11.20 5.41 -27.00
C ARG D 76 11.97 5.60 -25.67
N ASP D 77 11.42 4.98 -24.65
CA ASP D 77 11.92 5.09 -23.26
C ASP D 77 13.29 4.45 -23.25
N PRO D 78 14.34 5.17 -22.81
CA PRO D 78 15.67 4.58 -22.66
C PRO D 78 15.82 3.51 -21.56
N LEU D 79 14.88 3.40 -20.63
CA LEU D 79 15.03 2.52 -19.46
C LEU D 79 13.70 1.78 -19.26
N SER D 80 13.21 1.19 -20.35
CA SER D 80 12.02 0.31 -20.30
C SER D 80 12.33 -0.99 -19.56
N TYR D 81 11.30 -1.76 -19.27
CA TYR D 81 11.43 -2.93 -18.40
C TYR D 81 12.38 -3.98 -18.99
N ASP D 82 12.51 -4.05 -20.31
CA ASP D 82 13.38 -5.09 -20.92
C ASP D 82 14.67 -4.47 -21.42
N ASP D 83 15.01 -3.22 -21.09
CA ASP D 83 16.38 -2.69 -21.33
C ASP D 83 17.38 -3.59 -20.59
N PRO D 84 18.56 -3.90 -21.20
CA PRO D 84 19.56 -4.72 -20.52
C PRO D 84 19.94 -4.32 -19.09
N LEU D 85 20.15 -3.03 -18.80
CA LEU D 85 20.43 -2.58 -17.42
C LEU D 85 19.28 -2.96 -16.46
N ARG D 86 18.03 -2.82 -16.90
CA ARG D 86 16.86 -3.13 -16.05
C ARG D 86 16.81 -4.65 -15.84
N GLN D 87 17.14 -5.46 -16.85
CA GLN D 87 17.15 -6.94 -16.73
CA GLN D 87 17.16 -6.94 -16.71
C GLN D 87 18.25 -7.37 -15.73
N ILE D 88 19.46 -6.81 -15.83
CA ILE D 88 20.57 -7.36 -14.98
C ILE D 88 20.31 -6.97 -13.51
N THR D 89 19.80 -5.78 -13.20
CA THR D 89 19.55 -5.40 -11.78
C THR D 89 18.45 -6.31 -11.22
N ARG D 90 17.38 -6.61 -11.98
CA ARG D 90 16.39 -7.60 -11.49
C ARG D 90 17.07 -8.94 -11.22
N MET D 91 17.88 -9.43 -12.16
CA MET D 91 18.53 -10.75 -12.02
C MET D 91 19.46 -10.78 -10.80
N ILE D 92 20.24 -9.73 -10.59
CA ILE D 92 21.15 -9.69 -9.41
C ILE D 92 20.29 -9.80 -8.13
N GLN D 93 19.19 -9.06 -8.09
CA GLN D 93 18.41 -8.86 -6.86
C GLN D 93 17.63 -10.15 -6.57
N LYS D 94 17.26 -10.92 -7.59
CA LYS D 94 16.47 -12.16 -7.40
C LYS D 94 17.40 -13.36 -7.25
N PHE D 95 18.69 -13.21 -7.51
CA PHE D 95 19.64 -14.32 -7.56
C PHE D 95 19.78 -14.88 -6.15
N PRO D 96 19.66 -16.22 -5.97
CA PRO D 96 19.58 -16.77 -4.63
C PRO D 96 20.90 -16.91 -3.88
N LYS D 97 21.97 -16.32 -4.40
CA LYS D 97 23.30 -16.35 -3.75
C LYS D 97 23.72 -14.91 -3.55
N PRO D 98 24.53 -14.59 -2.54
CA PRO D 98 25.08 -13.25 -2.43
C PRO D 98 25.95 -12.93 -3.64
N ILE D 99 25.87 -11.68 -4.08
CA ILE D 99 26.68 -11.12 -5.17
C ILE D 99 27.43 -9.93 -4.59
N ILE D 100 28.76 -10.02 -4.57
CA ILE D 100 29.64 -8.95 -4.07
C ILE D 100 30.22 -8.22 -5.27
N SER D 101 30.09 -6.91 -5.28
CA SER D 101 30.76 -6.06 -6.29
C SER D 101 32.12 -5.70 -5.69
N MET D 102 33.20 -6.08 -6.38
CA MET D 102 34.57 -5.78 -5.93
C MET D 102 35.12 -4.71 -6.89
N VAL D 103 35.22 -3.49 -6.43
CA VAL D 103 35.36 -2.33 -7.37
C VAL D 103 36.76 -1.74 -7.33
N GLU D 104 37.39 -1.76 -8.50
CA GLU D 104 38.62 -0.99 -8.73
C GLU D 104 38.28 -0.10 -9.93
N GLY D 105 38.67 1.15 -9.88
CA GLY D 105 38.45 2.08 -10.99
C GLY D 105 37.20 2.91 -10.76
N SER D 106 36.84 3.68 -11.78
CA SER D 106 35.72 4.59 -11.72
C SER D 106 34.42 3.90 -12.20
N VAL D 107 33.31 4.26 -11.59
CA VAL D 107 31.97 3.65 -11.81
C VAL D 107 31.04 4.78 -12.24
N TRP D 108 30.29 4.57 -13.32
CA TRP D 108 29.47 5.62 -13.97
C TRP D 108 28.04 5.17 -14.19
N GLY D 109 27.09 6.02 -13.82
CA GLY D 109 25.67 5.96 -14.27
C GLY D 109 25.04 4.60 -14.03
N GLY D 110 24.55 3.96 -15.07
CA GLY D 110 23.95 2.63 -14.94
C GLY D 110 24.83 1.64 -14.20
N ALA D 111 26.16 1.75 -14.31
CA ALA D 111 27.02 0.77 -13.60
C ALA D 111 26.97 1.05 -12.10
N PHE D 112 26.75 2.30 -11.70
CA PHE D 112 26.62 2.66 -10.26
C PHE D 112 25.33 1.99 -9.77
N GLU D 113 24.25 2.11 -10.53
CA GLU D 113 22.98 1.41 -10.17
C GLU D 113 23.24 -0.09 -10.07
N MET D 114 23.96 -0.67 -11.03
CA MET D 114 24.24 -2.12 -11.04
C MET D 114 24.93 -2.52 -9.73
N ILE D 115 26.00 -1.83 -9.29
CA ILE D 115 26.67 -2.27 -8.04
C ILE D 115 25.75 -1.98 -6.84
N MET D 116 24.90 -0.96 -6.89
CA MET D 116 24.00 -0.66 -5.74
C MET D 116 22.95 -1.78 -5.64
N SER D 117 22.63 -2.44 -6.74
CA SER D 117 21.68 -3.57 -6.75
C SER D 117 22.27 -4.84 -6.14
N SER D 118 23.58 -4.95 -6.08
CA SER D 118 24.30 -6.12 -5.52
C SER D 118 24.23 -6.06 -4.00
N ASP D 119 24.64 -7.14 -3.37
CA ASP D 119 24.43 -7.34 -1.92
C ASP D 119 25.48 -6.61 -1.06
N LEU D 120 26.75 -6.63 -1.49
CA LEU D 120 27.85 -5.94 -0.78
C LEU D 120 28.74 -5.29 -1.82
N ILE D 121 29.35 -4.20 -1.45
CA ILE D 121 30.32 -3.51 -2.30
C ILE D 121 31.58 -3.32 -1.49
N ILE D 122 32.68 -3.88 -2.00
CA ILE D 122 34.02 -3.66 -1.42
C ILE D 122 34.82 -2.92 -2.46
N ALA D 123 35.47 -1.84 -2.09
CA ALA D 123 36.08 -0.93 -3.07
C ALA D 123 37.54 -0.59 -2.72
N ALA D 124 38.36 -0.42 -3.74
CA ALA D 124 39.71 0.16 -3.60
C ALA D 124 39.63 1.59 -3.11
N SER D 125 40.62 2.02 -2.35
CA SER D 125 40.67 3.41 -1.83
C SER D 125 40.69 4.44 -2.96
N THR D 126 41.11 4.08 -4.16
CA THR D 126 41.23 4.99 -5.32
C THR D 126 39.98 4.93 -6.23
N SER D 127 38.98 4.09 -5.92
CA SER D 127 37.76 4.02 -6.77
C SER D 127 36.95 5.31 -6.62
N THR D 128 36.15 5.61 -7.63
CA THR D 128 35.27 6.79 -7.63
C THR D 128 33.92 6.42 -8.26
N PHE D 129 32.89 7.17 -7.89
CA PHE D 129 31.48 6.80 -8.18
C PHE D 129 30.76 8.06 -8.65
N SER D 130 30.06 7.98 -9.77
CA SER D 130 29.31 9.13 -10.34
CA SER D 130 29.30 9.12 -10.33
C SER D 130 27.95 8.63 -10.84
N MET D 131 26.91 9.36 -10.55
CA MET D 131 25.59 9.07 -11.13
C MET D 131 25.29 10.17 -12.14
N THR D 132 25.08 9.81 -13.42
CA THR D 132 25.23 10.73 -14.59
C THR D 132 23.96 11.12 -15.34
N PRO D 133 22.72 10.72 -15.02
CA PRO D 133 21.61 11.04 -15.94
C PRO D 133 21.45 12.54 -16.27
N VAL D 134 21.79 13.41 -15.33
CA VAL D 134 21.54 14.87 -15.53
C VAL D 134 22.61 15.42 -16.47
N ASN D 135 23.66 14.66 -16.70
CA ASN D 135 24.67 15.02 -17.70
C ASN D 135 24.15 14.80 -19.11
N LEU D 136 23.23 13.86 -19.27
CA LEU D 136 22.77 13.38 -20.60
C LEU D 136 21.30 13.75 -20.83
N GLY D 137 20.58 14.21 -19.81
CA GLY D 137 19.17 14.59 -19.96
C GLY D 137 18.26 13.36 -19.84
N VAL D 138 18.73 12.30 -19.21
CA VAL D 138 17.99 11.00 -19.12
C VAL D 138 16.97 11.07 -17.97
N PRO D 139 15.69 10.71 -18.22
CA PRO D 139 14.69 10.56 -17.17
C PRO D 139 14.83 9.16 -16.56
N TYR D 140 15.68 9.04 -15.55
CA TYR D 140 15.91 7.74 -14.89
C TYR D 140 14.54 7.24 -14.39
N ASN D 141 14.32 5.93 -14.40
CA ASN D 141 12.97 5.35 -14.10
C ASN D 141 12.81 5.08 -12.60
N LEU D 142 11.57 4.91 -12.13
CA LEU D 142 11.25 4.70 -10.69
C LEU D 142 12.04 3.55 -10.09
N VAL D 143 12.08 2.38 -10.74
CA VAL D 143 12.75 1.20 -10.16
C VAL D 143 14.23 1.55 -10.02
N GLY D 144 14.79 2.20 -11.03
CA GLY D 144 16.22 2.52 -11.07
C GLY D 144 16.58 3.51 -9.96
N ILE D 145 15.78 4.55 -9.79
CA ILE D 145 16.01 5.54 -8.70
C ILE D 145 15.83 4.81 -7.36
N HIS D 146 14.82 3.98 -7.21
CA HIS D 146 14.55 3.29 -5.93
C HIS D 146 15.79 2.49 -5.52
N ASN D 147 16.45 1.85 -6.48
CA ASN D 147 17.65 1.04 -6.22
C ASN D 147 18.81 1.89 -5.65
N LEU D 148 18.77 3.20 -5.81
CA LEU D 148 19.82 4.11 -5.29
C LEU D 148 19.50 4.65 -3.91
N THR D 149 18.34 4.33 -3.33
CA THR D 149 17.84 4.99 -2.11
C THR D 149 17.96 4.12 -0.85
N ARG D 150 18.55 2.94 -0.89
CA ARG D 150 18.45 1.98 0.25
C ARG D 150 19.72 2.01 1.11
N ASP D 151 20.66 2.90 0.82
CA ASP D 151 21.95 2.93 1.54
C ASP D 151 22.21 4.30 2.15
N ALA D 152 22.45 5.31 1.34
CA ALA D 152 22.64 6.70 1.77
C ALA D 152 21.26 7.39 1.86
N GLY D 153 21.21 8.48 2.61
CA GLY D 153 19.98 9.25 2.79
C GLY D 153 19.60 10.03 1.55
N PHE D 154 18.39 10.58 1.57
CA PHE D 154 17.85 11.36 0.44
C PHE D 154 18.73 12.56 0.10
N HIS D 155 19.20 13.33 1.08
CA HIS D 155 19.99 14.55 0.74
C HIS D 155 21.25 14.13 -0.01
N ILE D 156 21.85 13.01 0.38
CA ILE D 156 23.13 12.56 -0.26
C ILE D 156 22.81 12.08 -1.67
N VAL D 157 21.78 11.27 -1.82
CA VAL D 157 21.33 10.78 -3.13
C VAL D 157 21.04 11.97 -4.06
N LYS D 158 20.35 13.00 -3.59
CA LYS D 158 20.04 14.16 -4.46
C LYS D 158 21.31 14.91 -4.84
N GLU D 159 22.28 15.03 -3.93
CA GLU D 159 23.57 15.67 -4.27
C GLU D 159 24.22 14.85 -5.39
N LEU D 160 24.31 13.52 -5.23
CA LEU D 160 24.99 12.66 -6.22
C LEU D 160 24.32 12.87 -7.58
N ILE D 161 22.98 12.84 -7.63
CA ILE D 161 22.25 12.90 -8.92
C ILE D 161 22.29 14.33 -9.47
N PHE D 162 22.00 15.34 -8.66
CA PHE D 162 21.83 16.69 -9.22
C PHE D 162 23.20 17.24 -9.65
N THR D 163 24.29 16.92 -8.98
CA THR D 163 25.62 17.44 -9.33
C THR D 163 26.25 16.55 -10.42
N ALA D 164 25.92 15.26 -10.46
CA ALA D 164 26.63 14.23 -11.24
C ALA D 164 28.15 14.24 -10.91
N SER D 165 28.56 14.72 -9.75
CA SER D 165 29.99 14.85 -9.43
C SER D 165 30.48 13.51 -8.90
N PRO D 166 31.73 13.11 -9.15
CA PRO D 166 32.24 11.89 -8.59
C PRO D 166 32.39 12.08 -7.08
N ILE D 167 32.21 11.00 -6.38
CA ILE D 167 32.62 10.94 -4.94
C ILE D 167 33.70 9.89 -4.79
N THR D 168 34.59 10.14 -3.83
CA THR D 168 35.67 9.19 -3.46
C THR D 168 35.07 7.96 -2.79
N ALA D 169 35.85 6.91 -2.73
CA ALA D 169 35.54 5.72 -1.93
C ALA D 169 35.40 6.10 -0.46
N GLN D 170 36.22 7.04 0.03
CA GLN D 170 36.17 7.40 1.47
C GLN D 170 34.80 8.01 1.76
N ARG D 171 34.34 8.89 0.90
CA ARG D 171 33.03 9.53 1.11
C ARG D 171 31.90 8.48 0.93
N ALA D 172 32.03 7.59 -0.05
CA ALA D 172 31.01 6.57 -0.33
C ALA D 172 30.91 5.62 0.88
N LEU D 173 32.02 5.41 1.60
CA LEU D 173 32.00 4.60 2.85
C LEU D 173 31.28 5.36 3.97
N ALA D 174 31.59 6.63 4.11
CA ALA D 174 31.10 7.48 5.23
C ALA D 174 29.59 7.62 5.12
N VAL D 175 29.05 7.72 3.90
CA VAL D 175 27.59 7.98 3.72
C VAL D 175 26.81 6.65 3.63
N GLY D 176 27.45 5.49 3.63
CA GLY D 176 26.71 4.20 3.74
C GLY D 176 26.56 3.43 2.45
N ILE D 177 27.16 3.89 1.35
CA ILE D 177 27.06 3.25 0.03
C ILE D 177 27.96 2.00 0.02
N LEU D 178 29.16 2.06 0.58
CA LEU D 178 30.14 0.92 0.53
C LEU D 178 30.21 0.19 1.87
N ASN D 179 30.51 -1.10 1.82
CA ASN D 179 30.76 -1.91 3.04
C ASN D 179 32.15 -1.64 3.56
N HIS D 180 33.15 -1.70 2.68
CA HIS D 180 34.58 -1.65 3.07
C HIS D 180 35.36 -0.93 1.97
N VAL D 181 36.37 -0.18 2.40
CA VAL D 181 37.36 0.41 1.49
C VAL D 181 38.71 -0.15 1.92
N VAL D 182 39.50 -0.65 0.97
CA VAL D 182 40.83 -1.21 1.32
C VAL D 182 41.81 -0.73 0.25
N GLU D 183 43.08 -0.70 0.63
CA GLU D 183 44.16 -0.43 -0.35
C GLU D 183 44.03 -1.42 -1.50
N VAL D 184 44.29 -0.97 -2.72
CA VAL D 184 44.04 -1.84 -3.90
C VAL D 184 44.86 -3.12 -3.84
N GLU D 185 46.02 -3.13 -3.17
CA GLU D 185 46.83 -4.38 -3.13
C GLU D 185 46.18 -5.40 -2.19
N GLU D 186 45.25 -4.97 -1.33
CA GLU D 186 44.53 -5.88 -0.40
C GLU D 186 43.13 -6.25 -0.92
N LEU D 187 42.68 -5.66 -2.01
CA LEU D 187 41.25 -5.75 -2.40
C LEU D 187 40.85 -7.19 -2.69
N GLU D 188 41.59 -7.88 -3.54
CA GLU D 188 41.26 -9.27 -3.90
C GLU D 188 41.31 -10.16 -2.65
N ASP D 189 42.36 -10.09 -1.84
CA ASP D 189 42.53 -10.95 -0.65
C ASP D 189 41.38 -10.67 0.35
N PHE D 190 41.05 -9.40 0.54
CA PHE D 190 39.96 -9.03 1.48
C PHE D 190 38.62 -9.61 0.99
N THR D 191 38.31 -9.43 -0.27
CA THR D 191 37.02 -9.82 -0.89
C THR D 191 36.94 -11.36 -0.90
N LEU D 192 38.01 -12.06 -1.24
CA LEU D 192 37.96 -13.55 -1.30
C LEU D 192 37.80 -14.10 0.12
N GLN D 193 38.45 -13.50 1.11
CA GLN D 193 38.28 -13.94 2.51
C GLN D 193 36.79 -13.89 2.88
N MET D 194 36.13 -12.79 2.55
CA MET D 194 34.71 -12.59 2.97
C MET D 194 33.79 -13.52 2.17
N ALA D 195 34.04 -13.69 0.87
CA ALA D 195 33.20 -14.55 0.00
C ALA D 195 33.33 -16.02 0.46
N HIS D 196 34.53 -16.46 0.76
CA HIS D 196 34.76 -17.86 1.17
CA HIS D 196 34.78 -17.85 1.19
C HIS D 196 34.14 -18.05 2.57
N HIS D 197 34.19 -17.06 3.44
CA HIS D 197 33.53 -17.12 4.75
C HIS D 197 32.00 -17.28 4.56
N ILE D 198 31.40 -16.42 3.73
CA ILE D 198 29.94 -16.47 3.46
C ILE D 198 29.56 -17.84 2.93
N SER D 199 30.41 -18.45 2.12
CA SER D 199 30.09 -19.72 1.42
CA SER D 199 30.12 -19.73 1.42
C SER D 199 30.03 -20.89 2.40
N GLU D 200 30.51 -20.75 3.65
CA GLU D 200 30.34 -21.83 4.67
C GLU D 200 29.02 -21.72 5.45
N LYS D 201 28.26 -20.66 5.27
CA LYS D 201 27.00 -20.45 6.00
C LYS D 201 25.85 -21.16 5.29
N ALA D 202 24.66 -21.13 5.89
CA ALA D 202 23.49 -21.93 5.40
C ALA D 202 22.89 -21.29 4.16
N PRO D 203 23.02 -21.88 2.97
CA PRO D 203 22.62 -21.21 1.73
C PRO D 203 21.11 -20.98 1.61
N LEU D 204 20.30 -21.86 2.17
CA LEU D 204 18.83 -21.71 2.07
C LEU D 204 18.37 -20.54 2.96
N ALA D 205 18.98 -20.37 4.12
CA ALA D 205 18.70 -19.23 5.01
C ALA D 205 19.14 -17.94 4.28
N ILE D 206 20.35 -17.93 3.69
CA ILE D 206 20.80 -16.72 2.97
C ILE D 206 19.80 -16.38 1.86
N ALA D 207 19.38 -17.36 1.05
CA ALA D 207 18.50 -17.11 -0.09
C ALA D 207 17.16 -16.52 0.38
N VAL D 208 16.54 -17.10 1.37
CA VAL D 208 15.21 -16.58 1.80
C VAL D 208 15.36 -15.20 2.45
N ILE D 209 16.42 -14.95 3.21
CA ILE D 209 16.61 -13.61 3.83
C ILE D 209 16.88 -12.57 2.74
N LYS D 210 17.71 -12.89 1.74
CA LYS D 210 17.93 -11.96 0.61
C LYS D 210 16.59 -11.64 -0.10
N GLU D 211 15.74 -12.63 -0.31
CA GLU D 211 14.44 -12.44 -0.98
C GLU D 211 13.47 -11.61 -0.12
N GLU D 212 13.48 -11.82 1.19
CA GLU D 212 12.70 -10.98 2.12
C GLU D 212 13.17 -9.52 2.07
N LEU D 213 14.47 -9.29 2.10
CA LEU D 213 14.99 -7.90 1.98
C LEU D 213 14.59 -7.33 0.64
N ARG D 214 14.62 -8.15 -0.40
CA ARG D 214 14.26 -7.65 -1.76
C ARG D 214 12.81 -7.14 -1.75
N VAL D 215 11.90 -7.96 -1.26
CA VAL D 215 10.45 -7.61 -1.25
CA VAL D 215 10.46 -7.59 -1.30
C VAL D 215 10.18 -6.43 -0.33
N LEU D 216 10.82 -6.40 0.84
CA LEU D 216 10.64 -5.23 1.76
C LEU D 216 11.16 -3.97 1.10
N GLY D 217 12.28 -4.09 0.39
CA GLY D 217 12.89 -2.92 -0.26
C GLY D 217 12.03 -2.42 -1.38
N GLU D 218 11.31 -3.29 -2.05
CA GLU D 218 10.46 -2.89 -3.20
C GLU D 218 9.11 -2.31 -2.73
N ALA D 219 8.71 -2.58 -1.49
CA ALA D 219 7.32 -2.43 -0.97
C ALA D 219 7.01 -0.97 -0.60
N HIS D 220 7.34 -0.02 -1.46
CA HIS D 220 6.86 1.37 -1.47
C HIS D 220 5.82 1.42 -2.57
N THR D 221 4.56 1.41 -2.21
CA THR D 221 3.47 1.20 -3.18
C THR D 221 2.78 2.53 -3.47
N MET D 222 2.20 2.63 -4.64
CA MET D 222 1.49 3.83 -5.12
CA MET D 222 1.47 3.82 -5.10
C MET D 222 0.31 3.37 -5.98
N ASN D 223 -0.62 4.27 -6.21
CA ASN D 223 -1.80 3.97 -7.05
C ASN D 223 -1.47 4.20 -8.52
N SER D 224 -2.32 3.63 -9.39
CA SER D 224 -2.16 3.65 -10.85
C SER D 224 -2.04 5.09 -11.35
N ASP D 225 -2.81 6.00 -10.79
CA ASP D 225 -2.81 7.38 -11.32
C ASP D 225 -1.41 7.94 -11.08
N GLU D 226 -0.84 7.70 -9.89
CA GLU D 226 0.50 8.31 -9.59
C GLU D 226 1.55 7.76 -10.59
N PHE D 227 1.55 6.46 -10.87
CA PHE D 227 2.52 5.89 -11.83
CA PHE D 227 2.50 5.88 -11.85
C PHE D 227 2.29 6.47 -13.22
N GLU D 228 1.03 6.54 -13.66
CA GLU D 228 0.73 7.07 -15.00
C GLU D 228 1.16 8.53 -15.10
N ARG D 229 1.02 9.29 -14.02
CA ARG D 229 1.44 10.73 -13.98
C ARG D 229 2.95 10.82 -14.16
N ILE D 230 3.67 10.01 -13.38
CA ILE D 230 5.15 9.92 -13.50
C ILE D 230 5.54 9.49 -14.91
N GLN D 231 4.89 8.48 -15.48
CA GLN D 231 5.25 8.00 -16.83
C GLN D 231 5.08 9.16 -17.84
N GLY D 232 4.01 9.94 -17.71
CA GLY D 232 3.80 11.10 -18.58
C GLY D 232 4.94 12.10 -18.43
N MET D 233 5.41 12.30 -17.21
CA MET D 233 6.50 13.27 -16.98
C MET D 233 7.77 12.73 -17.64
N ARG D 234 8.05 11.44 -17.50
CA ARG D 234 9.29 10.82 -18.06
C ARG D 234 9.25 10.91 -19.59
N ARG D 235 8.09 10.65 -20.18
CA ARG D 235 7.93 10.72 -21.66
C ARG D 235 8.20 12.13 -22.18
N ALA D 236 7.77 13.18 -21.48
CA ALA D 236 8.05 14.58 -21.85
C ALA D 236 9.57 14.79 -21.86
N VAL D 237 10.29 14.12 -20.96
CA VAL D 237 11.76 14.25 -20.91
C VAL D 237 12.36 13.44 -22.07
N TYR D 238 11.98 12.20 -22.32
CA TYR D 238 12.69 11.46 -23.38
C TYR D 238 12.23 11.91 -24.76
N ASP D 239 11.20 12.73 -24.84
CA ASP D 239 10.77 13.42 -26.10
C ASP D 239 11.45 14.78 -26.24
N SER D 240 12.26 15.21 -25.26
CA SER D 240 12.76 16.63 -25.16
C SER D 240 13.92 16.85 -26.14
N GLU D 241 14.10 18.10 -26.54
CA GLU D 241 15.33 18.54 -27.26
C GLU D 241 16.54 18.33 -26.36
N ASP D 242 16.39 18.55 -25.04
CA ASP D 242 17.53 18.36 -24.13
C ASP D 242 18.03 16.93 -24.15
N TYR D 243 17.13 15.94 -24.27
CA TYR D 243 17.56 14.52 -24.30
C TYR D 243 18.38 14.30 -25.58
N GLN D 244 17.92 14.78 -26.72
CA GLN D 244 18.67 14.62 -28.00
C GLN D 244 20.04 15.29 -27.87
N GLU D 245 20.07 16.50 -27.29
CA GLU D 245 21.30 17.34 -27.06
C GLU D 245 22.28 16.60 -26.15
N GLY D 246 21.79 15.99 -25.05
CA GLY D 246 22.63 15.17 -24.17
C GLY D 246 23.39 14.10 -24.94
N MET D 247 22.70 13.34 -25.80
CA MET D 247 23.28 12.18 -26.57
C MET D 247 24.25 12.70 -27.64
N ASN D 248 23.77 13.64 -28.43
CA ASN D 248 24.52 14.31 -29.54
C ASN D 248 25.82 14.87 -28.95
N ALA D 249 25.75 15.58 -27.83
CA ALA D 249 26.95 16.22 -27.20
C ALA D 249 27.94 15.13 -26.81
N PHE D 250 27.48 14.01 -26.25
CA PHE D 250 28.41 12.92 -25.88
C PHE D 250 29.10 12.38 -27.13
N LEU D 251 28.33 12.15 -28.18
CA LEU D 251 28.86 11.50 -29.39
C LEU D 251 29.75 12.48 -30.16
N GLU D 252 29.47 13.79 -30.10
CA GLU D 252 30.32 14.87 -30.70
C GLU D 252 31.48 15.28 -29.79
N LYS D 253 31.62 14.70 -28.60
CA LYS D 253 32.71 15.00 -27.60
C LYS D 253 32.71 16.50 -27.25
N ARG D 254 31.56 17.05 -26.88
CA ARG D 254 31.44 18.44 -26.47
C ARG D 254 30.50 18.53 -25.30
N LYS D 255 30.44 19.69 -24.67
CA LYS D 255 29.58 19.95 -23.50
C LYS D 255 28.16 20.25 -23.99
N PRO D 256 27.14 19.61 -23.37
CA PRO D 256 25.78 19.97 -23.76
C PRO D 256 25.37 21.36 -23.30
N ASN D 257 24.52 21.96 -24.11
CA ASN D 257 23.77 23.18 -23.79
C ASN D 257 22.31 22.83 -23.54
N PHE D 258 21.93 22.70 -22.27
CA PHE D 258 20.53 22.37 -21.89
C PHE D 258 19.71 23.65 -21.75
N VAL D 259 18.47 23.60 -22.23
CA VAL D 259 17.58 24.79 -22.33
C VAL D 259 16.22 24.58 -21.65
N GLY D 260 15.89 23.39 -21.13
CA GLY D 260 14.62 23.18 -20.40
C GLY D 260 13.45 22.95 -21.34
N HIS D 261 13.71 22.36 -22.52
CA HIS D 261 12.70 21.94 -23.55
C HIS D 261 13.25 20.72 -24.29
N ALA E 2 10.25 -8.77 42.65
CA ALA E 2 8.95 -9.40 42.45
C ALA E 2 8.94 -10.19 41.13
N TYR E 3 10.09 -10.39 40.47
CA TYR E 3 10.18 -11.25 39.27
C TYR E 3 11.36 -12.19 39.48
N GLN E 4 11.26 -13.41 38.97
CA GLN E 4 12.33 -14.42 39.13
C GLN E 4 13.50 -14.07 38.21
N TYR E 5 13.28 -13.48 37.02
CA TYR E 5 14.32 -13.41 35.98
C TYR E 5 14.67 -11.98 35.58
N VAL E 6 14.06 -10.99 36.23
CA VAL E 6 14.47 -9.59 36.08
C VAL E 6 14.42 -8.90 37.44
N ASN E 7 15.17 -7.82 37.54
CA ASN E 7 15.21 -6.93 38.72
C ASN E 7 14.86 -5.53 38.23
N VAL E 8 13.88 -4.89 38.86
CA VAL E 8 13.41 -3.55 38.44
C VAL E 8 13.79 -2.53 39.52
N VAL E 9 14.37 -1.42 39.13
CA VAL E 9 14.67 -0.27 40.03
CA VAL E 9 14.57 -0.28 40.08
C VAL E 9 13.97 0.95 39.43
N THR E 10 13.33 1.77 40.24
CA THR E 10 12.68 2.99 39.74
C THR E 10 13.41 4.16 40.35
N ILE E 11 13.87 5.09 39.52
CA ILE E 11 14.53 6.33 39.96
C ILE E 11 13.71 7.51 39.44
N ASN E 12 12.81 8.04 40.26
CA ASN E 12 11.88 9.12 39.86
C ASN E 12 11.02 8.58 38.71
N LYS E 13 11.19 9.15 37.53
CA LYS E 13 10.36 8.77 36.37
C LYS E 13 11.07 7.72 35.50
N VAL E 14 12.28 7.30 35.86
CA VAL E 14 13.01 6.31 35.03
C VAL E 14 12.93 4.93 35.68
N ALA E 15 12.64 3.88 34.91
CA ALA E 15 12.69 2.50 35.39
C ALA E 15 13.82 1.76 34.72
N VAL E 16 14.64 1.05 35.47
CA VAL E 16 15.72 0.21 34.89
C VAL E 16 15.32 -1.23 35.08
N ILE E 17 15.21 -1.97 33.99
CA ILE E 17 14.95 -3.42 34.02
C ILE E 17 16.27 -4.12 33.76
N GLU E 18 16.79 -4.85 34.75
CA GLU E 18 18.11 -5.52 34.65
C GLU E 18 17.87 -7.01 34.52
N PHE E 19 18.44 -7.66 33.52
CA PHE E 19 18.25 -9.09 33.31
C PHE E 19 18.80 -9.84 34.51
N ASN E 20 18.16 -10.94 34.90
CA ASN E 20 18.65 -11.82 35.99
C ASN E 20 18.58 -13.26 35.52
N TYR E 21 19.27 -13.56 34.44
CA TYR E 21 19.22 -14.89 33.78
C TYR E 21 20.62 -15.27 33.29
N GLY E 22 21.63 -14.83 34.04
CA GLY E 22 23.06 -14.97 33.73
C GLY E 22 23.49 -16.42 33.63
N ARG E 23 22.88 -17.31 34.41
CA ARG E 23 23.25 -18.75 34.32
C ARG E 23 22.96 -19.26 32.90
N LYS E 24 22.03 -18.65 32.16
CA LYS E 24 21.72 -19.01 30.74
C LYS E 24 22.13 -17.89 29.76
N LEU E 25 23.05 -17.00 30.17
CA LEU E 25 23.63 -15.93 29.35
C LEU E 25 22.48 -15.04 28.84
N ASN E 26 21.42 -14.87 29.63
CA ASN E 26 20.27 -14.01 29.26
C ASN E 26 19.64 -14.45 27.93
N ALA E 27 19.62 -15.75 27.64
CA ALA E 27 18.96 -16.28 26.44
C ALA E 27 17.46 -16.01 26.54
N LEU E 28 16.79 -15.78 25.42
CA LEU E 28 15.43 -15.23 25.36
C LEU E 28 14.45 -16.40 25.51
N SER E 29 14.58 -17.18 26.57
CA SER E 29 13.65 -18.29 26.91
CA SER E 29 13.65 -18.30 26.86
C SER E 29 12.25 -17.73 27.17
N LYS E 30 11.26 -18.58 27.03
CA LYS E 30 9.85 -18.20 27.31
C LYS E 30 9.76 -17.66 28.74
N VAL E 31 10.37 -18.31 29.74
CA VAL E 31 10.18 -17.88 31.15
C VAL E 31 10.83 -16.53 31.39
N PHE E 32 11.97 -16.28 30.76
CA PHE E 32 12.68 -14.99 30.88
C PHE E 32 11.82 -13.89 30.24
N ILE E 33 11.39 -14.12 29.00
CA ILE E 33 10.64 -13.10 28.21
C ILE E 33 9.30 -12.85 28.90
N ASP E 34 8.67 -13.87 29.50
CA ASP E 34 7.37 -13.66 30.17
C ASP E 34 7.56 -12.70 31.35
N ASP E 35 8.65 -12.84 32.11
CA ASP E 35 9.00 -11.90 33.21
C ASP E 35 9.33 -10.50 32.69
N LEU E 36 10.11 -10.43 31.61
CA LEU E 36 10.43 -9.11 31.03
C LEU E 36 9.12 -8.41 30.62
N MET E 37 8.23 -9.15 29.96
CA MET E 37 6.99 -8.52 29.47
C MET E 37 6.10 -8.14 30.66
N GLN E 38 6.05 -8.97 31.70
CA GLN E 38 5.27 -8.60 32.90
C GLN E 38 5.85 -7.33 33.53
N ALA E 39 7.16 -7.22 33.66
CA ALA E 39 7.82 -6.04 34.26
C ALA E 39 7.44 -4.80 33.44
N LEU E 40 7.46 -4.91 32.11
CA LEU E 40 7.17 -3.74 31.26
C LEU E 40 5.72 -3.34 31.48
N SER E 41 4.80 -4.31 31.48
CA SER E 41 3.35 -4.07 31.63
C SER E 41 3.09 -3.36 32.97
N ASP E 42 3.75 -3.81 34.02
CA ASP E 42 3.65 -3.23 35.38
C ASP E 42 4.15 -1.76 35.39
N LEU E 43 5.11 -1.43 34.53
CA LEU E 43 5.69 -0.06 34.47
C LEU E 43 4.91 0.85 33.50
N ASN E 44 3.84 0.35 32.91
CA ASN E 44 2.98 1.18 32.02
C ASN E 44 2.01 2.00 32.88
N ARG E 45 2.54 3.04 33.51
CA ARG E 45 1.86 3.90 34.51
C ARG E 45 2.30 5.32 34.17
N PRO E 46 1.45 6.32 34.44
CA PRO E 46 1.72 7.74 34.16
C PRO E 46 2.99 8.36 34.75
N GLU E 47 3.36 7.93 35.94
CA GLU E 47 4.55 8.48 36.65
C GLU E 47 5.85 7.80 36.16
N ILE E 48 5.78 6.80 35.26
CA ILE E 48 7.01 6.30 34.58
C ILE E 48 7.09 6.96 33.21
N ARG E 49 8.28 7.46 32.83
CA ARG E 49 8.42 8.17 31.55
C ARG E 49 9.46 7.56 30.64
N CYS E 50 10.35 6.72 31.13
CA CYS E 50 11.48 6.21 30.30
C CYS E 50 11.95 4.88 30.90
N ILE E 51 12.22 3.89 30.07
CA ILE E 51 12.64 2.54 30.51
C ILE E 51 14.06 2.34 30.02
N ILE E 52 14.94 1.78 30.84
CA ILE E 52 16.26 1.29 30.36
C ILE E 52 16.26 -0.24 30.50
N LEU E 53 16.66 -0.97 29.46
CA LEU E 53 16.92 -2.42 29.53
C LEU E 53 18.43 -2.62 29.61
N ARG E 54 18.87 -3.44 30.55
CA ARG E 54 20.31 -3.69 30.72
C ARG E 54 20.54 -5.10 31.24
N ALA E 55 21.74 -5.57 30.98
CA ALA E 55 22.30 -6.76 31.66
C ALA E 55 22.98 -6.24 32.91
N PRO E 56 23.28 -7.13 33.89
CA PRO E 56 24.04 -6.70 35.07
C PRO E 56 25.42 -6.14 34.72
N SER E 57 25.91 -5.19 35.54
CA SER E 57 27.24 -4.58 35.41
C SER E 57 28.29 -5.70 35.32
N GLY E 58 29.22 -5.60 34.38
CA GLY E 58 30.30 -6.59 34.21
C GLY E 58 29.94 -7.76 33.32
N SER E 59 28.70 -7.85 32.80
CA SER E 59 28.30 -8.96 31.91
C SER E 59 29.26 -9.08 30.71
N LYS E 60 29.77 -10.29 30.46
CA LYS E 60 30.49 -10.64 29.21
C LYS E 60 29.47 -10.76 28.06
N VAL E 61 28.31 -11.30 28.35
CA VAL E 61 27.23 -11.59 27.35
C VAL E 61 26.01 -10.80 27.76
N PHE E 62 25.59 -9.85 26.92
CA PHE E 62 24.36 -9.08 27.15
C PHE E 62 23.20 -10.06 27.01
N SER E 63 23.17 -10.77 25.90
CA SER E 63 22.17 -11.85 25.64
C SER E 63 22.67 -12.76 24.53
N ALA E 64 22.57 -14.06 24.77
CA ALA E 64 22.95 -15.12 23.82
C ALA E 64 21.86 -15.34 22.79
N GLY E 65 20.78 -14.56 22.81
CA GLY E 65 19.73 -14.61 21.79
C GLY E 65 18.73 -15.69 22.08
N HIS E 66 18.00 -16.13 21.05
CA HIS E 66 16.94 -17.16 21.17
C HIS E 66 17.56 -18.37 21.87
N ASP E 67 16.83 -18.96 22.80
CA ASP E 67 17.22 -20.22 23.48
C ASP E 67 17.12 -21.34 22.45
N ILE E 68 18.25 -21.88 21.98
CA ILE E 68 18.27 -22.80 20.83
C ILE E 68 17.56 -24.11 21.23
N HIS E 69 17.47 -24.40 22.52
CA HIS E 69 16.79 -25.62 23.04
C HIS E 69 15.28 -25.51 22.86
N GLU E 70 14.72 -24.28 22.81
CA GLU E 70 13.27 -24.03 22.59
C GLU E 70 12.96 -23.82 21.11
N LEU E 71 13.95 -23.65 20.22
CA LEU E 71 13.69 -23.64 18.76
C LEU E 71 13.05 -24.98 18.40
N PRO E 72 11.90 -25.01 17.70
CA PRO E 72 11.34 -26.27 17.22
C PRO E 72 12.27 -26.92 16.17
N SER E 73 12.54 -28.22 16.29
CA SER E 73 13.33 -29.00 15.30
C SER E 73 12.35 -29.72 14.37
N GLY E 74 12.51 -29.50 13.06
CA GLY E 74 11.71 -30.12 11.99
C GLY E 74 10.28 -29.62 11.98
N GLY E 75 9.93 -28.78 11.01
CA GLY E 75 8.55 -28.69 10.49
C GLY E 75 7.75 -27.52 11.05
N ARG E 76 8.03 -27.07 12.27
CA ARG E 76 7.30 -25.93 12.89
C ARG E 76 8.06 -24.63 12.58
N ASP E 77 7.33 -23.55 12.33
CA ASP E 77 7.94 -22.21 12.14
C ASP E 77 8.61 -21.83 13.44
N PRO E 78 9.94 -21.62 13.49
CA PRO E 78 10.57 -21.17 14.73
C PRO E 78 10.32 -19.71 15.13
N LEU E 79 9.73 -18.90 14.25
CA LEU E 79 9.56 -17.44 14.51
C LEU E 79 8.13 -17.07 14.13
N SER E 80 7.20 -17.85 14.66
CA SER E 80 5.77 -17.57 14.46
C SER E 80 5.36 -16.39 15.35
N TYR E 81 4.16 -15.88 15.11
CA TYR E 81 3.70 -14.61 15.74
C TYR E 81 3.77 -14.64 17.27
N ASP E 82 3.47 -15.77 17.89
CA ASP E 82 3.43 -15.93 19.36
C ASP E 82 4.79 -16.40 19.94
N ASP E 83 5.83 -16.58 19.14
CA ASP E 83 7.16 -16.89 19.70
C ASP E 83 7.52 -15.74 20.65
N PRO E 84 8.15 -16.04 21.79
CA PRO E 84 8.57 -14.97 22.71
C PRO E 84 9.37 -13.79 22.13
N LEU E 85 10.34 -14.03 21.25
CA LEU E 85 11.12 -12.94 20.63
C LEU E 85 10.15 -12.06 19.82
N ARG E 86 9.20 -12.66 19.12
CA ARG E 86 8.26 -11.87 18.28
C ARG E 86 7.35 -11.04 19.22
N GLN E 87 6.93 -11.62 20.33
CA GLN E 87 6.03 -10.93 21.28
CA GLN E 87 6.05 -10.95 21.32
C GLN E 87 6.77 -9.73 21.93
N ILE E 88 8.01 -9.91 22.36
CA ILE E 88 8.72 -8.82 23.10
C ILE E 88 9.07 -7.67 22.13
N THR E 89 9.40 -7.90 20.86
CA THR E 89 9.72 -6.79 19.93
C THR E 89 8.44 -6.01 19.68
N ARG E 90 7.30 -6.65 19.50
CA ARG E 90 6.03 -5.91 19.34
C ARG E 90 5.72 -5.08 20.58
N MET E 91 5.89 -5.66 21.75
CA MET E 91 5.59 -4.96 23.02
C MET E 91 6.50 -3.73 23.17
N ILE E 92 7.80 -3.88 22.92
CA ILE E 92 8.76 -2.75 22.99
C ILE E 92 8.32 -1.64 22.03
N GLN E 93 7.96 -2.01 20.82
CA GLN E 93 7.63 -1.02 19.76
C GLN E 93 6.32 -0.31 20.07
N LYS E 94 5.36 -0.99 20.69
CA LYS E 94 4.01 -0.41 20.99
C LYS E 94 4.01 0.31 22.35
N PHE E 95 5.07 0.17 23.13
CA PHE E 95 5.12 0.69 24.52
C PHE E 95 5.17 2.21 24.45
N PRO E 96 4.27 2.91 25.15
CA PRO E 96 4.07 4.36 24.96
C PRO E 96 5.11 5.25 25.64
N LYS E 97 6.21 4.66 26.05
CA LYS E 97 7.36 5.38 26.63
C LYS E 97 8.59 4.95 25.85
N PRO E 98 9.63 5.80 25.81
CA PRO E 98 10.90 5.39 25.22
C PRO E 98 11.51 4.22 26.00
N ILE E 99 12.08 3.28 25.26
CA ILE E 99 12.86 2.15 25.83
C ILE E 99 14.28 2.25 25.28
N ILE E 100 15.24 2.48 26.19
CA ILE E 100 16.69 2.59 25.88
C ILE E 100 17.35 1.26 26.20
N SER E 101 17.99 0.66 25.21
CA SER E 101 18.85 -0.52 25.44
C SER E 101 20.22 0.01 25.85
N MET E 102 20.67 -0.34 27.03
CA MET E 102 22.01 0.04 27.54
C MET E 102 22.87 -1.23 27.54
N VAL E 103 23.84 -1.31 26.65
CA VAL E 103 24.47 -2.59 26.24
C VAL E 103 25.90 -2.66 26.77
N GLU E 104 26.13 -3.65 27.60
CA GLU E 104 27.49 -4.11 27.99
C GLU E 104 27.54 -5.57 27.59
N GLY E 105 28.59 -5.94 26.88
CA GLY E 105 28.77 -7.35 26.51
C GLY E 105 28.38 -7.61 25.07
N SER E 106 28.39 -8.87 24.75
CA SER E 106 28.12 -9.35 23.38
C SER E 106 26.62 -9.63 23.19
N VAL E 107 26.12 -9.32 22.00
CA VAL E 107 24.68 -9.39 21.65
C VAL E 107 24.55 -10.29 20.46
N TRP E 108 23.66 -11.27 20.51
CA TRP E 108 23.58 -12.35 19.49
C TRP E 108 22.17 -12.52 18.94
N GLY E 109 22.07 -12.60 17.63
CA GLY E 109 20.83 -13.05 16.93
C GLY E 109 19.57 -12.31 17.39
N GLY E 110 18.61 -13.05 17.94
CA GLY E 110 17.32 -12.47 18.38
C GLY E 110 17.51 -11.31 19.33
N ALA E 111 18.57 -11.32 20.15
CA ALA E 111 18.82 -10.25 21.12
C ALA E 111 19.24 -9.01 20.35
N PHE E 112 19.89 -9.16 19.20
CA PHE E 112 20.30 -7.99 18.40
C PHE E 112 19.00 -7.38 17.82
N GLU E 113 18.13 -8.23 17.32
CA GLU E 113 16.83 -7.72 16.80
C GLU E 113 16.08 -7.03 17.94
N MET E 114 16.10 -7.56 19.15
CA MET E 114 15.40 -6.96 20.30
C MET E 114 15.95 -5.54 20.60
N ILE E 115 17.27 -5.34 20.68
CA ILE E 115 17.79 -3.97 20.93
C ILE E 115 17.51 -3.08 19.70
N MET E 116 17.52 -3.62 18.48
CA MET E 116 17.16 -2.82 17.29
C MET E 116 15.70 -2.37 17.35
N SER E 117 14.80 -3.15 17.94
CA SER E 117 13.37 -2.77 18.10
C SER E 117 13.16 -1.65 19.15
N SER E 118 14.12 -1.41 20.04
CA SER E 118 14.01 -0.38 21.09
C SER E 118 14.31 0.98 20.47
N ASP E 119 14.12 2.03 21.25
CA ASP E 119 14.13 3.41 20.69
C ASP E 119 15.53 3.98 20.54
N LEU E 120 16.42 3.75 21.52
CA LEU E 120 17.82 4.22 21.50
C LEU E 120 18.70 3.08 21.98
N ILE E 121 19.92 3.01 21.46
CA ILE E 121 20.93 2.05 21.96
C ILE E 121 22.15 2.86 22.40
N ILE E 122 22.55 2.67 23.64
CA ILE E 122 23.78 3.30 24.21
C ILE E 122 24.63 2.09 24.65
N ALA E 123 25.85 2.00 24.16
CA ALA E 123 26.67 0.79 24.28
C ALA E 123 28.06 1.07 24.87
N ALA E 124 28.58 0.09 25.63
CA ALA E 124 29.99 0.13 26.08
C ALA E 124 30.92 0.05 24.88
N SER E 125 32.08 0.69 24.93
CA SER E 125 33.10 0.65 23.85
C SER E 125 33.55 -0.79 23.57
N THR E 126 33.41 -1.72 24.53
CA THR E 126 33.82 -3.12 24.37
C THR E 126 32.69 -4.06 23.94
N SER E 127 31.47 -3.54 23.74
CA SER E 127 30.30 -4.37 23.32
CA SER E 127 30.29 -4.35 23.31
C SER E 127 30.50 -4.85 21.88
N THR E 128 29.90 -5.95 21.54
CA THR E 128 29.95 -6.52 20.16
C THR E 128 28.57 -7.05 19.77
N PHE E 129 28.34 -7.16 18.47
CA PHE E 129 26.98 -7.36 17.88
C PHE E 129 27.11 -8.35 16.74
N SER E 130 26.34 -9.42 16.78
CA SER E 130 26.29 -10.40 15.68
C SER E 130 24.84 -10.76 15.39
N MET E 131 24.53 -10.97 14.11
CA MET E 131 23.22 -11.50 13.68
C MET E 131 23.47 -12.88 13.07
N THR E 132 22.91 -13.93 13.68
CA THR E 132 23.38 -15.31 13.51
C THR E 132 22.45 -16.28 12.75
N PRO E 133 21.32 -15.93 12.08
CA PRO E 133 20.49 -16.98 11.48
C PRO E 133 21.25 -17.90 10.51
N VAL E 134 22.19 -17.35 9.74
CA VAL E 134 22.85 -18.12 8.66
C VAL E 134 23.84 -19.11 9.30
N ASN E 135 24.17 -18.96 10.57
CA ASN E 135 25.02 -19.98 11.27
C ASN E 135 24.21 -21.26 11.55
N LEU E 136 22.91 -21.11 11.77
CA LEU E 136 22.03 -22.19 12.28
C LEU E 136 21.09 -22.69 11.17
N GLY E 137 20.96 -21.99 10.05
CA GLY E 137 20.03 -22.35 8.98
C GLY E 137 18.61 -21.81 9.20
N VAL E 138 18.44 -20.75 9.99
CA VAL E 138 17.10 -20.22 10.39
C VAL E 138 16.55 -19.31 9.31
N PRO E 139 15.32 -19.54 8.82
CA PRO E 139 14.68 -18.58 7.92
C PRO E 139 14.04 -17.43 8.70
N TYR E 140 14.80 -16.39 8.97
CA TYR E 140 14.31 -15.27 9.78
C TYR E 140 13.05 -14.70 9.12
N ASN E 141 12.07 -14.28 9.91
CA ASN E 141 10.75 -13.88 9.37
C ASN E 141 10.77 -12.43 8.85
N LEU E 142 9.74 -12.04 8.09
CA LEU E 142 9.67 -10.70 7.46
C LEU E 142 9.71 -9.61 8.54
N VAL E 143 8.84 -9.68 9.54
CA VAL E 143 8.77 -8.58 10.54
C VAL E 143 10.16 -8.42 11.19
N GLY E 144 10.81 -9.54 11.49
CA GLY E 144 12.12 -9.57 12.18
C GLY E 144 13.22 -8.93 11.33
N ILE E 145 13.27 -9.29 10.06
CA ILE E 145 14.23 -8.70 9.10
C ILE E 145 13.91 -7.21 8.94
N HIS E 146 12.63 -6.84 8.88
CA HIS E 146 12.21 -5.42 8.72
CA HIS E 146 12.25 -5.41 8.69
C HIS E 146 12.77 -4.60 9.90
N ASN E 147 12.73 -5.16 11.09
CA ASN E 147 13.20 -4.49 12.33
C ASN E 147 14.71 -4.23 12.28
N LEU E 148 15.45 -4.90 11.39
CA LEU E 148 16.92 -4.69 11.22
C LEU E 148 17.27 -3.65 10.13
N THR E 149 16.29 -3.09 9.41
CA THR E 149 16.55 -2.25 8.23
C THR E 149 16.36 -0.77 8.45
N ARG E 150 16.08 -0.31 9.68
CA ARG E 150 15.64 1.09 9.88
C ARG E 150 16.78 2.02 10.29
N ASP E 151 18.01 1.51 10.36
CA ASP E 151 19.15 2.29 10.93
C ASP E 151 20.32 2.33 9.94
N ALA E 152 20.95 1.20 9.68
CA ALA E 152 22.03 1.03 8.68
C ALA E 152 21.40 0.67 7.33
N GLY E 153 22.10 0.95 6.27
CA GLY E 153 21.61 0.70 4.91
C GLY E 153 21.60 -0.78 4.56
N PHE E 154 21.01 -1.13 3.43
CA PHE E 154 20.85 -2.52 2.97
C PHE E 154 22.17 -3.28 2.85
N HIS E 155 23.20 -2.67 2.23
CA HIS E 155 24.49 -3.35 2.02
C HIS E 155 25.05 -3.74 3.39
N ILE E 156 24.91 -2.84 4.37
CA ILE E 156 25.49 -3.10 5.74
C ILE E 156 24.68 -4.22 6.39
N VAL E 157 23.36 -4.13 6.31
CA VAL E 157 22.53 -5.21 6.91
C VAL E 157 22.85 -6.55 6.24
N LYS E 158 23.00 -6.57 4.91
CA LYS E 158 23.30 -7.86 4.22
C LYS E 158 24.69 -8.38 4.63
N GLU E 159 25.67 -7.51 4.82
CA GLU E 159 26.98 -7.97 5.35
C GLU E 159 26.77 -8.64 6.72
N LEU E 160 26.06 -7.98 7.63
CA LEU E 160 25.91 -8.49 9.00
C LEU E 160 25.24 -9.88 8.97
N ILE E 161 24.19 -10.00 8.18
CA ILE E 161 23.43 -11.26 8.16
C ILE E 161 24.20 -12.35 7.38
N PHE E 162 24.73 -12.04 6.21
CA PHE E 162 25.34 -13.09 5.36
C PHE E 162 26.65 -13.59 5.98
N THR E 163 27.39 -12.73 6.67
CA THR E 163 28.67 -13.13 7.31
C THR E 163 28.44 -13.72 8.69
N ALA E 164 27.40 -13.24 9.39
CA ALA E 164 27.19 -13.53 10.82
C ALA E 164 28.46 -13.14 11.63
N SER E 165 29.27 -12.23 11.15
CA SER E 165 30.50 -11.78 11.86
C SER E 165 30.16 -10.66 12.82
N PRO E 166 30.82 -10.65 13.98
CA PRO E 166 30.59 -9.63 14.99
C PRO E 166 31.11 -8.28 14.49
N ILE E 167 30.42 -7.23 14.85
CA ILE E 167 30.98 -5.89 14.61
C ILE E 167 31.21 -5.25 15.97
N THR E 168 32.17 -4.37 16.02
CA THR E 168 32.49 -3.59 17.22
C THR E 168 31.42 -2.51 17.42
N ALA E 169 31.40 -1.98 18.62
CA ALA E 169 30.61 -0.81 18.98
C ALA E 169 31.00 0.38 18.11
N GLN E 170 32.29 0.57 17.85
CA GLN E 170 32.76 1.71 17.02
C GLN E 170 32.16 1.60 15.61
N ARG E 171 32.18 0.41 15.01
CA ARG E 171 31.58 0.24 13.67
C ARG E 171 30.06 0.41 13.75
N ALA E 172 29.42 -0.15 14.78
CA ALA E 172 27.96 -0.09 14.94
C ALA E 172 27.54 1.40 15.05
N LEU E 173 28.35 2.24 15.68
CA LEU E 173 28.09 3.70 15.76
C LEU E 173 28.25 4.32 14.37
N ALA E 174 29.30 3.98 13.66
CA ALA E 174 29.65 4.59 12.35
C ALA E 174 28.51 4.30 11.35
N VAL E 175 27.91 3.12 11.42
CA VAL E 175 26.94 2.72 10.36
C VAL E 175 25.52 3.10 10.77
N GLY E 176 25.30 3.61 11.99
CA GLY E 176 23.99 4.16 12.40
C GLY E 176 23.17 3.22 13.28
N ILE E 177 23.72 2.09 13.70
CA ILE E 177 22.99 1.18 14.61
C ILE E 177 22.90 1.84 16.00
N LEU E 178 24.00 2.36 16.54
CA LEU E 178 24.03 2.88 17.91
C LEU E 178 23.87 4.39 17.96
N ASN E 179 23.33 4.90 19.08
CA ASN E 179 23.27 6.35 19.33
C ASN E 179 24.58 6.86 19.91
N HIS E 180 25.12 6.16 20.92
CA HIS E 180 26.34 6.60 21.63
C HIS E 180 27.13 5.38 22.05
N VAL E 181 28.45 5.54 21.97
CA VAL E 181 29.41 4.61 22.60
C VAL E 181 30.11 5.32 23.75
N VAL E 182 30.23 4.65 24.88
CA VAL E 182 30.91 5.29 26.04
C VAL E 182 31.75 4.25 26.74
N GLU E 183 32.72 4.72 27.50
CA GLU E 183 33.56 3.80 28.30
C GLU E 183 32.65 3.10 29.29
N VAL E 184 32.91 1.84 29.61
CA VAL E 184 31.97 1.01 30.39
C VAL E 184 31.73 1.63 31.78
N GLU E 185 32.74 2.32 32.33
CA GLU E 185 32.70 2.91 33.69
CA GLU E 185 32.66 2.89 33.70
C GLU E 185 31.71 4.09 33.68
N GLU E 186 31.41 4.68 32.51
CA GLU E 186 30.55 5.86 32.39
C GLU E 186 29.17 5.46 31.84
N LEU E 187 28.97 4.20 31.49
CA LEU E 187 27.81 3.77 30.67
C LEU E 187 26.54 4.06 31.46
N GLU E 188 26.45 3.57 32.69
CA GLU E 188 25.24 3.73 33.50
C GLU E 188 24.96 5.22 33.73
N ASP E 189 25.95 6.00 34.14
CA ASP E 189 25.72 7.45 34.46
C ASP E 189 25.18 8.17 33.22
N PHE E 190 25.83 7.93 32.09
CA PHE E 190 25.51 8.59 30.79
C PHE E 190 24.06 8.28 30.40
N THR E 191 23.69 7.02 30.52
CA THR E 191 22.35 6.51 30.09
C THR E 191 21.28 7.07 31.01
N LEU E 192 21.52 7.02 32.32
CA LEU E 192 20.55 7.59 33.28
C LEU E 192 20.42 9.10 33.09
N GLN E 193 21.48 9.81 32.78
CA GLN E 193 21.37 11.26 32.57
C GLN E 193 20.42 11.53 31.38
N MET E 194 20.59 10.79 30.31
CA MET E 194 19.72 10.96 29.12
C MET E 194 18.27 10.58 29.45
N ALA E 195 18.04 9.51 30.21
CA ALA E 195 16.70 9.01 30.56
C ALA E 195 16.02 10.05 31.43
N HIS E 196 16.72 10.64 32.42
CA HIS E 196 16.11 11.66 33.30
CA HIS E 196 16.12 11.67 33.31
C HIS E 196 15.72 12.87 32.44
N HIS E 197 16.55 13.21 31.46
CA HIS E 197 16.34 14.38 30.61
C HIS E 197 15.07 14.16 29.76
N ILE E 198 14.96 12.99 29.14
CA ILE E 198 13.76 12.61 28.35
C ILE E 198 12.54 12.70 29.24
N SER E 199 12.63 12.25 30.49
CA SER E 199 11.51 12.20 31.45
C SER E 199 11.02 13.59 31.86
N GLU E 200 11.69 14.68 31.50
CA GLU E 200 11.23 16.07 31.77
C GLU E 200 10.30 16.54 30.65
N LYS E 201 10.29 15.83 29.54
CA LYS E 201 9.61 16.24 28.29
C LYS E 201 8.14 15.76 28.35
N ALA E 202 7.34 16.18 27.40
CA ALA E 202 5.88 15.94 27.33
C ALA E 202 5.61 14.48 26.95
N PRO E 203 5.13 13.64 27.89
CA PRO E 203 5.01 12.22 27.61
C PRO E 203 3.95 11.89 26.56
N LEU E 204 2.88 12.68 26.44
CA LEU E 204 1.81 12.33 25.45
C LEU E 204 2.33 12.65 24.05
N ALA E 205 3.15 13.69 23.92
CA ALA E 205 3.80 14.01 22.63
C ALA E 205 4.81 12.90 22.28
N ILE E 206 5.65 12.50 23.24
CA ILE E 206 6.59 11.37 23.02
C ILE E 206 5.79 10.15 22.55
N ALA E 207 4.69 9.80 23.21
CA ALA E 207 3.98 8.55 22.90
C ALA E 207 3.41 8.62 21.48
N VAL E 208 2.84 9.76 21.10
CA VAL E 208 2.18 9.81 19.77
C VAL E 208 3.26 9.79 18.69
N ILE E 209 4.34 10.51 18.89
CA ILE E 209 5.45 10.54 17.90
C ILE E 209 6.06 9.14 17.80
N LYS E 210 6.25 8.44 18.92
CA LYS E 210 6.79 7.08 18.83
C LYS E 210 5.83 6.21 18.00
N GLU E 211 4.55 6.31 18.24
CA GLU E 211 3.58 5.49 17.48
C GLU E 211 3.55 5.87 15.99
N GLU E 212 3.69 7.14 15.67
CA GLU E 212 3.75 7.59 14.26
C GLU E 212 4.97 6.95 13.60
N LEU E 213 6.10 6.94 14.29
CA LEU E 213 7.32 6.34 13.71
C LEU E 213 7.11 4.83 13.54
N ARG E 214 6.47 4.17 14.48
CA ARG E 214 6.20 2.72 14.43
C ARG E 214 5.37 2.45 13.17
N VAL E 215 4.26 3.16 12.99
CA VAL E 215 3.37 2.83 11.86
CA VAL E 215 3.32 2.95 11.86
C VAL E 215 4.07 3.22 10.55
N LEU E 216 4.81 4.30 10.51
CA LEU E 216 5.56 4.67 9.26
C LEU E 216 6.61 3.62 8.99
N GLY E 217 7.30 3.11 10.01
CA GLY E 217 8.37 2.09 9.81
C GLY E 217 7.80 0.78 9.29
N GLU E 218 6.58 0.44 9.66
CA GLU E 218 5.91 -0.83 9.26
C GLU E 218 5.22 -0.70 7.91
N ALA E 219 5.04 0.52 7.39
CA ALA E 219 4.19 0.79 6.21
C ALA E 219 4.90 0.44 4.88
N HIS E 220 5.53 -0.73 4.81
CA HIS E 220 6.03 -1.34 3.59
C HIS E 220 5.00 -2.43 3.25
N THR E 221 4.11 -2.20 2.31
CA THR E 221 2.94 -3.10 2.15
C THR E 221 3.14 -3.97 0.92
N MET E 222 2.50 -5.13 0.93
CA MET E 222 2.60 -6.12 -0.18
CA MET E 222 2.63 -6.18 -0.12
C MET E 222 1.26 -6.86 -0.28
N ASN E 223 1.05 -7.51 -1.40
CA ASN E 223 -0.21 -8.26 -1.58
C ASN E 223 -0.09 -9.64 -0.93
N SER E 224 -1.25 -10.28 -0.72
CA SER E 224 -1.36 -11.60 -0.06
C SER E 224 -0.52 -12.66 -0.80
N ASP E 225 -0.48 -12.62 -2.10
CA ASP E 225 0.25 -13.63 -2.88
C ASP E 225 1.75 -13.49 -2.55
N GLU E 226 2.31 -12.28 -2.52
CA GLU E 226 3.75 -12.09 -2.17
C GLU E 226 3.99 -12.67 -0.79
N PHE E 227 3.16 -12.38 0.20
CA PHE E 227 3.39 -12.91 1.56
CA PHE E 227 3.35 -12.91 1.57
C PHE E 227 3.31 -14.45 1.57
N GLU E 228 2.32 -15.04 0.91
CA GLU E 228 2.17 -16.51 0.89
C GLU E 228 3.38 -17.15 0.17
N ARG E 229 3.90 -16.50 -0.85
CA ARG E 229 5.09 -16.99 -1.59
C ARG E 229 6.30 -17.02 -0.64
N ILE E 230 6.53 -15.94 0.09
CA ILE E 230 7.61 -15.88 1.09
C ILE E 230 7.36 -16.92 2.17
N GLN E 231 6.13 -17.08 2.66
CA GLN E 231 5.90 -18.11 3.69
C GLN E 231 6.27 -19.48 3.13
N GLY E 232 5.95 -19.80 1.88
CA GLY E 232 6.28 -21.09 1.25
C GLY E 232 7.80 -21.28 1.19
N MET E 233 8.53 -20.21 0.89
CA MET E 233 10.02 -20.23 0.85
CA MET E 233 10.02 -20.25 0.84
C MET E 233 10.57 -20.50 2.26
N ARG E 234 10.03 -19.83 3.27
CA ARG E 234 10.46 -20.00 4.69
C ARG E 234 10.20 -21.44 5.12
N ARG E 235 9.04 -22.00 4.83
CA ARG E 235 8.70 -23.38 5.25
C ARG E 235 9.69 -24.39 4.64
N ALA E 236 10.07 -24.20 3.40
CA ALA E 236 11.04 -25.07 2.72
C ALA E 236 12.37 -25.03 3.53
N VAL E 237 12.74 -23.88 4.09
CA VAL E 237 13.99 -23.77 4.90
C VAL E 237 13.79 -24.42 6.26
N TYR E 238 12.69 -24.18 6.97
CA TYR E 238 12.57 -24.76 8.34
C TYR E 238 12.17 -26.26 8.28
N ASP E 239 11.86 -26.81 7.11
CA ASP E 239 11.71 -28.27 6.80
C ASP E 239 13.00 -28.89 6.27
N SER E 240 14.08 -28.11 6.08
CA SER E 240 15.25 -28.57 5.32
C SER E 240 16.15 -29.42 6.24
N GLU E 241 17.00 -30.23 5.63
CA GLU E 241 18.09 -30.96 6.33
C GLU E 241 19.06 -29.94 6.93
N ASP E 242 19.29 -28.83 6.23
CA ASP E 242 20.26 -27.80 6.67
C ASP E 242 19.83 -27.19 7.99
N TYR E 243 18.52 -27.00 8.18
CA TYR E 243 18.02 -26.40 9.44
C TYR E 243 18.30 -27.38 10.57
N GLN E 244 18.05 -28.69 10.37
CA GLN E 244 18.29 -29.72 11.43
C GLN E 244 19.80 -29.75 11.75
N GLU E 245 20.61 -29.69 10.71
CA GLU E 245 22.09 -29.75 10.82
C GLU E 245 22.59 -28.52 11.58
N GLY E 246 22.03 -27.34 11.33
CA GLY E 246 22.44 -26.13 12.06
C GLY E 246 22.20 -26.28 13.55
N MET E 247 21.02 -26.74 13.95
CA MET E 247 20.63 -26.89 15.39
C MET E 247 21.54 -27.93 16.05
N ASN E 248 21.65 -29.08 15.42
CA ASN E 248 22.44 -30.24 15.89
C ASN E 248 23.89 -29.82 16.09
N ALA E 249 24.48 -29.11 15.11
CA ALA E 249 25.91 -28.75 15.09
C ALA E 249 26.16 -27.82 16.28
N PHE E 250 25.26 -26.85 16.48
CA PHE E 250 25.38 -25.94 17.63
C PHE E 250 25.40 -26.80 18.92
N LEU E 251 24.39 -27.65 19.12
CA LEU E 251 24.19 -28.41 20.40
C LEU E 251 25.34 -29.42 20.59
N GLU E 252 25.94 -29.90 19.50
CA GLU E 252 27.07 -30.86 19.56
C GLU E 252 28.41 -30.11 19.49
N LYS E 253 28.42 -28.78 19.50
CA LYS E 253 29.67 -27.96 19.47
C LYS E 253 30.62 -28.40 18.36
N ARG E 254 30.17 -28.41 17.11
CA ARG E 254 30.97 -28.82 15.91
C ARG E 254 30.54 -27.90 14.75
N LYS E 255 31.29 -27.88 13.66
CA LYS E 255 31.03 -26.99 12.49
C LYS E 255 29.93 -27.62 11.68
N PRO E 256 28.84 -26.91 11.32
CA PRO E 256 27.76 -27.53 10.55
C PRO E 256 28.27 -27.80 9.15
N ASN E 257 27.72 -28.81 8.51
CA ASN E 257 27.97 -29.15 7.09
C ASN E 257 26.70 -28.87 6.29
N PHE E 258 26.60 -27.68 5.69
CA PHE E 258 25.39 -27.29 4.93
C PHE E 258 25.55 -27.76 3.49
N VAL E 259 24.48 -28.33 2.92
CA VAL E 259 24.51 -28.96 1.57
C VAL E 259 23.47 -28.33 0.64
N GLY E 260 22.59 -27.43 1.11
CA GLY E 260 21.66 -26.73 0.22
C GLY E 260 20.38 -27.52 -0.02
N HIS E 261 20.00 -28.43 0.87
CA HIS E 261 18.62 -28.99 0.97
C HIS E 261 18.30 -29.34 2.42
N ALA F 2 9.28 43.00 -5.16
CA ALA F 2 9.93 43.01 -3.82
C ALA F 2 9.00 42.36 -2.79
N TYR F 3 9.57 42.05 -1.64
CA TYR F 3 8.88 41.33 -0.55
C TYR F 3 9.24 42.02 0.75
N GLN F 4 8.32 42.07 1.68
CA GLN F 4 8.58 42.66 3.01
C GLN F 4 9.54 41.77 3.83
N TYR F 5 9.41 40.43 3.73
CA TYR F 5 10.04 39.52 4.72
C TYR F 5 11.09 38.60 4.10
N VAL F 6 11.42 38.78 2.83
CA VAL F 6 12.59 38.06 2.21
C VAL F 6 13.25 39.03 1.23
N ASN F 7 14.51 38.77 0.94
CA ASN F 7 15.27 39.48 -0.10
C ASN F 7 15.71 38.44 -1.14
N VAL F 8 15.52 38.70 -2.42
CA VAL F 8 15.88 37.75 -3.51
C VAL F 8 16.98 38.38 -4.38
N VAL F 9 18.04 37.63 -4.61
CA VAL F 9 19.15 37.98 -5.54
C VAL F 9 19.27 36.87 -6.56
N THR F 10 19.44 37.20 -7.84
CA THR F 10 19.75 36.22 -8.90
C THR F 10 21.17 36.46 -9.41
N ILE F 11 21.93 35.37 -9.52
CA ILE F 11 23.32 35.35 -10.02
C ILE F 11 23.32 34.34 -11.16
N ASN F 12 23.33 34.79 -12.41
CA ASN F 12 23.19 33.92 -13.61
C ASN F 12 21.88 33.13 -13.44
N LYS F 13 21.94 31.84 -13.24
CA LYS F 13 20.74 30.93 -13.23
C LYS F 13 20.44 30.53 -11.77
N VAL F 14 21.15 31.11 -10.80
CA VAL F 14 20.97 30.77 -9.36
C VAL F 14 20.18 31.89 -8.66
N ALA F 15 19.16 31.55 -7.88
CA ALA F 15 18.44 32.55 -7.07
C ALA F 15 18.64 32.27 -5.60
N VAL F 16 18.99 33.31 -4.86
CA VAL F 16 19.22 33.19 -3.39
C VAL F 16 18.07 33.91 -2.74
N ILE F 17 17.35 33.22 -1.88
CA ILE F 17 16.24 33.79 -1.10
C ILE F 17 16.79 33.92 0.31
N GLU F 18 16.95 35.15 0.77
CA GLU F 18 17.48 35.44 2.10
C GLU F 18 16.33 35.90 3.00
N PHE F 19 16.22 35.30 4.18
CA PHE F 19 15.18 35.70 5.15
C PHE F 19 15.42 37.17 5.55
N ASN F 20 14.35 37.92 5.78
CA ASN F 20 14.42 39.31 6.30
C ASN F 20 13.37 39.48 7.40
N TYR F 21 13.47 38.67 8.44
CA TYR F 21 12.51 38.68 9.56
C TYR F 21 13.30 38.48 10.86
N GLY F 22 14.51 39.03 10.93
CA GLY F 22 15.45 38.91 12.06
C GLY F 22 14.88 39.41 13.39
N ARG F 23 13.96 40.39 13.34
CA ARG F 23 13.31 40.95 14.56
C ARG F 23 12.44 39.86 15.22
N LYS F 24 12.06 38.80 14.49
CA LYS F 24 11.32 37.66 15.13
C LYS F 24 12.13 36.36 14.96
N LEU F 25 13.43 36.47 14.80
CA LEU F 25 14.39 35.32 14.64
C LEU F 25 13.92 34.40 13.51
N ASN F 26 13.40 34.98 12.44
CA ASN F 26 12.89 34.23 11.27
C ASN F 26 11.94 33.11 11.71
N ALA F 27 11.13 33.35 12.71
CA ALA F 27 10.02 32.44 13.10
C ALA F 27 9.11 32.27 11.90
N LEU F 28 8.52 31.08 11.76
CA LEU F 28 7.69 30.74 10.59
C LEU F 28 6.25 31.22 10.78
N SER F 29 6.06 32.53 10.95
CA SER F 29 4.73 33.19 10.98
CA SER F 29 4.73 33.19 10.97
C SER F 29 4.08 33.07 9.60
N LYS F 30 2.77 33.12 9.57
CA LYS F 30 2.01 33.13 8.30
C LYS F 30 2.57 34.21 7.38
N VAL F 31 2.79 35.44 7.83
CA VAL F 31 3.21 36.55 6.90
C VAL F 31 4.57 36.24 6.28
N PHE F 32 5.48 35.61 7.03
CA PHE F 32 6.84 35.26 6.54
C PHE F 32 6.73 34.14 5.50
N ILE F 33 6.02 33.08 5.85
CA ILE F 33 5.85 31.90 4.96
C ILE F 33 5.14 32.32 3.67
N ASP F 34 4.14 33.18 3.76
CA ASP F 34 3.40 33.66 2.57
C ASP F 34 4.33 34.40 1.62
N ASP F 35 5.24 35.22 2.15
CA ASP F 35 6.30 35.86 1.34
C ASP F 35 7.29 34.84 0.77
N LEU F 36 7.83 33.95 1.58
CA LEU F 36 8.73 32.88 1.07
CA LEU F 36 8.72 32.86 1.09
C LEU F 36 8.04 32.12 -0.07
N MET F 37 6.78 31.72 0.10
CA MET F 37 6.07 30.96 -0.97
C MET F 37 5.86 31.81 -2.23
N GLN F 38 5.55 33.08 -2.05
CA GLN F 38 5.38 33.98 -3.22
C GLN F 38 6.72 34.09 -3.96
N ALA F 39 7.83 34.30 -3.24
CA ALA F 39 9.19 34.44 -3.82
C ALA F 39 9.52 33.16 -4.59
N LEU F 40 9.25 31.99 -4.01
CA LEU F 40 9.56 30.70 -4.68
CA LEU F 40 9.53 30.68 -4.67
C LEU F 40 8.72 30.55 -5.96
N SER F 41 7.42 30.86 -5.91
CA SER F 41 6.50 30.82 -7.07
C SER F 41 7.00 31.78 -8.16
N ASP F 42 7.43 32.99 -7.80
CA ASP F 42 7.98 33.97 -8.77
C ASP F 42 9.27 33.45 -9.44
N LEU F 43 10.02 32.54 -8.80
CA LEU F 43 11.31 32.03 -9.33
C LEU F 43 11.08 30.74 -10.15
N ASN F 44 9.85 30.28 -10.33
CA ASN F 44 9.56 29.08 -11.15
C ASN F 44 9.54 29.52 -12.62
N ARG F 45 10.72 29.84 -13.15
CA ARG F 45 10.96 30.41 -14.50
C ARG F 45 12.12 29.65 -15.14
N PRO F 46 12.15 29.60 -16.48
CA PRO F 46 13.10 28.71 -17.15
C PRO F 46 14.55 29.22 -17.00
N GLU F 47 14.75 30.50 -16.74
CA GLU F 47 16.11 31.08 -16.60
C GLU F 47 16.63 30.88 -15.18
N ILE F 48 15.85 30.27 -14.28
CA ILE F 48 16.30 29.95 -12.90
C ILE F 48 16.49 28.44 -12.86
N ARG F 49 17.63 27.97 -12.40
CA ARG F 49 17.98 26.53 -12.41
CA ARG F 49 17.89 26.51 -12.41
C ARG F 49 18.17 25.98 -11.00
N CYS F 50 18.41 26.84 -10.00
CA CYS F 50 18.72 26.34 -8.64
C CYS F 50 18.37 27.47 -7.66
N ILE F 51 17.90 27.07 -6.47
CA ILE F 51 17.46 28.01 -5.41
C ILE F 51 18.33 27.72 -4.21
N ILE F 52 18.79 28.78 -3.58
CA ILE F 52 19.41 28.72 -2.23
C ILE F 52 18.51 29.44 -1.23
N LEU F 53 18.16 28.79 -0.11
CA LEU F 53 17.51 29.43 1.05
C LEU F 53 18.55 29.73 2.13
N ARG F 54 18.60 30.95 2.63
CA ARG F 54 19.59 31.33 3.66
C ARG F 54 19.00 32.37 4.61
N ALA F 55 19.55 32.42 5.82
CA ALA F 55 19.44 33.57 6.74
C ALA F 55 20.54 34.57 6.38
N PRO F 56 20.37 35.85 6.81
CA PRO F 56 21.42 36.86 6.58
C PRO F 56 22.77 36.43 7.16
N SER F 57 23.83 36.80 6.47
CA SER F 57 25.22 36.60 6.96
CA SER F 57 25.21 36.57 6.97
C SER F 57 25.29 37.02 8.44
N GLY F 58 25.97 36.24 9.26
CA GLY F 58 26.18 36.51 10.69
C GLY F 58 25.01 36.13 11.60
N SER F 59 23.92 35.55 11.09
CA SER F 59 22.72 35.23 11.90
C SER F 59 23.11 34.26 13.00
N LYS F 60 22.75 34.59 14.25
CA LYS F 60 22.89 33.65 15.37
C LYS F 60 21.82 32.57 15.23
N VAL F 61 20.62 32.99 14.88
CA VAL F 61 19.45 32.07 14.77
C VAL F 61 19.10 32.03 13.28
N PHE F 62 19.19 30.86 12.65
CA PHE F 62 18.71 30.64 11.26
C PHE F 62 17.18 30.79 11.21
N SER F 63 16.46 30.05 12.05
CA SER F 63 15.02 30.19 12.28
C SER F 63 14.64 29.57 13.62
N ALA F 64 13.84 30.29 14.40
CA ALA F 64 13.29 29.85 15.68
C ALA F 64 12.09 28.94 15.50
N GLY F 65 11.74 28.53 14.28
CA GLY F 65 10.68 27.53 14.11
C GLY F 65 9.32 28.18 14.09
N HIS F 66 8.28 27.36 14.23
CA HIS F 66 6.87 27.82 14.24
C HIS F 66 6.74 29.01 15.18
N ASP F 67 5.93 29.97 14.79
CA ASP F 67 5.58 31.09 15.69
C ASP F 67 4.60 30.57 16.75
N ILE F 68 5.04 30.56 17.99
CA ILE F 68 4.34 29.84 19.11
C ILE F 68 3.05 30.63 19.41
N HIS F 69 3.02 31.94 19.13
CA HIS F 69 1.81 32.80 19.26
C HIS F 69 0.72 32.33 18.29
N GLU F 70 1.09 31.75 17.15
CA GLU F 70 0.15 31.37 16.08
C GLU F 70 -0.32 29.93 16.27
N LEU F 71 0.21 29.14 17.21
CA LEU F 71 -0.33 27.79 17.55
C LEU F 71 -1.75 27.95 18.12
N PRO F 72 -2.75 27.17 17.67
CA PRO F 72 -4.07 27.16 18.31
C PRO F 72 -4.02 26.86 19.81
N SER F 73 -4.90 27.49 20.60
CA SER F 73 -4.90 27.50 22.09
C SER F 73 -5.06 26.08 22.65
N GLY F 74 -5.94 25.28 22.06
CA GLY F 74 -6.36 23.96 22.59
C GLY F 74 -7.64 23.48 21.93
N GLY F 75 -7.73 22.17 21.67
CA GLY F 75 -8.91 21.57 21.02
C GLY F 75 -8.85 21.69 19.50
N ARG F 76 -7.77 22.25 18.95
CA ARG F 76 -7.58 22.43 17.48
C ARG F 76 -6.21 21.90 17.07
N ASP F 77 -6.19 21.10 16.00
CA ASP F 77 -4.94 20.56 15.43
C ASP F 77 -4.02 21.73 15.11
N PRO F 78 -2.81 21.78 15.68
CA PRO F 78 -1.83 22.82 15.33
C PRO F 78 -1.04 22.59 14.03
N LEU F 79 -1.17 21.41 13.38
CA LEU F 79 -0.35 21.09 12.18
C LEU F 79 -1.27 20.48 11.12
N SER F 80 -2.36 21.19 10.86
CA SER F 80 -3.37 20.77 9.86
CA SER F 80 -3.39 20.81 9.86
C SER F 80 -2.82 21.04 8.46
N TYR F 81 -3.47 20.48 7.45
CA TYR F 81 -2.92 20.48 6.08
C TYR F 81 -2.59 21.89 5.57
N ASP F 82 -3.38 22.90 5.87
CA ASP F 82 -3.14 24.23 5.28
C ASP F 82 -2.45 25.14 6.33
N ASP F 83 -1.85 24.61 7.39
CA ASP F 83 -0.92 25.39 8.25
C ASP F 83 0.26 25.83 7.38
N PRO F 84 0.81 27.04 7.60
CA PRO F 84 1.96 27.52 6.81
C PRO F 84 3.17 26.59 6.67
N LEU F 85 3.63 26.03 7.78
CA LEU F 85 4.74 25.04 7.77
C LEU F 85 4.39 23.87 6.83
N ARG F 86 3.16 23.37 6.88
CA ARG F 86 2.75 22.20 6.06
C ARG F 86 2.69 22.62 4.60
N GLN F 87 2.28 23.86 4.33
CA GLN F 87 2.23 24.38 2.93
CA GLN F 87 2.23 24.42 2.95
C GLN F 87 3.65 24.52 2.37
N ILE F 88 4.59 25.06 3.14
CA ILE F 88 5.91 25.42 2.56
C ILE F 88 6.69 24.12 2.32
N THR F 89 6.58 23.13 3.19
CA THR F 89 7.30 21.86 2.95
C THR F 89 6.72 21.18 1.69
N ARG F 90 5.41 21.18 1.48
CA ARG F 90 4.87 20.61 0.24
C ARG F 90 5.38 21.41 -0.95
N MET F 91 5.44 22.71 -0.83
CA MET F 91 5.87 23.53 -1.97
C MET F 91 7.35 23.26 -2.30
N ILE F 92 8.21 23.22 -1.29
CA ILE F 92 9.66 22.92 -1.50
C ILE F 92 9.79 21.56 -2.20
N GLN F 93 9.05 20.56 -1.75
CA GLN F 93 9.20 19.18 -2.26
C GLN F 93 8.71 19.04 -3.70
N LYS F 94 7.70 19.79 -4.07
CA LYS F 94 7.07 19.70 -5.42
C LYS F 94 7.75 20.66 -6.39
N PHE F 95 8.62 21.54 -5.88
CA PHE F 95 9.24 22.59 -6.72
C PHE F 95 10.18 21.91 -7.73
N PRO F 96 10.04 22.20 -9.04
CA PRO F 96 10.81 21.48 -10.06
C PRO F 96 12.27 21.87 -10.20
N LYS F 97 12.81 22.64 -9.28
CA LYS F 97 14.26 22.98 -9.28
C LYS F 97 14.84 22.55 -7.95
N PRO F 98 16.15 22.25 -7.87
CA PRO F 98 16.76 21.95 -6.60
C PRO F 98 16.68 23.18 -5.68
N ILE F 99 16.44 22.90 -4.43
CA ILE F 99 16.46 23.91 -3.36
C ILE F 99 17.50 23.47 -2.35
N ILE F 100 18.49 24.34 -2.16
CA ILE F 100 19.60 24.06 -1.22
C ILE F 100 19.39 24.91 0.01
N SER F 101 19.40 24.33 1.20
CA SER F 101 19.32 25.09 2.46
C SER F 101 20.77 25.38 2.87
N MET F 102 21.11 26.66 2.95
CA MET F 102 22.47 27.12 3.32
C MET F 102 22.39 27.70 4.73
N VAL F 103 22.82 26.96 5.75
CA VAL F 103 22.49 27.20 7.16
C VAL F 103 23.68 27.79 7.91
N GLU F 104 23.45 28.98 8.46
CA GLU F 104 24.27 29.62 9.50
C GLU F 104 23.36 29.86 10.70
N GLY F 105 23.83 29.53 11.89
CA GLY F 105 23.04 29.74 13.11
C GLY F 105 22.28 28.50 13.54
N SER F 106 21.42 28.69 14.52
CA SER F 106 20.65 27.60 15.15
C SER F 106 19.33 27.39 14.43
N VAL F 107 18.90 26.12 14.32
CA VAL F 107 17.67 25.71 13.62
C VAL F 107 16.77 24.98 14.61
N TRP F 108 15.51 25.41 14.74
CA TRP F 108 14.55 24.89 15.74
C TRP F 108 13.27 24.36 15.11
N GLY F 109 12.88 23.17 15.50
CA GLY F 109 11.52 22.64 15.36
C GLY F 109 11.06 22.61 13.91
N GLY F 110 9.97 23.30 13.63
CA GLY F 110 9.46 23.38 12.26
C GLY F 110 10.49 23.82 11.27
N ALA F 111 11.44 24.66 11.66
CA ALA F 111 12.46 25.13 10.69
C ALA F 111 13.42 23.97 10.36
N PHE F 112 13.60 23.05 11.27
CA PHE F 112 14.45 21.86 11.06
C PHE F 112 13.71 20.97 10.04
N GLU F 113 12.41 20.82 10.22
CA GLU F 113 11.58 20.03 9.23
C GLU F 113 11.65 20.70 7.86
N MET F 114 11.59 22.03 7.84
CA MET F 114 11.63 22.79 6.57
C MET F 114 12.95 22.52 5.82
N ILE F 115 14.12 22.67 6.45
CA ILE F 115 15.41 22.36 5.77
C ILE F 115 15.52 20.88 5.41
N MET F 116 14.97 19.98 6.23
CA MET F 116 14.99 18.53 5.94
C MET F 116 14.18 18.28 4.66
N SER F 117 13.14 19.08 4.40
CA SER F 117 12.26 18.91 3.21
C SER F 117 12.98 19.41 1.95
N SER F 118 14.01 20.24 2.07
CA SER F 118 14.78 20.73 0.92
C SER F 118 15.72 19.61 0.39
N ASP F 119 16.37 19.86 -0.73
CA ASP F 119 17.07 18.82 -1.50
C ASP F 119 18.47 18.58 -0.95
N LEU F 120 19.17 19.66 -0.57
CA LEU F 120 20.55 19.57 -0.02
C LEU F 120 20.67 20.54 1.14
N ILE F 121 21.48 20.22 2.14
CA ILE F 121 21.75 21.13 3.28
C ILE F 121 23.26 21.30 3.37
N ILE F 122 23.70 22.54 3.25
CA ILE F 122 25.13 22.90 3.46
C ILE F 122 25.15 23.83 4.68
N ALA F 123 25.99 23.53 5.68
CA ALA F 123 25.90 24.23 6.98
C ALA F 123 27.26 24.73 7.43
N ALA F 124 27.25 25.83 8.16
CA ALA F 124 28.43 26.35 8.88
C ALA F 124 28.82 25.35 9.98
N SER F 125 30.12 25.27 10.25
CA SER F 125 30.71 24.43 11.34
C SER F 125 30.12 24.80 12.71
N THR F 126 29.53 25.99 12.88
CA THR F 126 28.97 26.48 14.16
C THR F 126 27.46 26.38 14.24
N SER F 127 26.81 25.87 13.19
CA SER F 127 25.32 25.75 13.19
CA SER F 127 25.33 25.70 13.15
C SER F 127 24.89 24.61 14.13
N THR F 128 23.67 24.70 14.63
CA THR F 128 23.12 23.68 15.54
C THR F 128 21.67 23.42 15.14
N PHE F 129 21.18 22.25 15.52
CA PHE F 129 19.89 21.70 15.02
C PHE F 129 19.14 21.03 16.17
N SER F 130 17.89 21.42 16.40
CA SER F 130 17.04 20.85 17.48
CA SER F 130 17.08 20.71 17.42
C SER F 130 15.65 20.51 16.94
N MET F 131 15.09 19.39 17.31
CA MET F 131 13.66 19.11 16.98
C MET F 131 12.89 19.17 18.30
N THR F 132 11.95 20.08 18.41
CA THR F 132 11.41 20.60 19.71
C THR F 132 9.97 20.25 20.10
N PRO F 133 9.13 19.42 19.41
CA PRO F 133 7.75 19.28 19.87
C PRO F 133 7.54 18.76 21.30
N VAL F 134 8.45 17.91 21.79
CA VAL F 134 8.28 17.36 23.16
C VAL F 134 8.60 18.43 24.23
N ASN F 135 9.22 19.57 23.89
CA ASN F 135 9.38 20.73 24.81
C ASN F 135 8.04 21.39 25.07
N LEU F 136 7.15 21.38 24.08
CA LEU F 136 5.90 22.16 24.04
C LEU F 136 4.70 21.24 24.20
N GLY F 137 4.84 19.91 24.10
CA GLY F 137 3.66 19.05 24.22
C GLY F 137 2.94 18.90 22.87
N VAL F 138 3.59 19.19 21.75
CA VAL F 138 2.99 19.23 20.37
C VAL F 138 2.89 17.84 19.77
N PRO F 139 1.71 17.41 19.29
CA PRO F 139 1.60 16.13 18.62
C PRO F 139 1.97 16.33 17.15
N TYR F 140 3.24 16.21 16.81
CA TYR F 140 3.69 16.43 15.42
C TYR F 140 2.89 15.48 14.52
N ASN F 141 2.57 15.90 13.30
CA ASN F 141 1.75 15.09 12.37
C ASN F 141 2.61 14.07 11.58
N LEU F 142 1.93 13.08 11.04
CA LEU F 142 2.54 11.98 10.27
C LEU F 142 3.41 12.49 9.12
N VAL F 143 2.90 13.41 8.31
CA VAL F 143 3.68 13.90 7.15
C VAL F 143 4.96 14.54 7.67
N GLY F 144 4.84 15.29 8.77
CA GLY F 144 5.96 16.07 9.34
C GLY F 144 7.03 15.14 9.83
N ILE F 145 6.62 14.12 10.59
CA ILE F 145 7.56 13.11 11.13
C ILE F 145 8.20 12.36 9.96
N HIS F 146 7.43 11.97 8.96
CA HIS F 146 7.95 11.25 7.77
CA HIS F 146 7.96 11.23 7.79
C HIS F 146 9.08 12.07 7.15
N ASN F 147 8.92 13.38 7.08
CA ASN F 147 9.93 14.27 6.45
C ASN F 147 11.26 14.22 7.21
N LEU F 148 11.28 13.78 8.48
CA LEU F 148 12.49 13.69 9.32
C LEU F 148 13.15 12.31 9.24
N THR F 149 12.64 11.35 8.47
CA THR F 149 13.09 9.93 8.53
C THR F 149 13.85 9.49 7.27
N ARG F 150 14.18 10.39 6.33
CA ARG F 150 14.74 9.94 5.03
C ARG F 150 16.25 10.08 4.98
N ASP F 151 16.90 10.56 6.06
CA ASP F 151 18.35 10.89 6.06
C ASP F 151 19.07 10.07 7.12
N ALA F 152 18.77 10.25 8.40
CA ALA F 152 19.36 9.49 9.52
C ALA F 152 18.44 8.32 9.88
N GLY F 153 18.97 7.36 10.63
CA GLY F 153 18.21 6.16 11.03
C GLY F 153 17.18 6.47 12.11
N PHE F 154 16.31 5.51 12.36
CA PHE F 154 15.25 5.64 13.39
C PHE F 154 15.85 5.91 14.77
N HIS F 155 16.86 5.17 15.21
CA HIS F 155 17.38 5.42 16.60
C HIS F 155 17.84 6.88 16.72
N ILE F 156 18.50 7.41 15.71
CA ILE F 156 19.00 8.81 15.68
CA ILE F 156 19.00 8.81 15.76
C ILE F 156 17.81 9.77 15.73
N VAL F 157 16.80 9.53 14.90
CA VAL F 157 15.65 10.45 14.85
C VAL F 157 14.95 10.43 16.21
N LYS F 158 14.75 9.26 16.81
CA LYS F 158 14.12 9.15 18.15
C LYS F 158 14.94 9.86 19.23
N GLU F 159 16.27 9.79 19.18
CA GLU F 159 17.10 10.58 20.14
C GLU F 159 16.83 12.08 19.91
N LEU F 160 16.88 12.57 18.67
CA LEU F 160 16.69 14.00 18.37
C LEU F 160 15.33 14.47 18.91
N ILE F 161 14.27 13.68 18.63
CA ILE F 161 12.91 14.10 19.01
C ILE F 161 12.70 13.89 20.52
N PHE F 162 13.09 12.77 21.08
CA PHE F 162 12.74 12.47 22.51
C PHE F 162 13.54 13.34 23.47
N THR F 163 14.78 13.69 23.13
CA THR F 163 15.63 14.58 23.97
C THR F 163 15.36 16.03 23.64
N ALA F 164 14.98 16.38 22.42
CA ALA F 164 14.89 17.79 21.96
C ALA F 164 16.22 18.50 22.18
N SER F 165 17.34 17.77 22.31
CA SER F 165 18.68 18.36 22.58
C SER F 165 19.26 18.78 21.23
N PRO F 166 20.03 19.87 21.18
CA PRO F 166 20.65 20.28 19.95
C PRO F 166 21.77 19.33 19.57
N ILE F 167 21.96 19.18 18.29
CA ILE F 167 23.16 18.53 17.76
C ILE F 167 24.00 19.54 16.98
N THR F 168 25.30 19.27 16.94
CA THR F 168 26.27 20.08 16.20
C THR F 168 26.19 19.71 14.72
N ALA F 169 26.67 20.60 13.89
CA ALA F 169 26.89 20.40 12.46
C ALA F 169 27.73 19.16 12.22
N GLN F 170 28.73 18.90 13.07
CA GLN F 170 29.63 17.75 12.85
C GLN F 170 28.84 16.46 13.09
N ARG F 171 28.01 16.43 14.13
CA ARG F 171 27.22 15.21 14.38
C ARG F 171 26.18 15.06 13.28
N ALA F 172 25.57 16.15 12.86
CA ALA F 172 24.51 16.13 11.81
C ALA F 172 25.13 15.60 10.50
N LEU F 173 26.37 15.98 10.17
CA LEU F 173 27.07 15.40 9.01
C LEU F 173 27.23 13.89 9.16
N ALA F 174 27.74 13.46 10.31
CA ALA F 174 28.09 12.06 10.60
C ALA F 174 26.86 11.17 10.41
N VAL F 175 25.69 11.62 10.89
CA VAL F 175 24.48 10.75 10.91
C VAL F 175 23.73 10.83 9.59
N GLY F 176 24.10 11.72 8.66
CA GLY F 176 23.53 11.77 7.30
C GLY F 176 22.52 12.88 7.08
N ILE F 177 22.34 13.80 8.03
CA ILE F 177 21.38 14.93 7.91
C ILE F 177 21.94 15.97 6.93
N LEU F 178 23.23 16.28 7.02
CA LEU F 178 23.81 17.34 6.18
C LEU F 178 24.59 16.71 5.03
N ASN F 179 24.68 17.45 3.94
CA ASN F 179 25.61 17.16 2.81
C ASN F 179 27.06 17.57 3.16
N HIS F 180 27.25 18.82 3.56
CA HIS F 180 28.57 19.44 3.73
C HIS F 180 28.54 20.31 4.97
N VAL F 181 29.67 20.36 5.63
CA VAL F 181 29.92 21.34 6.71
C VAL F 181 31.16 22.15 6.30
N VAL F 182 31.07 23.46 6.36
CA VAL F 182 32.25 24.28 5.97
CA VAL F 182 32.06 24.45 5.82
C VAL F 182 32.36 25.44 6.95
N GLU F 183 33.57 26.00 7.02
CA GLU F 183 33.81 27.21 7.84
C GLU F 183 32.86 28.30 7.37
N VAL F 184 32.30 29.06 8.29
CA VAL F 184 31.29 30.10 7.98
C VAL F 184 31.83 31.05 6.90
N GLU F 185 33.12 31.38 6.91
CA GLU F 185 33.73 32.33 5.93
C GLU F 185 33.67 31.77 4.51
N GLU F 186 33.57 30.45 4.37
CA GLU F 186 33.59 29.78 3.06
C GLU F 186 32.16 29.37 2.66
N LEU F 187 31.18 29.52 3.54
CA LEU F 187 29.85 28.88 3.34
C LEU F 187 29.19 29.37 2.04
N GLU F 188 29.16 30.68 1.81
CA GLU F 188 28.46 31.27 0.65
CA GLU F 188 28.52 31.32 0.64
C GLU F 188 29.18 30.86 -0.64
N ASP F 189 30.51 30.96 -0.70
CA ASP F 189 31.26 30.61 -1.93
C ASP F 189 31.07 29.12 -2.27
N PHE F 190 31.18 28.24 -1.28
CA PHE F 190 31.04 26.79 -1.46
C PHE F 190 29.62 26.48 -2.00
N THR F 191 28.61 27.08 -1.39
CA THR F 191 27.18 26.81 -1.75
C THR F 191 26.89 27.35 -3.18
N LEU F 192 27.36 28.56 -3.47
CA LEU F 192 27.15 29.16 -4.81
C LEU F 192 27.86 28.33 -5.87
N GLN F 193 29.07 27.83 -5.61
CA GLN F 193 29.79 27.04 -6.60
C GLN F 193 28.98 25.77 -6.90
N MET F 194 28.40 25.14 -5.88
CA MET F 194 27.64 23.91 -6.14
C MET F 194 26.36 24.25 -6.92
N ALA F 195 25.69 25.32 -6.54
CA ALA F 195 24.43 25.74 -7.20
C ALA F 195 24.72 26.07 -8.66
N HIS F 196 25.79 26.81 -8.95
CA HIS F 196 26.17 27.12 -10.35
CA HIS F 196 26.11 27.14 -10.36
C HIS F 196 26.47 25.86 -11.15
N HIS F 197 27.12 24.88 -10.52
CA HIS F 197 27.46 23.61 -11.17
C HIS F 197 26.16 22.89 -11.57
N ILE F 198 25.23 22.79 -10.64
CA ILE F 198 23.90 22.15 -10.85
C ILE F 198 23.17 22.89 -11.98
N SER F 199 23.33 24.18 -12.07
CA SER F 199 22.67 25.05 -13.07
C SER F 199 23.07 24.75 -14.51
N GLU F 200 24.13 23.98 -14.77
CA GLU F 200 24.50 23.63 -16.16
C GLU F 200 23.97 22.24 -16.52
N LYS F 201 23.36 21.52 -15.58
CA LYS F 201 22.88 20.16 -15.88
C LYS F 201 21.47 20.21 -16.49
N ALA F 202 20.94 19.05 -16.89
CA ALA F 202 19.67 18.98 -17.65
C ALA F 202 18.48 19.19 -16.71
N PRO F 203 17.78 20.32 -16.83
CA PRO F 203 16.78 20.68 -15.84
C PRO F 203 15.55 19.74 -15.85
N LEU F 204 15.16 19.23 -17.01
CA LEU F 204 13.97 18.35 -17.08
C LEU F 204 14.30 17.02 -16.40
N ALA F 205 15.52 16.53 -16.55
CA ALA F 205 15.98 15.28 -15.89
C ALA F 205 15.97 15.52 -14.37
N ILE F 206 16.56 16.64 -13.92
CA ILE F 206 16.52 16.97 -12.47
C ILE F 206 15.07 16.99 -12.00
N ALA F 207 14.16 17.66 -12.69
CA ALA F 207 12.77 17.83 -12.19
C ALA F 207 12.10 16.45 -12.09
N VAL F 208 12.19 15.61 -13.10
CA VAL F 208 11.46 14.31 -13.04
C VAL F 208 12.11 13.40 -12.00
N ILE F 209 13.41 13.45 -11.83
CA ILE F 209 14.08 12.60 -10.81
C ILE F 209 13.71 13.10 -9.41
N LYS F 210 13.67 14.42 -9.20
CA LYS F 210 13.23 14.99 -7.91
C LYS F 210 11.81 14.48 -7.62
N GLU F 211 10.95 14.48 -8.62
CA GLU F 211 9.52 14.13 -8.40
C GLU F 211 9.42 12.61 -8.14
N GLU F 212 10.20 11.79 -8.82
CA GLU F 212 10.31 10.33 -8.56
C GLU F 212 10.74 10.09 -7.11
N LEU F 213 11.77 10.81 -6.65
CA LEU F 213 12.23 10.67 -5.24
C LEU F 213 11.10 11.10 -4.29
N ARG F 214 10.36 12.14 -4.62
CA ARG F 214 9.31 12.64 -3.73
C ARG F 214 8.26 11.55 -3.58
N VAL F 215 7.80 11.01 -4.69
CA VAL F 215 6.75 9.95 -4.72
CA VAL F 215 6.70 10.02 -4.58
C VAL F 215 7.22 8.71 -3.95
N LEU F 216 8.46 8.27 -4.22
CA LEU F 216 9.01 7.05 -3.56
C LEU F 216 9.14 7.27 -2.05
N GLY F 217 9.51 8.48 -1.68
CA GLY F 217 9.69 8.88 -0.27
C GLY F 217 8.39 8.94 0.48
N GLU F 218 7.29 9.24 -0.20
CA GLU F 218 5.95 9.31 0.42
C GLU F 218 5.26 7.94 0.42
N ALA F 219 5.77 6.97 -0.33
CA ALA F 219 5.05 5.70 -0.68
C ALA F 219 5.12 4.70 0.46
N HIS F 220 4.95 5.18 1.68
CA HIS F 220 4.72 4.32 2.87
C HIS F 220 3.20 4.35 3.11
N THR F 221 2.49 3.30 2.76
CA THR F 221 1.02 3.42 2.77
C THR F 221 0.42 2.65 3.96
N MET F 222 -0.75 3.11 4.36
CA MET F 222 -1.50 2.55 5.50
CA MET F 222 -1.49 2.51 5.50
C MET F 222 -3.00 2.57 5.19
N ASN F 223 -3.75 1.75 5.90
CA ASN F 223 -5.20 1.76 5.74
C ASN F 223 -5.84 2.89 6.55
N SER F 224 -7.10 3.19 6.21
CA SER F 224 -7.83 4.32 6.82
C SER F 224 -7.90 4.17 8.34
N ASP F 225 -8.12 2.97 8.84
CA ASP F 225 -8.29 2.80 10.29
C ASP F 225 -7.01 3.22 10.99
N GLU F 226 -5.86 2.86 10.43
CA GLU F 226 -4.59 3.19 11.10
C GLU F 226 -4.44 4.71 11.15
N PHE F 227 -4.73 5.39 10.06
CA PHE F 227 -4.64 6.87 10.01
CA PHE F 227 -4.63 6.87 10.01
C PHE F 227 -5.61 7.48 11.03
N GLU F 228 -6.84 6.99 11.06
CA GLU F 228 -7.84 7.61 11.96
C GLU F 228 -7.47 7.32 13.41
N ARG F 229 -6.82 6.19 13.67
CA ARG F 229 -6.38 5.82 15.05
C ARG F 229 -5.31 6.82 15.47
N ILE F 230 -4.36 7.07 14.59
CA ILE F 230 -3.30 8.08 14.85
C ILE F 230 -3.92 9.44 15.06
N GLN F 231 -4.89 9.83 14.23
CA GLN F 231 -5.47 11.18 14.34
C GLN F 231 -6.18 11.28 15.69
N GLY F 232 -6.84 10.23 16.15
CA GLY F 232 -7.49 10.23 17.48
C GLY F 232 -6.48 10.39 18.63
N MET F 233 -5.31 9.76 18.51
CA MET F 233 -4.21 9.90 19.50
CA MET F 233 -4.21 9.89 19.50
C MET F 233 -3.71 11.35 19.46
N ARG F 234 -3.57 11.91 18.25
CA ARG F 234 -3.06 13.30 18.13
C ARG F 234 -4.06 14.25 18.80
N ARG F 235 -5.36 14.01 18.57
CA ARG F 235 -6.43 14.90 19.12
C ARG F 235 -6.39 14.82 20.67
N ALA F 236 -6.19 13.64 21.23
CA ALA F 236 -6.06 13.48 22.70
C ALA F 236 -4.88 14.33 23.21
N VAL F 237 -3.80 14.46 22.42
CA VAL F 237 -2.63 15.30 22.82
C VAL F 237 -3.00 16.77 22.74
N TYR F 238 -3.61 17.23 21.65
CA TYR F 238 -3.89 18.68 21.50
C TYR F 238 -5.10 19.06 22.37
N ASP F 239 -5.83 18.09 22.90
CA ASP F 239 -6.90 18.33 23.91
C ASP F 239 -6.32 18.33 25.34
N SER F 240 -5.04 17.95 25.54
CA SER F 240 -4.48 17.64 26.87
C SER F 240 -4.17 18.91 27.68
N GLU F 241 -4.14 18.74 28.99
CA GLU F 241 -3.60 19.80 29.89
C GLU F 241 -2.13 20.05 29.59
N ASP F 242 -1.35 19.00 29.30
CA ASP F 242 0.09 19.17 29.00
C ASP F 242 0.30 20.09 27.82
N TYR F 243 -0.53 19.99 26.78
CA TYR F 243 -0.35 20.84 25.58
C TYR F 243 -0.52 22.32 26.03
N GLN F 244 -1.55 22.61 26.81
CA GLN F 244 -1.77 24.01 27.33
C GLN F 244 -0.57 24.43 28.18
N GLU F 245 -0.10 23.56 29.06
CA GLU F 245 1.07 23.82 29.94
C GLU F 245 2.31 24.06 29.10
N GLY F 246 2.52 23.29 28.02
CA GLY F 246 3.69 23.54 27.17
C GLY F 246 3.71 24.96 26.60
N MET F 247 2.58 25.40 26.01
CA MET F 247 2.38 26.74 25.42
C MET F 247 2.60 27.80 26.52
N ASN F 248 1.87 27.68 27.61
CA ASN F 248 1.89 28.64 28.77
C ASN F 248 3.32 28.79 29.27
N ALA F 249 4.05 27.69 29.52
CA ALA F 249 5.42 27.71 30.06
C ALA F 249 6.30 28.54 29.14
N PHE F 250 6.14 28.39 27.82
CA PHE F 250 7.05 29.04 26.86
C PHE F 250 6.86 30.55 26.97
N LEU F 251 5.61 30.99 27.02
CA LEU F 251 5.23 32.42 26.99
C LEU F 251 5.64 33.05 28.32
N GLU F 252 5.36 32.37 29.44
CA GLU F 252 5.69 32.81 30.83
C GLU F 252 7.19 32.63 31.14
N LYS F 253 7.96 32.00 30.25
CA LYS F 253 9.43 31.83 30.34
C LYS F 253 9.82 30.99 31.56
N ARG F 254 9.17 29.84 31.77
CA ARG F 254 9.42 28.93 32.93
C ARG F 254 9.50 27.48 32.43
N LYS F 255 10.03 26.57 33.24
CA LYS F 255 10.12 25.13 32.90
C LYS F 255 8.70 24.57 32.94
N PRO F 256 8.22 23.86 31.90
CA PRO F 256 6.93 23.18 32.02
C PRO F 256 6.93 22.05 33.06
N ASN F 257 5.78 21.80 33.64
CA ASN F 257 5.53 20.65 34.51
C ASN F 257 4.54 19.72 33.82
N PHE F 258 5.02 18.73 33.07
CA PHE F 258 4.12 17.78 32.36
C PHE F 258 3.72 16.64 33.30
N VAL F 259 2.48 16.19 33.21
CA VAL F 259 1.89 15.19 34.16
C VAL F 259 1.25 14.00 33.42
N GLY F 260 1.21 13.99 32.09
CA GLY F 260 0.69 12.82 31.35
C GLY F 260 -0.82 12.85 31.17
N HIS F 261 -1.45 14.03 31.27
CA HIS F 261 -2.84 14.23 30.81
C HIS F 261 -3.02 15.64 30.28
C2 LCV G . -31.44 12.42 18.37
C4 LCV G . -33.55 12.06 17.51
C5 LCV G . -32.97 11.38 16.36
C6 LCV G . -31.52 11.24 16.31
N1 LCV G . -30.82 11.77 17.32
O6 LCV G . -40.56 10.88 15.36
O56 LCV G . -23.89 11.52 9.11
SS4 LCV G . -25.05 10.81 9.59
OS5 LCV G . -25.09 9.42 9.23
OS4 LCV G . -26.23 11.54 9.17
CS2 LCV G . -24.93 10.83 11.25
CS3 LCV G . -24.82 12.28 11.64
CS1 LCV G . -26.19 10.27 11.84
OS1 LCV G . -26.39 9.08 12.03
OPS LCV G . -27.17 11.25 12.19
CP1 LCV G . -28.48 10.79 12.53
CP2 LCV G . -29.18 10.32 11.27
NP1 LCV G . -30.56 10.09 11.55
CP3 LCV G . -31.48 10.89 11.06
OP1 LCV G . -31.19 11.88 10.39
CP4 LCV G . -32.89 10.52 11.38
CP5 LCV G . -33.60 11.76 11.88
NP2 LCV G . -34.94 11.49 12.40
CP6 LCV G . -35.98 11.25 11.60
OP2 LCV G . -35.95 11.23 10.37
CP7 LCV G . -37.29 10.99 12.32
OP3 LCV G . -37.17 11.54 13.62
CPA LCV G . -37.56 9.54 12.65
CP9 LCV G . -36.43 8.55 12.46
CP8 LCV G . -38.00 9.27 11.20
CPB LCV G . -38.96 9.10 13.04
O7 LCV G . -39.90 10.16 12.90
P2 LCV G . -41.11 10.35 13.97
O21 LCV G . -42.04 11.35 13.37
O22 LCV G . -41.67 9.02 14.31
P1 LCV G . -39.99 12.35 15.58
O11 LCV G . -39.46 13.02 14.35
O12 LCV G . -41.13 13.15 16.16
O5' LCV G . -38.85 12.18 16.69
C5' LCV G . -39.09 11.69 17.99
C4' LCV G . -38.04 12.32 18.89
O4' LCV G . -36.78 11.68 18.56
C1' LCV G . -35.84 12.68 18.22
C2' LCV G . -36.65 13.83 17.63
O2' LCV G . -35.91 15.07 17.63
C3' LCV G . -37.81 13.81 18.61
O3' LCV G . -37.40 14.50 19.79
P3 LCV G . -38.48 15.20 20.79
O31 LCV G . -37.55 15.99 21.68
O32 LCV G . -39.14 14.07 21.56
O33 LCV G . -39.35 16.02 19.81
N9 LCV G . -34.86 12.08 17.28
C8 LCV G . -35.13 11.42 16.12
N7 LCV G . -33.96 11.00 15.57
N6 LCV G . -30.91 10.59 15.28
N3 LCV G . -32.77 12.58 18.46
O56 SO5 H . -26.21 11.55 9.26
SS4 SO5 H . -25.03 10.82 9.63
OS5 SO5 H . -23.88 11.56 9.14
OS4 SO5 H . -25.09 9.44 9.22
CS2 SO5 H . -24.85 10.78 11.31
CS3 SO5 H . -23.73 9.85 11.77
CS1 SO5 H . -26.16 10.27 11.86
OS1 SO5 H . -26.42 9.08 12.03
OPS SO5 H . -27.13 11.28 12.17
CP1 SO5 H . -28.46 10.85 12.51
CP2 SO5 H . -29.16 10.33 11.27
NP1 SO5 H . -30.55 10.10 11.57
CP3 SO5 H . -31.45 10.89 11.06
OP1 SO5 H . -31.17 11.88 10.39
CP4 SO5 H . -32.88 10.53 11.40
CP5 SO5 H . -33.56 11.79 11.92
NP2 SO5 H . -34.88 11.52 12.45
CP6 SO5 H . -35.95 11.39 11.64
OP2 SO5 H . -35.90 11.52 10.42
CP7 SO5 H . -37.26 11.06 12.34
OP3 SO5 H . -37.09 11.26 13.74
CPA SO5 H . -37.67 9.59 12.24
CP9 SO5 H . -38.19 9.19 10.85
CP8 SO5 H . -36.43 8.78 12.67
CPB SO5 H . -38.74 9.37 13.30
O7 SO5 H . -39.94 10.02 12.91
P2 SO5 H . -41.11 10.34 14.00
O21 SO5 H . -42.02 11.36 13.39
O22 SO5 H . -41.73 9.08 14.47
O6 SO5 H . -40.50 10.88 15.35
P1 SO5 H . -39.98 12.37 15.56
O11 SO5 H . -39.47 13.03 14.32
O12 SO5 H . -41.15 13.12 16.13
O5' SO5 H . -38.85 12.23 16.66
C5' SO5 H . -39.05 11.59 17.92
C4' SO5 H . -38.03 12.25 18.84
O4' SO5 H . -36.77 11.63 18.57
C1' SO5 H . -35.84 12.66 18.22
C2' SO5 H . -36.65 13.80 17.62
O2' SO5 H . -35.94 15.04 17.67
C3' SO5 H . -37.85 13.72 18.55
O3' SO5 H . -37.52 14.43 19.75
P3 SO5 H . -38.67 15.20 20.61
O31 SO5 H . -40.01 14.71 20.13
O32 SO5 H . -38.41 14.77 22.04
O33 SO5 H . -38.40 16.64 20.20
N9 SO5 H . -34.86 12.07 17.29
C8 SO5 H . -35.12 11.40 16.13
N7 SO5 H . -33.95 10.99 15.57
C5 SO5 H . -32.96 11.37 16.36
C4 SO5 H . -33.55 12.05 17.51
C6 SO5 H . -31.52 11.24 16.31
N6 SO5 H . -30.91 10.59 15.28
N1 SO5 H . -30.82 11.78 17.33
C2 SO5 H . -31.44 12.42 18.37
N3 SO5 H . -32.76 12.57 18.46
C2 LCV I . -12.46 -37.07 -0.94
C4 LCV I . -14.71 -37.51 -1.39
C5 LCV I . -14.95 -36.09 -1.60
C6 LCV I . -13.79 -35.21 -1.46
N1 LCV I . -12.61 -35.74 -1.11
O6 LCV I . -21.56 -39.42 -3.10
O56 LCV I . -13.14 -25.59 0.53
SS4 LCV I . -12.68 -26.40 1.62
OS5 LCV I . -11.91 -25.61 2.56
OS4 LCV I . -13.84 -27.05 2.18
CS2 LCV I . -11.60 -27.48 0.95
CS3 LCV I . -11.01 -28.41 1.99
CS1 LCV I . -12.30 -28.44 0.05
OS1 LCV I . -12.44 -28.27 -1.14
OPS LCV I . -12.75 -29.63 0.73
CP1 LCV I . -13.62 -30.51 0.06
CP2 LCV I . -15.00 -29.94 0.07
NP1 LCV I . -15.87 -30.89 -0.54
CP3 LCV I . -16.99 -31.23 0.04
OP1 LCV I . -17.33 -30.79 1.14
CP4 LCV I . -17.82 -32.21 -0.74
CP5 LCV I . -18.30 -33.31 0.17
NP2 LCV I . -19.06 -34.31 -0.57
CP6 LCV I . -20.37 -34.22 -0.80
OP2 LCV I . -21.05 -33.28 -0.40
CP7 LCV I . -20.98 -35.38 -1.54
OP3 LCV I . -19.99 -36.41 -1.57
CPA LCV I . -21.27 -35.11 -3.00
CP9 LCV I . -22.55 -34.34 -3.21
CP8 LCV I . -20.07 -34.44 -3.68
CPB LCV I . -21.41 -36.50 -3.63
O7 LCV I . -22.63 -37.08 -3.17
P2 LCV I . -22.89 -38.65 -3.50
O21 LCV I . -23.03 -38.81 -4.99
O22 LCV I . -24.10 -39.07 -2.72
P1 LCV I . -21.09 -39.79 -1.63
O11 LCV I . -21.27 -38.75 -0.53
O12 LCV I . -21.95 -41.00 -1.30
O5' LCV I . -19.54 -40.09 -1.73
C5' LCV I . -19.01 -40.87 -2.78
C4' LCV I . -17.57 -41.09 -2.38
O4' LCV I . -16.74 -39.95 -2.68
C1' LCV I . -16.04 -39.52 -1.51
C2' LCV I . -16.88 -39.94 -0.32
O2' LCV I . -16.00 -40.05 0.79
C3' LCV I . -17.42 -41.25 -0.87
O3' LCV I . -16.38 -42.18 -0.75
P3 LCV I . -16.68 -43.74 -0.50
O31 LCV I . -15.37 -44.24 0.06
O32 LCV I . -17.86 -43.85 0.43
O33 LCV I . -17.00 -44.30 -1.87
N9 LCV I . -15.87 -38.08 -1.57
C8 LCV I . -16.79 -37.17 -1.89
N7 LCV I . -16.24 -35.94 -1.89
N6 LCV I . -13.99 -33.90 -1.63
N3 LCV I . -13.47 -37.94 -1.08
O56 SO5 J . -13.87 -27.01 2.18
SS4 SO5 J . -12.68 -26.41 1.65
OS5 SO5 J . -13.09 -25.64 0.50
OS4 SO5 J . -11.94 -25.56 2.57
CS2 SO5 J . -11.55 -27.53 1.14
CS3 SO5 J . -10.33 -26.88 0.50
CS1 SO5 J . -12.22 -28.45 0.18
OS1 SO5 J . -12.30 -28.24 -1.02
OPS SO5 J . -12.74 -29.67 0.76
CP1 SO5 J . -13.61 -30.51 0.04
CP2 SO5 J . -15.01 -29.97 0.08
NP1 SO5 J . -15.88 -30.92 -0.53
CP3 SO5 J . -17.04 -31.24 0.02
OP1 SO5 J . -17.43 -30.78 1.09
CP4 SO5 J . -17.86 -32.21 -0.78
CP5 SO5 J . -18.35 -33.32 0.13
NP2 SO5 J . -19.06 -34.36 -0.59
CP6 SO5 J . -20.37 -34.31 -0.86
OP2 SO5 J . -21.10 -33.39 -0.51
CP7 SO5 J . -20.92 -35.51 -1.61
OP3 SO5 J . -20.03 -36.60 -1.41
CPA SO5 J . -20.91 -35.29 -3.13
CP9 SO5 J . -20.35 -33.97 -3.57
CP8 SO5 J . -22.23 -34.59 -2.96
CPB SO5 J . -21.67 -36.29 -4.02
O7 SO5 J . -22.58 -37.04 -3.20
P2 SO5 J . -22.87 -38.61 -3.49
O21 SO5 J . -24.06 -39.02 -2.66
O22 SO5 J . -23.08 -38.79 -4.96
O6 SO5 J . -21.56 -39.40 -3.11
P1 SO5 J . -21.10 -39.79 -1.62
O11 SO5 J . -21.30 -38.75 -0.53
O12 SO5 J . -21.95 -41.01 -1.31
O5' SO5 J . -19.54 -40.08 -1.70
C5' SO5 J . -19.00 -40.88 -2.74
C4' SO5 J . -17.55 -41.11 -2.37
O4' SO5 J . -16.74 -39.96 -2.69
C1' SO5 J . -16.03 -39.54 -1.52
C2' SO5 J . -16.84 -39.96 -0.33
O2' SO5 J . -15.96 -40.05 0.77
C3' SO5 J . -17.35 -41.30 -0.88
O3' SO5 J . -16.25 -42.18 -0.78
P3 SO5 J . -16.42 -43.74 -0.45
O31 SO5 J . -15.02 -44.29 -0.34
O32 SO5 J . -17.21 -43.86 0.84
O33 SO5 J . -17.19 -44.30 -1.64
N9 SO5 J . -15.87 -38.09 -1.58
C8 SO5 J . -16.79 -37.17 -1.89
N7 SO5 J . -16.24 -35.93 -1.87
C5 SO5 J . -14.95 -36.08 -1.60
C4 SO5 J . -14.71 -37.51 -1.40
C6 SO5 J . -13.80 -35.20 -1.46
N6 SO5 J . -14.00 -33.90 -1.62
N1 SO5 J . -12.61 -35.74 -1.12
C2 SO5 J . -12.45 -37.07 -0.97
N3 SO5 J . -13.47 -37.94 -1.11
C2 LCV K . -14.03 8.84 -35.11
C4 LCV K . -16.19 8.37 -35.76
C5 LCV K . -16.30 7.42 -34.65
C6 LCV K . -15.15 7.29 -33.75
N1 LCV K . -14.06 8.00 -34.07
O6 LCV K . -22.73 6.42 -38.50
O56 LCV K . -12.16 0.99 -27.94
SS4 LCV K . -11.64 1.76 -26.82
OS5 LCV K . -10.36 1.21 -26.43
OS4 LCV K . -12.58 1.86 -25.74
CS2 LCV K . -11.31 3.33 -27.29
CS3 LCV K . -10.05 3.30 -28.11
CS1 LCV K . -12.47 3.83 -28.09
OS1 LCV K . -13.37 4.49 -27.60
OPS LCV K . -12.51 3.50 -29.48
CP1 LCV K . -13.66 3.80 -30.26
CP2 LCV K . -14.81 2.89 -29.92
NP1 LCV K . -16.00 3.25 -30.67
CP3 LCV K . -16.55 2.48 -31.59
OP1 LCV K . -16.09 1.40 -31.84
CP4 LCV K . -17.73 2.99 -32.36
CP5 LCV K . -17.41 3.16 -33.83
NP2 LCV K . -18.52 3.72 -34.61
CP6 LCV K . -19.49 2.91 -35.07
OP2 LCV K . -19.48 1.71 -34.87
CP7 LCV K . -20.62 3.53 -35.82
OP3 LCV K . -20.23 4.83 -36.30
CPA LCV K . -21.87 3.71 -34.95
CP9 LCV K . -22.55 2.39 -34.66
CP8 LCV K . -21.52 4.39 -33.64
CPB LCV K . -22.85 4.60 -35.69
O7 LCV K . -22.93 4.13 -37.03
P2 LCV K . -23.52 5.04 -38.20
O21 LCV K . -23.61 4.18 -39.44
O22 LCV K . -24.86 5.53 -37.73
P1 LCV K . -21.22 6.57 -39.10
O11 LCV K . -20.50 5.25 -38.99
O12 LCV K . -21.28 7.05 -40.51
O5' LCV K . -20.50 7.78 -38.28
C5' LCV K . -20.86 9.16 -38.40
C4' LCV K . -19.59 9.98 -38.54
O4' LCV K . -18.76 10.04 -37.37
C1' LCV K . -17.61 9.18 -37.57
C2' LCV K . -17.91 8.31 -38.76
O2' LCV K . -16.70 7.87 -39.39
C3' LCV K . -18.72 9.30 -39.58
O3' LCV K . -17.88 10.29 -40.13
P3 LCV K . -17.94 10.58 -41.71
O31 LCV K . -17.73 9.25 -42.43
O32 LCV K . -19.31 11.19 -41.89
O33 LCV K . -16.86 11.57 -42.06
N9 LCV K . -17.34 8.36 -36.38
C8 LCV K . -18.16 7.49 -35.77
N7 LCV K . -17.53 6.91 -34.71
N6 LCV K . -15.16 6.48 -32.69
N3 LCV K . -15.05 9.04 -35.95
O56 SO5 L . -10.34 1.20 -26.43
SS4 SO5 L . -11.58 1.75 -26.90
OS5 SO5 L . -12.13 0.91 -27.96
OS4 SO5 L . -12.53 2.06 -25.87
CS2 SO5 L . -11.13 3.22 -27.58
CS3 SO5 L . -10.48 4.08 -26.52
CS1 SO5 L . -12.36 3.82 -28.20
OS1 SO5 L . -13.22 4.47 -27.60
OPS SO5 L . -12.55 3.56 -29.59
CP1 SO5 L . -13.76 3.90 -30.24
CP2 SO5 L . -14.84 2.89 -29.95
NP1 SO5 L . -16.04 3.24 -30.69
CP3 SO5 L . -16.57 2.47 -31.62
OP1 SO5 L . -16.10 1.39 -31.88
CP4 SO5 L . -17.75 2.99 -32.39
CP5 SO5 L . -17.41 3.18 -33.86
NP2 SO5 L . -18.53 3.74 -34.64
CP6 SO5 L . -19.49 2.94 -35.10
OP2 SO5 L . -19.48 1.74 -34.91
CP7 SO5 L . -20.62 3.57 -35.84
OP3 SO5 L . -20.25 4.87 -36.29
CPA SO5 L . -21.88 3.72 -34.96
CP9 SO5 L . -22.53 2.39 -34.67
CP8 SO5 L . -21.53 4.40 -33.64
CPB SO5 L . -22.87 4.60 -35.70
O7 SO5 L . -22.94 4.13 -37.03
P2 SO5 L . -23.52 5.04 -38.21
O21 SO5 L . -23.57 4.19 -39.46
O22 SO5 L . -24.88 5.53 -37.75
O6 SO5 L . -22.71 6.43 -38.48
P1 SO5 L . -21.23 6.59 -39.10
O11 SO5 L . -21.30 7.07 -40.51
O12 SO5 L . -20.50 5.26 -39.00
O5' SO5 L . -20.49 7.79 -38.27
C5' SO5 L . -20.86 9.17 -38.39
C4' SO5 L . -19.59 9.99 -38.54
O4' SO5 L . -18.76 10.04 -37.37
C1' SO5 L . -17.61 9.18 -37.57
C2' SO5 L . -17.92 8.31 -38.77
O2' SO5 L . -16.71 7.87 -39.40
C3' SO5 L . -18.72 9.30 -39.58
O3' SO5 L . -17.88 10.29 -40.13
P3 SO5 L . -17.96 10.59 -41.71
O31 SO5 L . -17.74 9.26 -42.43
O32 SO5 L . -19.33 11.20 -41.87
O33 SO5 L . -16.88 11.59 -42.05
N9 SO5 L . -17.34 8.36 -36.38
C8 SO5 L . -18.16 7.49 -35.77
N7 SO5 L . -17.53 6.91 -34.71
C5 SO5 L . -16.30 7.42 -34.65
C4 SO5 L . -16.19 8.37 -35.76
C6 SO5 L . -15.15 7.29 -33.75
N6 SO5 L . -15.17 6.48 -32.69
N1 SO5 L . -14.06 8.00 -34.07
C2 SO5 L . -14.02 8.84 -35.12
N3 SO5 L . -15.05 9.04 -35.95
C2 LCV M . -25.36 -0.82 -29.99
C4 LCV M . -23.37 -1.91 -30.49
C5 LCV M . -22.73 -1.33 -29.27
C6 LCV M . -23.59 -0.46 -28.45
N1 LCV M . -24.85 -0.25 -28.87
O6 LCV M . -22.94 -9.24 -31.43
O7 LCV M . -24.79 -10.85 -30.65
P2 LCV M . -23.73 -9.75 -30.12
O21 LCV M . -24.52 -8.65 -29.49
O22 LCV M . -22.89 -10.58 -29.15
P1 LCV M . -21.64 -8.29 -31.54
O11 LCV M . -20.90 -8.40 -30.27
O12 LCV M . -20.88 -8.65 -32.83
O5' LCV M . -22.18 -6.79 -31.78
C5' LCV M . -23.51 -6.66 -32.29
C4' LCV M . -23.50 -5.40 -33.10
O4' LCV M . -23.78 -4.32 -32.20
C1' LCV M . -22.74 -3.35 -32.33
C2' LCV M . -21.53 -4.02 -32.89
O2' LCV M . -20.91 -3.04 -33.74
C3' LCV M . -22.14 -5.11 -33.73
O3' LCV M . -22.24 -4.43 -34.96
P3 LCV M . -22.20 -5.09 -36.42
O31 LCV M . -23.64 -5.54 -36.58
O32 LCV M . -21.85 -4.01 -37.44
O33 LCV M . -21.21 -6.23 -36.58
N9 LCV M . -22.44 -2.64 -31.07
C8 LCV M . -21.29 -2.59 -30.34
N7 LCV M . -21.46 -1.77 -29.24
N6 LCV M . -23.13 0.13 -27.33
N3 LCV M . -24.64 -1.62 -30.82
C2 LCV N . 29.61 4.64 -25.18
C4 LCV N . 31.65 5.45 -24.35
C5 LCV N . 31.08 5.48 -23.00
C6 LCV N . 29.70 5.04 -22.85
N1 LCV N . 29.02 4.63 -23.95
O6 LCV N . 38.43 7.67 -22.40
O56 LCV N . 23.57 8.52 -17.20
SS4 LCV N . 22.69 7.42 -16.92
OS5 LCV N . 21.28 7.79 -16.93
OS4 LCV N . 23.02 6.80 -15.65
CS2 LCV N . 22.82 6.21 -18.06
CS3 LCV N . 22.34 6.68 -19.40
CS1 LCV N . 24.26 5.85 -18.28
OS1 LCV N . 24.85 4.97 -17.66
OPS LCV N . 24.91 6.62 -19.29
CP1 LCV N . 26.31 6.53 -19.44
CP2 LCV N . 26.99 7.22 -18.28
NP1 LCV N . 28.42 7.15 -18.47
CP3 LCV N . 29.15 8.25 -18.60
OP1 LCV N . 28.65 9.34 -18.67
CP4 LCV N . 30.64 8.07 -18.68
CP5 LCV N . 31.08 8.70 -19.99
NP2 LCV N . 32.48 8.51 -20.27
CP6 LCV N . 33.40 9.15 -19.56
OP2 LCV N . 33.09 9.90 -18.67
CP7 LCV N . 34.84 8.90 -19.90
OP3 LCV N . 34.77 8.31 -21.20
CPA LCV N . 35.53 7.90 -18.98
CP9 LCV N . 35.97 8.49 -17.65
CP8 LCV N . 34.61 6.70 -18.73
CPB LCV N . 36.78 7.38 -19.66
O7 LCV N . 37.61 8.46 -20.06
P2 LCV N . 38.90 8.14 -20.97
O21 LCV N . 39.72 7.11 -20.29
O22 LCV N . 39.63 9.44 -21.12
P1 LCV N . 37.57 8.61 -23.36
O11 LCV N . 36.71 9.63 -22.67
O12 LCV N . 38.43 9.35 -24.35
O5' LCV N . 36.68 7.52 -24.08
C5' LCV N . 37.16 6.31 -24.62
C4' LCV N . 36.15 5.90 -25.70
O4' LCV N . 35.01 5.27 -25.09
C1' LCV N . 33.82 6.03 -25.35
C2' LCV N . 34.31 7.44 -25.59
O2' LCV N . 33.36 8.24 -26.30
C3' LCV N . 35.54 7.10 -26.43
O3' LCV N . 35.01 6.71 -27.70
P3 LCV N . 35.83 6.78 -29.10
O31 LCV N . 36.57 8.08 -29.02
O32 LCV N . 36.70 5.52 -29.17
O33 LCV N . 34.85 6.82 -30.26
N9 LCV N . 32.88 5.90 -24.21
C8 LCV N . 33.12 6.19 -22.90
N7 LCV N . 32.03 5.94 -22.16
N6 LCV N . 29.19 5.05 -21.59
N3 LCV N . 30.88 5.02 -25.39
O56 SO5 O . 21.28 7.82 -16.91
SS4 SO5 O . 22.67 7.44 -16.98
OS5 SO5 O . 23.02 6.73 -15.75
OS4 SO5 O . 23.57 8.54 -17.20
CS2 SO5 O . 22.72 6.34 -18.22
CS3 SO5 O . 21.84 5.14 -17.89
CS1 SO5 O . 24.15 5.90 -18.39
OS1 SO5 O . 24.69 4.98 -17.75
OPS SO5 O . 24.91 6.67 -19.33
CP1 SO5 O . 26.29 6.50 -19.43
CP2 SO5 O . 26.99 7.21 -18.29
NP1 SO5 O . 28.41 7.14 -18.47
CP3 SO5 O . 29.15 8.24 -18.60
OP1 SO5 O . 28.65 9.34 -18.67
CP4 SO5 O . 30.64 8.07 -18.68
CP5 SO5 O . 31.07 8.70 -19.98
NP2 SO5 O . 32.48 8.51 -20.27
CP6 SO5 O . 33.40 9.15 -19.56
OP2 SO5 O . 33.10 9.90 -18.67
CP7 SO5 O . 34.84 8.90 -19.90
OP3 SO5 O . 34.76 8.32 -21.20
CPA SO5 O . 35.53 7.90 -18.98
CP9 SO5 O . 35.97 8.49 -17.65
CP8 SO5 O . 34.61 6.69 -18.74
CPB SO5 O . 36.78 7.38 -19.66
O7 SO5 O . 37.61 8.46 -20.05
P2 SO5 O . 38.90 8.14 -20.97
O21 SO5 O . 39.63 9.44 -21.12
O22 SO5 O . 39.72 7.11 -20.29
O6 SO5 O . 38.43 7.67 -22.40
P1 SO5 O . 37.57 8.61 -23.36
O11 SO5 O . 36.71 9.63 -22.67
O12 SO5 O . 38.43 9.35 -24.35
O5' SO5 O . 36.67 7.52 -24.08
C5' SO5 O . 37.16 6.31 -24.62
C4' SO5 O . 36.15 5.90 -25.70
O4' SO5 O . 35.01 5.27 -25.09
C1' SO5 O . 33.82 6.03 -25.35
C2' SO5 O . 34.31 7.44 -25.59
O2' SO5 O . 33.36 8.24 -26.30
C3' SO5 O . 35.54 7.10 -26.43
O3' SO5 O . 35.01 6.71 -27.70
P3 SO5 O . 35.83 6.78 -29.10
O31 SO5 O . 36.57 8.08 -29.02
O32 SO5 O . 36.70 5.52 -29.16
O33 SO5 O . 34.85 6.82 -30.26
N9 SO5 O . 32.88 5.90 -24.21
C8 SO5 O . 33.12 6.19 -22.90
N7 SO5 O . 32.03 5.94 -22.16
C5 SO5 O . 31.08 5.48 -23.00
C4 SO5 O . 31.65 5.45 -24.35
C6 SO5 O . 29.70 5.04 -22.85
N6 SO5 O . 29.19 5.05 -21.59
N1 SO5 O . 29.02 4.63 -23.95
C2 SO5 O . 29.61 4.64 -25.18
N3 SO5 O . 30.88 5.02 -25.39
N1 IMD P . 38.89 -17.31 -7.11
C2 IMD P . 39.16 -17.26 -5.80
N3 IMD P . 38.21 -17.91 -5.16
C4 IMD P . 37.18 -18.14 -6.04
C5 IMD P . 37.62 -17.81 -7.28
C2 LCV Q . 20.83 -22.16 24.07
C4 LCV Q . 23.07 -21.62 24.52
C5 LCV Q . 22.95 -20.41 23.72
C6 LCV Q . 21.64 -20.14 23.12
N1 LCV Q . 20.65 -21.05 23.33
O6 LCV Q . 29.95 -20.19 26.55
O56 LCV Q . 20.25 -16.98 14.97
SS4 LCV Q . 18.93 -16.39 15.00
OS5 LCV Q . 18.15 -16.67 13.82
OS4 LCV Q . 19.10 -14.97 15.19
CS2 LCV Q . 18.03 -17.02 16.25
CS3 LCV Q . 17.86 -18.51 16.02
CS1 LCV Q . 18.79 -16.88 17.51
OS1 LCV Q . 18.75 -15.87 18.20
OPS LCV Q . 19.60 -18.03 17.81
CP1 LCV Q . 20.52 -17.97 18.87
CP2 LCV Q . 21.70 -17.19 18.37
NP1 LCV Q . 22.70 -17.10 19.38
CP3 LCV Q . 23.87 -17.62 19.16
OP1 LCV Q . 24.10 -18.17 18.07
CP4 LCV Q . 24.86 -17.55 20.29
CP5 LCV Q . 25.64 -18.85 20.33
NP2 LCV Q . 26.50 -18.93 21.50
CP6 LCV Q . 27.71 -18.38 21.50
OP2 LCV Q . 28.18 -17.78 20.57
CP7 LCV Q . 28.46 -18.56 22.77
OP3 LCV Q . 27.80 -19.61 23.50
CPA LCV Q . 28.32 -17.43 23.78
CP9 LCV Q . 27.14 -16.49 23.78
CP8 LCV Q . 29.24 -16.50 22.97
CPB LCV Q . 29.29 -17.26 24.91
O7 LCV Q . 30.29 -18.25 24.82
P2 LCV Q . 30.88 -18.97 26.15
O21 LCV Q . 30.86 -18.15 27.40
O22 LCV Q . 32.27 -19.43 25.76
P1 LCV Q . 29.77 -21.47 25.62
O11 LCV Q . 30.90 -22.44 25.89
O12 LCV Q . 29.75 -21.28 24.12
O5' LCV Q . 28.33 -22.02 26.05
C5' LCV Q . 27.88 -21.97 27.39
C4' LCV Q . 26.62 -22.82 27.42
O4' LCV Q . 25.49 -22.03 26.97
C1' LCV Q . 24.89 -22.67 25.84
C2' LCV Q . 25.99 -23.49 25.21
O2' LCV Q . 25.37 -24.49 24.43
C3' LCV Q . 26.68 -24.01 26.46
O3' LCV Q . 25.89 -25.09 26.95
P3 LCV Q . 26.54 -26.29 27.84
O31 LCV Q . 27.10 -25.68 29.10
O32 LCV Q . 25.41 -27.23 28.11
O33 LCV Q . 27.67 -26.94 27.05
N9 LCV Q . 24.32 -21.64 24.94
C8 LCV Q . 24.98 -20.53 24.50
N7 LCV Q . 24.15 -19.78 23.74
N6 LCV Q . 21.45 -19.04 22.38
N3 LCV Q . 22.00 -22.45 24.64
O56 SO5 R . 20.22 -16.99 14.98
SS4 SO5 R . 18.91 -16.41 15.00
OS5 SO5 R . 18.14 -16.66 13.80
OS4 SO5 R . 19.07 -15.00 15.22
CS2 SO5 R . 17.93 -17.07 16.21
CS3 SO5 R . 16.54 -16.43 16.30
CS1 SO5 R . 18.72 -16.92 17.47
OS1 SO5 R . 18.67 -15.92 18.18
OPS SO5 R . 19.58 -18.04 17.77
CP1 SO5 R . 20.49 -17.96 18.84
CP2 SO5 R . 21.69 -17.19 18.35
NP1 SO5 R . 22.68 -17.10 19.37
CP3 SO5 R . 23.86 -17.63 19.15
OP1 SO5 R . 24.09 -18.16 18.07
CP4 SO5 R . 24.85 -17.55 20.29
CP5 SO5 R . 25.63 -18.84 20.34
NP2 SO5 R . 26.49 -18.93 21.50
CP6 SO5 R . 27.69 -18.39 21.51
OP2 SO5 R . 28.17 -17.79 20.57
CP7 SO5 R . 28.45 -18.55 22.77
OP3 SO5 R . 27.80 -19.61 23.50
CPA SO5 R . 28.32 -17.42 23.78
CP9 SO5 R . 27.14 -16.49 23.78
CP8 SO5 R . 29.24 -16.50 22.97
CPB SO5 R . 29.29 -17.26 24.91
O7 SO5 R . 30.28 -18.26 24.82
P2 SO5 R . 30.88 -18.97 26.15
O21 SO5 R . 32.27 -19.43 25.76
O22 SO5 R . 30.86 -18.15 27.40
O6 SO5 R . 29.95 -20.19 26.55
P1 SO5 R . 29.76 -21.48 25.62
O11 SO5 R . 29.75 -21.28 24.12
O12 SO5 R . 30.90 -22.44 25.89
O5' SO5 R . 28.33 -22.02 26.05
C5' SO5 R . 27.88 -21.97 27.39
C4' SO5 R . 26.62 -22.82 27.42
O4' SO5 R . 25.49 -22.03 26.97
C1' SO5 R . 24.89 -22.67 25.84
C2' SO5 R . 25.99 -23.49 25.21
O2' SO5 R . 25.37 -24.49 24.43
C3' SO5 R . 26.68 -24.01 26.46
O3' SO5 R . 25.89 -25.09 26.95
P3 SO5 R . 26.54 -26.29 27.84
O31 SO5 R . 27.67 -26.94 27.05
O32 SO5 R . 27.10 -25.68 29.10
O33 SO5 R . 25.41 -27.23 28.11
N9 SO5 R . 24.32 -21.64 24.94
C8 SO5 R . 24.98 -20.53 24.50
N7 SO5 R . 24.15 -19.78 23.74
C5 SO5 R . 22.95 -20.41 23.72
C4 SO5 R . 23.07 -21.62 24.52
C6 SO5 R . 21.64 -20.14 23.12
N6 SO5 R . 21.45 -19.04 22.38
N1 SO5 R . 20.66 -21.04 23.34
C2 SO5 R . 20.83 -22.16 24.07
N3 SO5 R . 22.00 -22.45 24.64
C2 LCV S . 7.42 32.96 19.05
C4 LCV S . 9.56 33.28 19.97
C5 LCV S . 9.99 32.04 19.32
C6 LCV S . 8.99 31.30 18.53
N1 LCV S . 7.75 31.81 18.43
O6 LCV S . 16.37 35.18 22.60
O56 LCV S . 6.59 21.14 17.42
SS4 LCV S . 7.69 22.05 17.17
OS5 LCV S . 8.52 21.63 16.11
OS4 LCV S . 8.41 22.40 18.39
CS2 LCV S . 6.92 23.41 16.48
CS3 LCV S . 5.69 23.86 17.25
CS1 LCV S . 7.81 24.55 16.55
OS1 LCV S . 8.64 24.92 15.69
OPS LCV S . 7.70 25.27 17.79
CP1 LCV S . 8.61 26.34 17.95
CP2 LCV S . 9.95 25.75 18.23
NP1 LCV S . 10.90 26.78 18.53
CP3 LCV S . 11.52 26.76 19.70
OP1 LCV S . 11.27 25.98 20.59
CP4 LCV S . 12.58 27.78 19.91
CP5 LCV S . 12.30 28.48 21.22
NP2 LCV S . 13.19 29.61 21.37
CP6 LCV S . 14.46 29.49 21.76
OP2 LCV S . 15.03 28.43 21.98
CP7 LCV S . 15.14 30.81 21.97
OP3 LCV S . 14.07 31.75 22.09
CPA LCV S . 15.98 31.34 20.80
CP9 LCV S . 15.90 30.85 19.32
CP8 LCV S . 16.95 30.22 21.15
CPB LCV S . 17.17 32.28 21.01
O7 LCV S . 17.18 32.69 22.36
P2 LCV S . 17.64 34.21 22.65
O21 LCV S . 18.57 34.65 21.56
O22 LCV S . 18.29 34.18 24.00
P1 LCV S . 15.15 34.90 23.62
O11 LCV S . 15.09 33.49 24.12
O12 LCV S . 15.28 35.82 24.81
O5' LCV S . 13.82 35.31 22.85
C5' LCV S . 13.77 36.53 22.14
C4' LCV S . 12.28 36.67 21.91
O4' LCV S . 11.84 35.74 20.90
C1' LCV S . 10.73 35.00 21.39
C2' LCV S . 11.00 34.86 22.88
O2' LCV S . 9.82 34.45 23.58
C3' LCV S . 11.45 36.29 23.14
O3' LCV S . 10.27 37.09 23.18
P3 LCV S . 10.14 38.48 23.99
O31 LCV S . 11.41 38.61 24.82
O32 LCV S . 9.96 39.59 22.97
O33 LCV S . 8.91 38.35 24.88
N9 LCV S . 10.63 33.73 20.62
C8 LCV S . 11.67 32.90 20.42
N7 LCV S . 11.29 31.86 19.65
N6 LCV S . 9.33 30.14 17.92
N3 LCV S . 8.28 33.68 19.79
O56 SO5 T . 8.06 22.27 18.48
SS4 SO5 T . 7.59 22.02 17.13
OS5 SO5 T . 8.66 21.74 16.23
OS4 SO5 T . 6.61 20.98 17.16
CS2 SO5 T . 6.68 23.35 16.64
CS3 SO5 T . 6.02 23.12 15.28
CS1 SO5 T . 7.57 24.52 16.60
OS1 SO5 T . 8.22 24.82 15.60
OPS SO5 T . 7.68 25.27 17.82
CP1 SO5 T . 8.63 26.33 17.86
CP2 SO5 T . 9.98 25.77 18.24
NP1 SO5 T . 10.93 26.80 18.55
CP3 SO5 T . 11.54 26.80 19.73
OP1 SO5 T . 11.29 26.01 20.63
CP4 SO5 T . 12.58 27.83 19.94
CP5 SO5 T . 12.32 28.54 21.25
NP2 SO5 T . 13.24 29.66 21.42
CP6 SO5 T . 14.51 29.50 21.83
OP2 SO5 T . 15.01 28.41 22.08
CP7 SO5 T . 15.28 30.78 22.00
OP3 SO5 T . 14.31 31.83 21.97
CPA SO5 T . 16.28 31.03 20.86
CP9 SO5 T . 17.54 30.18 20.99
CP8 SO5 T . 15.56 30.74 19.54
CPB SO5 T . 16.72 32.48 20.85
O7 SO5 T . 17.27 32.75 22.13
P2 SO5 T . 17.65 34.26 22.55
O21 SO5 T . 18.52 34.88 21.50
O22 SO5 T . 18.35 34.12 23.87
O6 SO5 T . 16.36 35.19 22.62
P1 SO5 T . 15.15 34.86 23.63
O11 SO5 T . 15.10 33.43 24.10
O12 SO5 T . 15.28 35.75 24.86
O5' SO5 T . 13.82 35.29 22.88
C5' SO5 T . 13.78 36.51 22.16
C4' SO5 T . 12.29 36.66 21.92
O4' SO5 T . 11.85 35.73 20.91
C1' SO5 T . 10.73 35.00 21.39
C2' SO5 T . 11.00 34.86 22.88
O2' SO5 T . 9.83 34.45 23.58
C3' SO5 T . 11.45 36.29 23.14
O3' SO5 T . 10.27 37.09 23.17
P3 SO5 T . 10.13 38.48 23.99
O31 SO5 T . 11.42 38.62 24.80
O32 SO5 T . 9.95 39.59 22.97
O33 SO5 T . 8.92 38.34 24.88
N9 SO5 T . 10.63 33.73 20.62
C8 SO5 T . 11.67 32.90 20.42
N7 SO5 T . 11.29 31.86 19.65
C5 SO5 T . 9.99 32.04 19.32
C4 SO5 T . 9.56 33.28 19.97
C6 SO5 T . 8.99 31.30 18.53
N6 SO5 T . 9.33 30.14 17.92
N1 SO5 T . 7.75 31.81 18.43
C2 SO5 T . 7.42 32.96 19.05
N3 SO5 T . 8.28 33.68 19.79
C2 LCV U . 21.19 25.76 19.86
C4 LCV U . 19.64 24.71 21.29
C5 LCV U . 18.97 24.13 20.10
C6 LCV U . 19.54 24.47 18.77
N1 LCV U . 20.63 25.27 18.73
O6 LCV U . 19.82 19.60 25.95
O7 LCV U . 21.92 20.37 27.30
P2 LCV U . 21.41 19.37 26.14
O21 LCV U . 22.31 19.74 24.99
O22 LCV U . 21.49 17.87 26.44
P1 LCV U . 19.34 21.04 26.41
O11 LCV U . 17.93 21.42 26.03
O12 LCV U . 19.57 21.17 27.90
O5' LCV U . 20.30 22.04 25.58
C5' LCV U . 21.07 23.05 26.22
C4' LCV U . 20.52 24.34 25.65
O4' LCV U . 20.57 24.28 24.22
C1' LCV U . 19.31 24.74 23.75
C2' LCV U . 18.26 24.40 24.79
O2' LCV U . 17.20 25.37 24.88
C3' LCV U . 19.07 24.51 26.06
O3' LCV U . 18.84 25.80 26.58
P3 LCV U . 18.93 26.18 28.13
O31 LCV U . 18.20 27.49 28.37
O32 LCV U . 18.33 25.09 29.00
O33 LCV U . 20.42 26.34 28.34
N9 LCV U . 18.96 24.28 22.38
C8 LCV U . 17.93 23.49 21.98
N7 LCV U . 17.91 23.40 20.59
N6 LCV U . 19.02 23.98 17.62
N3 LCV U . 20.71 25.52 21.10
#